data_4BJK
#
_entry.id   4BJK
#
_cell.length_a   199.291
_cell.length_b   114.671
_cell.length_c   136.221
_cell.angle_alpha   90.00
_cell.angle_beta   132.47
_cell.angle_gamma   90.00
#
_symmetry.space_group_name_H-M   'C 1 2 1'
#
loop_
_entity.id
_entity.type
_entity.pdbx_description
1 polymer 'LANOSTEROL 14-ALPHA-DEMETHYLASE'
2 non-polymer 'PROTOPORPHYRIN IX CONTAINING FE'
3 non-polymer "3,3'-difluoro-N-[(2S)-3-(1H-indol-3-yl)-1-oxo-1-(pyridin-4-ylamino)propan-2-yl]biphenyl-4-carboxamide"
4 water water
#
_entity_poly.entity_id   1
_entity_poly.type   'polypeptide(L)'
_entity_poly.pdbx_seq_one_letter_code
;MAKKTSSKGKLPPMYPVTVPILGHIIQFGKSPLGFMQECKRQLKSGIFTINIVGKRVTIVGDPHEHSRFFLPRNEVLSPR
EVYSFMVPVFGEGVAYAAPYPRMREQLNFLAEELTIAKFQNFVPAIQHEVRKFMAANWDKDEGEINLLEDCSTMIINTAC
QCLFGEDLRKRLDARRFAQLLAKMESSLIPAAVFLPILLKLPLPQSARCHEARTELQKILSEIIIARKAAAVNKDSSTSD
LLSGLLSAVYRDGTPMSLHEVCGMIVAAMFAGQHTSSITTTWSMLHLMHPANVKHLEALRKEIEEFPAQLNYNNVMDEMP
FAERCARESIRRDPPLLMLMRKVMADVKVGSYVVPKGDIIACSPLLSHHDEEAFPEPRRWDPERDEKVEGAFIGFGAGVH
KCIGQKFGLLQVKTILATAFRSYDFQLLRDEVPDPDYHTMVVGPTASQCRVKYIRRKAAAAHHHHHHHH
;
_entity_poly.pdbx_strand_id   A,B,C,D
#
loop_
_chem_comp.id
_chem_comp.type
_chem_comp.name
_chem_comp.formula
18I non-polymer 3,3'-difluoro-N-[(2S)-3-(1H-indol-3-yl)-1-oxo-1-(pyridin-4-ylamino)propan-2-yl]biphenyl-4-carboxamide 'C29 H22 F2 N4 O2'
HEM non-polymer 'PROTOPORPHYRIN IX CONTAINING FE' 'C34 H32 Fe N4 O4'
#
# COMPACT_ATOMS: atom_id res chain seq x y z
N GLY A 9 29.57 72.55 -48.91
CA GLY A 9 29.10 71.42 -48.03
C GLY A 9 28.00 71.85 -47.09
N LYS A 10 26.76 71.85 -47.57
CA LYS A 10 25.64 72.35 -46.79
C LYS A 10 25.11 71.30 -45.80
N LEU A 11 24.48 71.81 -44.75
CA LEU A 11 23.73 70.98 -43.83
C LEU A 11 22.60 70.40 -44.63
N PRO A 12 22.08 69.25 -44.23
CA PRO A 12 20.92 68.75 -44.93
C PRO A 12 19.69 69.57 -44.58
N PRO A 13 18.63 69.46 -45.37
CA PRO A 13 17.38 70.16 -45.05
C PRO A 13 16.70 69.63 -43.79
N MET A 14 16.26 70.54 -42.95
CA MET A 14 15.62 70.19 -41.72
C MET A 14 14.13 70.51 -41.79
N TYR A 15 13.32 69.55 -41.36
CA TYR A 15 11.87 69.72 -41.28
C TYR A 15 11.47 70.80 -40.27
N PRO A 16 10.62 71.76 -40.69
CA PRO A 16 10.15 72.78 -39.75
C PRO A 16 9.65 72.19 -38.45
N VAL A 17 10.04 72.78 -37.32
CA VAL A 17 9.55 72.35 -36.01
C VAL A 17 8.34 73.18 -35.65
N THR A 18 7.27 72.57 -35.15
CA THR A 18 6.11 73.35 -34.69
C THR A 18 5.74 73.09 -33.25
N VAL A 19 6.58 72.39 -32.51
CA VAL A 19 6.32 72.20 -31.11
C VAL A 19 7.63 72.48 -30.36
N PRO A 20 7.67 73.62 -29.65
CA PRO A 20 8.87 74.24 -29.11
C PRO A 20 9.96 73.32 -28.56
N ILE A 21 9.72 72.64 -27.46
CA ILE A 21 10.81 71.90 -26.83
C ILE A 21 10.84 70.47 -27.39
N LEU A 22 9.67 69.86 -27.57
CA LEU A 22 9.60 68.45 -27.93
C LEU A 22 10.07 68.17 -29.35
N GLY A 23 9.86 69.13 -30.24
CA GLY A 23 10.27 68.99 -31.64
C GLY A 23 9.32 68.12 -32.42
N HIS A 24 9.86 67.04 -32.98
CA HIS A 24 9.07 66.13 -33.83
C HIS A 24 8.68 64.82 -33.14
N ILE A 25 8.97 64.70 -31.84
CA ILE A 25 8.89 63.39 -31.20
C ILE A 25 7.46 62.83 -31.25
N ILE A 26 6.50 63.71 -31.06
CA ILE A 26 5.12 63.31 -31.00
C ILE A 26 4.77 62.70 -32.33
N GLN A 27 4.93 63.46 -33.40
CA GLN A 27 4.50 63.02 -34.73
C GLN A 27 5.29 61.77 -35.15
N PHE A 28 6.60 61.79 -34.95
CA PHE A 28 7.43 60.62 -35.28
C PHE A 28 6.93 59.40 -34.50
N GLY A 29 6.52 59.62 -33.25
CA GLY A 29 5.96 58.55 -32.44
C GLY A 29 4.65 57.98 -32.96
N LYS A 30 3.70 58.85 -33.31
CA LYS A 30 2.40 58.37 -33.80
C LYS A 30 2.55 57.49 -35.05
N SER A 31 3.27 57.96 -36.06
CA SER A 31 3.43 57.18 -37.28
C SER A 31 4.80 57.38 -37.92
N PRO A 32 5.75 56.50 -37.59
CA PRO A 32 7.12 56.51 -38.08
C PRO A 32 7.24 56.57 -39.58
N LEU A 33 6.77 55.52 -40.26
CA LEU A 33 6.95 55.40 -41.71
C LEU A 33 6.37 56.61 -42.43
N GLY A 34 5.11 56.91 -42.13
CA GLY A 34 4.44 58.05 -42.74
C GLY A 34 5.19 59.36 -42.52
N PHE A 35 5.57 59.61 -41.27
CA PHE A 35 6.23 60.86 -40.94
C PHE A 35 7.48 61.03 -41.77
N MET A 36 8.30 59.97 -41.81
CA MET A 36 9.57 59.99 -42.55
C MET A 36 9.28 60.10 -44.04
N GLN A 37 8.25 59.41 -44.49
CA GLN A 37 7.88 59.45 -45.90
C GLN A 37 7.45 60.85 -46.31
N GLU A 38 6.65 61.50 -45.49
CA GLU A 38 6.30 62.89 -45.75
C GLU A 38 7.55 63.78 -45.72
N CYS A 39 8.40 63.65 -44.68
CA CYS A 39 9.63 64.46 -44.58
C CYS A 39 10.50 64.36 -45.84
N LYS A 40 10.60 63.14 -46.34
CA LYS A 40 11.40 62.82 -47.50
C LYS A 40 10.90 63.57 -48.73
N ARG A 41 9.65 63.29 -49.12
CA ARG A 41 9.10 63.86 -50.33
C ARG A 41 8.61 65.29 -50.10
N GLN A 42 8.56 65.75 -48.87
CA GLN A 42 8.31 67.17 -48.61
C GLN A 42 9.55 67.96 -49.01
N LEU A 43 10.72 67.45 -48.59
CA LEU A 43 11.97 68.16 -48.77
C LEU A 43 12.67 67.66 -50.02
N LYS A 44 11.99 66.79 -50.77
CA LYS A 44 12.52 66.26 -52.03
C LYS A 44 13.92 65.68 -51.83
N SER A 45 14.22 65.25 -50.60
CA SER A 45 15.55 64.83 -50.25
C SER A 45 15.49 63.51 -49.47
N GLY A 46 16.36 62.58 -49.83
CA GLY A 46 16.49 61.32 -49.09
C GLY A 46 17.23 61.52 -47.78
N ILE A 47 18.09 62.54 -47.75
CA ILE A 47 18.85 62.88 -46.57
C ILE A 47 18.20 64.11 -45.97
N PHE A 48 17.88 64.04 -44.68
CA PHE A 48 17.20 65.15 -44.01
C PHE A 48 17.28 65.05 -42.50
N THR A 49 17.04 66.19 -41.84
CA THR A 49 17.24 66.30 -40.42
C THR A 49 15.93 66.54 -39.70
N ILE A 50 15.72 65.80 -38.62
CA ILE A 50 14.59 66.08 -37.75
C ILE A 50 15.13 66.55 -36.38
N ASN A 51 14.31 66.45 -35.35
CA ASN A 51 14.61 67.08 -34.08
C ASN A 51 13.88 66.37 -32.96
N ILE A 52 14.62 65.62 -32.14
CA ILE A 52 14.04 64.92 -31.01
C ILE A 52 14.42 65.55 -29.66
N VAL A 53 13.49 66.29 -29.08
CA VAL A 53 13.67 66.94 -27.80
C VAL A 53 14.96 67.72 -27.75
N GLY A 54 15.13 68.60 -28.73
CA GLY A 54 16.30 69.43 -28.78
C GLY A 54 17.37 68.85 -29.67
N LYS A 55 17.47 67.51 -29.72
CA LYS A 55 18.53 66.81 -30.48
C LYS A 55 18.29 66.81 -31.99
N ARG A 56 19.38 66.96 -32.76
CA ARG A 56 19.33 66.88 -34.24
C ARG A 56 19.57 65.45 -34.73
N VAL A 57 18.64 64.88 -35.47
CA VAL A 57 18.81 63.52 -36.00
C VAL A 57 18.81 63.49 -37.54
N THR A 58 19.96 63.31 -38.16
CA THR A 58 19.99 63.25 -39.61
C THR A 58 19.66 61.84 -40.07
N ILE A 59 18.63 61.69 -40.87
CA ILE A 59 18.27 60.41 -41.42
C ILE A 59 18.74 60.25 -42.86
N VAL A 60 19.25 59.07 -43.14
CA VAL A 60 19.80 58.75 -44.43
C VAL A 60 18.79 57.82 -45.08
N GLY A 61 17.75 58.42 -45.64
CA GLY A 61 16.68 57.68 -46.37
C GLY A 61 16.88 57.43 -47.87
N ASP A 62 18.11 57.57 -48.33
CA ASP A 62 18.46 57.35 -49.69
C ASP A 62 19.32 56.08 -49.73
N PRO A 63 18.77 54.96 -50.22
CA PRO A 63 19.55 53.72 -50.25
C PRO A 63 20.88 53.75 -50.97
N HIS A 64 21.01 54.63 -51.97
CA HIS A 64 22.28 54.76 -52.68
C HIS A 64 23.38 55.23 -51.73
N GLU A 65 23.01 55.76 -50.58
CA GLU A 65 23.98 56.32 -49.66
C GLU A 65 24.14 55.51 -48.36
N HIS A 66 23.62 54.28 -48.31
CA HIS A 66 23.76 53.42 -47.12
C HIS A 66 25.19 53.16 -46.64
N SER A 67 26.15 53.16 -47.55
CA SER A 67 27.52 52.88 -47.16
C SER A 67 28.11 53.99 -46.32
N ARG A 68 27.62 55.21 -46.48
CA ARG A 68 28.13 56.33 -45.68
C ARG A 68 27.70 56.22 -44.23
N PHE A 69 26.71 55.37 -43.94
CA PHE A 69 26.33 55.10 -42.58
C PHE A 69 26.98 53.83 -42.07
N PHE A 70 26.98 52.76 -42.83
CA PHE A 70 27.42 51.48 -42.31
C PHE A 70 28.92 51.19 -42.27
N LEU A 71 29.73 52.03 -42.95
CA LEU A 71 31.20 51.78 -43.06
C LEU A 71 32.13 52.62 -42.19
N PRO A 72 31.74 53.85 -41.85
CA PRO A 72 32.67 54.56 -40.97
C PRO A 72 32.92 53.83 -39.67
N ARG A 73 34.09 54.06 -39.09
CA ARG A 73 34.50 53.26 -37.94
C ARG A 73 34.02 53.89 -36.66
N ASN A 74 34.11 53.12 -35.59
CA ASN A 74 33.63 53.54 -34.28
C ASN A 74 34.07 54.91 -33.87
N GLU A 75 35.29 55.31 -34.22
CA GLU A 75 35.81 56.62 -33.79
C GLU A 75 35.17 57.81 -34.52
N VAL A 76 34.58 57.56 -35.69
CA VAL A 76 33.81 58.60 -36.40
C VAL A 76 32.29 58.49 -36.25
N LEU A 77 31.80 57.26 -36.28
CA LEU A 77 30.38 56.97 -36.10
C LEU A 77 30.23 55.92 -35.01
N SER A 78 29.88 56.40 -33.82
CA SER A 78 30.01 55.63 -32.60
C SER A 78 28.66 55.08 -32.09
N PRO A 79 28.62 53.80 -31.74
CA PRO A 79 27.44 53.23 -31.12
C PRO A 79 27.38 53.32 -29.59
N ARG A 80 28.47 53.69 -28.93
CA ARG A 80 28.49 53.70 -27.46
C ARG A 80 27.36 54.55 -26.90
N GLU A 81 27.34 55.82 -27.25
CA GLU A 81 26.40 56.77 -26.65
C GLU A 81 24.97 56.31 -26.89
N VAL A 82 24.60 56.16 -28.14
CA VAL A 82 23.22 55.84 -28.44
C VAL A 82 22.71 54.49 -27.87
N TYR A 83 23.59 53.47 -27.74
CA TYR A 83 23.15 52.14 -27.21
C TYR A 83 23.62 51.88 -25.78
N SER A 84 23.90 52.94 -25.05
CA SER A 84 24.31 52.82 -23.65
C SER A 84 23.14 52.65 -22.70
N PHE A 85 21.92 52.81 -23.18
CA PHE A 85 20.73 52.50 -22.36
C PHE A 85 20.54 51.00 -22.15
N MET A 86 21.35 50.19 -22.82
CA MET A 86 21.36 48.76 -22.68
C MET A 86 22.34 48.26 -21.62
N VAL A 87 22.89 49.17 -20.86
CA VAL A 87 23.93 48.77 -19.93
C VAL A 87 23.44 47.82 -18.90
N PRO A 88 22.29 48.16 -18.30
CA PRO A 88 21.79 47.33 -17.20
C PRO A 88 21.73 45.85 -17.62
N VAL A 89 21.45 45.63 -18.90
CA VAL A 89 21.31 44.28 -19.44
C VAL A 89 22.60 43.58 -19.82
N PHE A 90 23.55 44.27 -20.42
CA PHE A 90 24.81 43.63 -20.83
C PHE A 90 25.84 43.72 -19.76
N GLY A 91 25.67 44.67 -18.86
CA GLY A 91 26.64 44.85 -17.83
C GLY A 91 27.44 46.12 -18.03
N GLU A 92 27.86 46.67 -16.92
CA GLU A 92 28.65 47.85 -16.90
C GLU A 92 29.99 47.41 -17.41
N GLY A 93 30.52 48.09 -18.40
CA GLY A 93 31.80 47.67 -18.99
C GLY A 93 31.73 46.56 -20.02
N VAL A 94 30.54 46.21 -20.50
CA VAL A 94 30.44 45.15 -21.50
C VAL A 94 29.90 45.69 -22.81
N ALA A 95 30.35 45.11 -23.91
CA ALA A 95 29.89 45.51 -25.24
C ALA A 95 30.09 47.01 -25.49
N TYR A 96 29.01 47.74 -25.66
CA TYR A 96 29.10 49.13 -26.05
C TYR A 96 29.70 50.01 -24.98
N ALA A 97 29.68 49.54 -23.73
CA ALA A 97 30.22 50.34 -22.66
C ALA A 97 31.71 50.03 -22.44
N ALA A 98 32.33 49.32 -23.38
CA ALA A 98 33.70 48.95 -23.20
C ALA A 98 34.59 49.66 -24.21
N PRO A 99 35.87 49.74 -23.91
CA PRO A 99 36.83 50.27 -24.87
C PRO A 99 36.67 49.57 -26.18
N TYR A 100 36.62 50.33 -27.26
CA TYR A 100 36.22 49.82 -28.58
C TYR A 100 36.89 48.52 -29.03
N PRO A 101 38.22 48.36 -28.78
CA PRO A 101 38.87 47.08 -29.09
C PRO A 101 38.39 45.95 -28.17
N ARG A 102 38.19 46.28 -26.92
CA ARG A 102 37.67 45.33 -25.98
C ARG A 102 36.24 44.98 -26.41
N MET A 103 35.41 45.99 -26.65
CA MET A 103 34.09 45.80 -27.27
C MET A 103 34.17 44.87 -28.46
N ARG A 104 35.16 45.08 -29.30
CA ARG A 104 35.31 44.32 -30.52
C ARG A 104 35.74 42.89 -30.22
N GLU A 105 36.73 42.73 -29.37
CA GLU A 105 37.16 41.39 -29.00
C GLU A 105 35.98 40.61 -28.46
N GLN A 106 35.24 41.22 -27.54
CA GLN A 106 34.02 40.63 -27.01
C GLN A 106 33.05 40.12 -28.09
N LEU A 107 32.60 40.99 -28.97
CA LEU A 107 31.67 40.56 -29.99
C LEU A 107 32.24 39.46 -30.89
N ASN A 108 33.56 39.43 -31.11
CA ASN A 108 34.16 38.37 -31.91
C ASN A 108 33.99 37.02 -31.28
N PHE A 109 34.19 36.96 -29.96
CA PHE A 109 34.05 35.70 -29.25
C PHE A 109 32.62 35.24 -29.41
N LEU A 110 31.68 36.15 -29.23
CA LEU A 110 30.29 35.82 -29.45
C LEU A 110 30.05 35.32 -30.86
N ALA A 111 30.61 36.01 -31.84
CA ALA A 111 30.41 35.57 -33.21
C ALA A 111 30.99 34.18 -33.45
N GLU A 112 32.11 33.86 -32.80
CA GLU A 112 32.77 32.57 -33.01
C GLU A 112 31.88 31.46 -32.56
N GLU A 113 30.98 31.79 -31.65
CA GLU A 113 30.20 30.78 -30.98
C GLU A 113 28.91 30.48 -31.76
N LEU A 114 28.60 31.33 -32.75
CA LEU A 114 27.35 31.30 -33.53
C LEU A 114 27.58 31.13 -35.02
N THR A 115 28.75 30.64 -35.38
CA THR A 115 29.11 30.44 -36.76
C THR A 115 28.55 29.10 -37.20
N ILE A 116 28.53 28.86 -38.51
CA ILE A 116 27.92 27.65 -39.02
C ILE A 116 28.72 26.41 -38.63
N ALA A 117 30.02 26.55 -38.35
CA ALA A 117 30.80 25.39 -37.85
C ALA A 117 30.19 24.75 -36.59
N LYS A 118 29.58 25.56 -35.73
CA LYS A 118 29.03 25.09 -34.45
C LYS A 118 27.58 24.59 -34.52
N PHE A 119 27.05 24.49 -35.74
CA PHE A 119 25.63 24.22 -35.98
C PHE A 119 25.29 22.74 -36.15
N GLN A 120 26.20 21.85 -35.75
N GLN A 120 26.19 21.88 -35.66
CA GLN A 120 26.09 20.41 -36.06
CA GLN A 120 26.18 20.44 -35.93
C GLN A 120 24.79 19.75 -35.61
C GLN A 120 24.88 19.70 -35.56
N ASN A 121 24.37 19.98 -34.37
CA ASN A 121 23.20 19.31 -33.83
C ASN A 121 22.06 20.24 -33.60
N PHE A 122 22.28 21.51 -33.91
CA PHE A 122 21.30 22.54 -33.68
C PHE A 122 19.99 22.13 -34.33
N VAL A 123 20.02 21.73 -35.59
CA VAL A 123 18.77 21.39 -36.28
C VAL A 123 17.93 20.27 -35.58
N PRO A 124 18.52 19.09 -35.24
CA PRO A 124 17.75 18.11 -34.43
C PRO A 124 17.35 18.62 -33.05
N ALA A 125 18.15 19.50 -32.47
CA ALA A 125 17.84 20.03 -31.15
C ALA A 125 16.66 20.98 -31.25
N ILE A 126 16.63 21.75 -32.32
CA ILE A 126 15.55 22.69 -32.58
C ILE A 126 14.23 21.96 -32.86
N GLN A 127 14.28 20.90 -33.68
CA GLN A 127 13.09 20.12 -34.03
C GLN A 127 12.54 19.42 -32.82
N HIS A 128 13.40 18.73 -32.08
CA HIS A 128 12.94 18.03 -30.88
C HIS A 128 12.15 19.02 -30.07
N GLU A 129 12.68 20.24 -29.92
CA GLU A 129 12.06 21.21 -29.02
C GLU A 129 10.77 21.74 -29.63
N VAL A 130 10.78 22.01 -30.92
CA VAL A 130 9.55 22.40 -31.61
C VAL A 130 8.49 21.29 -31.51
N ARG A 131 8.84 20.09 -31.86
CA ARG A 131 7.87 18.99 -31.79
C ARG A 131 7.31 18.89 -30.36
N LYS A 132 8.18 18.98 -29.37
CA LYS A 132 7.76 18.92 -27.97
C LYS A 132 6.69 19.97 -27.63
N PHE A 133 6.84 21.15 -28.23
CA PHE A 133 5.88 22.23 -28.02
C PHE A 133 4.60 21.89 -28.72
N MET A 134 4.71 21.58 -30.01
CA MET A 134 3.55 21.27 -30.83
C MET A 134 2.71 20.15 -30.22
N ALA A 135 3.36 19.20 -29.54
CA ALA A 135 2.66 18.03 -29.05
C ALA A 135 2.14 18.21 -27.65
N ALA A 136 2.24 19.42 -27.12
CA ALA A 136 1.66 19.71 -25.82
C ALA A 136 0.63 20.85 -25.87
N ASN A 137 0.81 21.84 -26.75
CA ASN A 137 -0.19 22.88 -26.93
C ASN A 137 -0.91 22.87 -28.28
N TRP A 138 -0.39 22.15 -29.26
CA TRP A 138 -1.09 22.03 -30.54
C TRP A 138 -1.54 20.58 -30.77
N ASP A 139 -2.05 19.95 -29.71
CA ASP A 139 -2.28 18.50 -29.67
C ASP A 139 -3.71 18.07 -29.98
N LYS A 140 -4.51 18.94 -30.54
CA LYS A 140 -5.88 18.65 -30.91
C LYS A 140 -5.90 18.66 -32.42
N ASP A 141 -7.04 18.33 -33.01
CA ASP A 141 -7.08 18.28 -34.46
C ASP A 141 -7.22 19.68 -35.01
N GLU A 142 -7.54 20.62 -34.15
CA GLU A 142 -7.86 21.96 -34.61
C GLU A 142 -7.84 22.78 -33.36
N GLY A 143 -7.34 24.01 -33.45
CA GLY A 143 -7.13 24.79 -32.24
C GLY A 143 -6.90 26.25 -32.50
N GLU A 144 -7.30 27.08 -31.55
CA GLU A 144 -6.99 28.50 -31.59
C GLU A 144 -5.86 28.80 -30.60
N ILE A 145 -4.86 29.55 -31.09
CA ILE A 145 -3.65 29.86 -30.36
C ILE A 145 -3.27 31.22 -30.81
N ASN A 146 -2.40 31.89 -30.04
CA ASN A 146 -1.78 33.15 -30.45
C ASN A 146 -0.43 32.77 -31.05
N LEU A 147 -0.22 33.08 -32.32
CA LEU A 147 0.98 32.62 -32.99
C LEU A 147 2.26 33.37 -32.57
N LEU A 148 2.13 34.67 -32.26
CA LEU A 148 3.27 35.47 -31.80
C LEU A 148 3.86 34.98 -30.49
N GLU A 149 3.05 34.99 -29.43
CA GLU A 149 3.32 34.26 -28.19
C GLU A 149 3.99 32.92 -28.46
N ASP A 150 3.35 32.09 -29.27
CA ASP A 150 3.80 30.71 -29.40
C ASP A 150 5.10 30.57 -30.17
N CYS A 151 5.35 31.42 -31.15
CA CYS A 151 6.68 31.42 -31.78
C CYS A 151 7.72 31.95 -30.77
N SER A 152 7.34 32.93 -29.94
CA SER A 152 8.29 33.43 -28.95
C SER A 152 8.74 32.33 -28.02
N THR A 153 7.81 31.56 -27.49
CA THR A 153 8.16 30.44 -26.66
C THR A 153 9.03 29.46 -27.46
N MET A 154 8.60 29.11 -28.65
CA MET A 154 9.40 28.15 -29.41
C MET A 154 10.84 28.63 -29.65
N ILE A 155 10.99 29.92 -29.91
CA ILE A 155 12.28 30.50 -30.24
C ILE A 155 13.21 30.43 -29.04
N ILE A 156 12.69 30.74 -27.87
CA ILE A 156 13.52 30.76 -26.69
C ILE A 156 13.87 29.33 -26.28
N ASN A 157 12.93 28.42 -26.35
CA ASN A 157 13.23 27.02 -26.01
C ASN A 157 14.31 26.43 -26.91
N THR A 158 14.25 26.73 -28.21
CA THR A 158 15.23 26.20 -29.17
C THR A 158 16.60 26.86 -29.00
N ALA A 159 16.61 28.15 -28.67
CA ALA A 159 17.88 28.82 -28.41
C ALA A 159 18.57 28.08 -27.31
N CYS A 160 17.86 27.91 -26.19
CA CYS A 160 18.45 27.29 -25.00
C CYS A 160 18.97 25.90 -25.30
N GLN A 161 18.26 25.16 -26.13
CA GLN A 161 18.62 23.77 -26.39
C GLN A 161 19.89 23.70 -27.23
N CYS A 162 20.03 24.61 -28.20
CA CYS A 162 21.23 24.71 -29.00
C CYS A 162 22.43 25.20 -28.22
N LEU A 163 22.22 26.08 -27.23
CA LEU A 163 23.32 26.88 -26.69
C LEU A 163 23.76 26.53 -25.28
N PHE A 164 22.99 25.73 -24.57
CA PHE A 164 23.31 25.43 -23.19
C PHE A 164 23.37 23.95 -23.03
N GLY A 165 24.32 23.46 -22.24
CA GLY A 165 24.42 22.03 -22.00
C GLY A 165 23.40 21.60 -20.97
N GLU A 166 23.12 20.29 -20.93
CA GLU A 166 22.10 19.77 -20.02
C GLU A 166 22.26 20.24 -18.57
N ASP A 167 23.47 20.13 -18.04
CA ASP A 167 23.70 20.50 -16.66
C ASP A 167 23.20 21.93 -16.33
N LEU A 168 23.46 22.89 -17.20
CA LEU A 168 22.96 24.25 -16.99
C LEU A 168 21.46 24.33 -17.17
N ARG A 169 20.92 23.57 -18.11
CA ARG A 169 19.48 23.60 -18.32
C ARG A 169 18.74 22.93 -17.14
N LYS A 170 19.42 22.06 -16.39
CA LYS A 170 18.82 21.47 -15.19
C LYS A 170 18.58 22.53 -14.15
N ARG A 171 19.52 23.47 -14.01
CA ARG A 171 19.38 24.57 -13.06
C ARG A 171 18.57 25.73 -13.62
N LEU A 172 18.66 25.90 -14.92
CA LEU A 172 18.10 27.05 -15.57
C LEU A 172 17.44 26.60 -16.85
N ASP A 173 16.16 26.33 -16.81
CA ASP A 173 15.49 25.93 -18.03
C ASP A 173 15.02 27.19 -18.74
N ALA A 174 14.56 27.04 -19.98
CA ALA A 174 14.11 28.13 -20.84
C ALA A 174 12.96 28.96 -20.24
N ARG A 175 12.07 28.29 -19.53
CA ARG A 175 11.01 28.99 -18.83
C ARG A 175 11.65 29.96 -17.83
N ARG A 176 12.50 29.44 -16.94
CA ARG A 176 13.14 30.28 -15.96
C ARG A 176 13.88 31.38 -16.65
N PHE A 177 14.55 31.05 -17.74
CA PHE A 177 15.39 32.02 -18.40
C PHE A 177 14.62 33.15 -19.05
N ALA A 178 13.45 32.85 -19.59
CA ALA A 178 12.62 33.89 -20.17
C ALA A 178 12.19 34.87 -19.12
N GLN A 179 11.98 34.39 -17.91
CA GLN A 179 11.57 35.30 -16.83
C GLN A 179 12.65 36.24 -16.37
N LEU A 180 13.87 35.72 -16.29
CA LEU A 180 15.03 36.52 -15.89
C LEU A 180 15.29 37.58 -16.97
N LEU A 181 15.17 37.16 -18.22
CA LEU A 181 15.23 38.07 -19.34
C LEU A 181 14.12 39.11 -19.34
N ALA A 182 12.92 38.75 -18.95
CA ALA A 182 11.85 39.75 -18.89
C ALA A 182 12.10 40.79 -17.80
N LYS A 183 12.56 40.32 -16.65
CA LYS A 183 12.93 41.21 -15.55
C LYS A 183 13.97 42.21 -16.07
N MET A 184 14.97 41.69 -16.77
CA MET A 184 16.03 42.54 -17.28
C MET A 184 15.52 43.57 -18.23
N GLU A 185 14.73 43.11 -19.18
CA GLU A 185 14.14 43.98 -20.16
C GLU A 185 13.22 45.03 -19.60
N SER A 186 12.59 44.77 -18.46
CA SER A 186 11.58 45.72 -17.94
C SER A 186 12.19 47.01 -17.39
N SER A 187 13.50 46.99 -17.15
CA SER A 187 14.22 48.20 -16.71
C SER A 187 14.75 49.08 -17.88
N LEU A 188 14.56 48.66 -19.13
CA LEU A 188 15.10 49.43 -20.24
C LEU A 188 14.25 50.66 -20.48
N ILE A 189 14.94 51.80 -20.64
CA ILE A 189 14.30 53.04 -21.06
C ILE A 189 14.99 53.55 -22.31
N PRO A 190 14.58 53.02 -23.48
CA PRO A 190 15.22 53.47 -24.72
C PRO A 190 15.04 54.98 -24.96
N ALA A 191 14.02 55.56 -24.34
CA ALA A 191 13.86 57.01 -24.29
C ALA A 191 15.17 57.74 -24.01
N ALA A 192 16.05 57.13 -23.21
CA ALA A 192 17.30 57.76 -22.78
C ALA A 192 18.38 57.96 -23.85
N VAL A 193 18.17 57.42 -25.05
CA VAL A 193 19.00 57.82 -26.23
C VAL A 193 18.99 59.34 -26.41
N PHE A 194 17.84 59.97 -26.17
CA PHE A 194 17.62 61.41 -26.36
C PHE A 194 17.56 62.23 -25.05
N LEU A 195 17.38 61.57 -23.93
CA LEU A 195 17.43 62.23 -22.63
C LEU A 195 18.39 61.44 -21.74
N PRO A 196 19.69 61.68 -21.90
CA PRO A 196 20.72 60.90 -21.22
C PRO A 196 20.54 60.85 -19.71
N ILE A 197 20.00 61.93 -19.15
CA ILE A 197 19.81 62.08 -17.71
C ILE A 197 19.16 60.84 -17.08
N LEU A 198 18.39 60.11 -17.89
CA LEU A 198 17.56 59.02 -17.41
C LEU A 198 18.38 57.79 -17.03
N LEU A 199 19.52 57.65 -17.72
CA LEU A 199 20.53 56.62 -17.41
C LEU A 199 21.21 56.73 -16.05
N LYS A 200 21.09 57.90 -15.43
CA LYS A 200 21.75 58.14 -14.17
C LYS A 200 20.74 58.23 -13.03
N LEU A 201 19.46 58.27 -13.35
CA LEU A 201 18.45 58.40 -12.30
C LEU A 201 17.91 57.03 -11.93
N PRO A 202 17.98 56.67 -10.63
CA PRO A 202 17.31 55.47 -10.16
C PRO A 202 15.82 55.59 -10.40
N LEU A 203 15.17 54.50 -10.81
CA LEU A 203 13.73 54.50 -11.06
C LEU A 203 13.05 53.37 -10.33
N PRO A 204 11.71 53.40 -10.26
CA PRO A 204 11.08 52.23 -9.70
C PRO A 204 11.64 50.94 -10.30
N GLN A 205 11.83 50.94 -11.62
CA GLN A 205 12.26 49.74 -12.34
C GLN A 205 13.74 49.37 -12.22
N SER A 206 14.60 50.34 -11.90
CA SER A 206 16.05 50.16 -12.06
C SER A 206 16.54 48.81 -11.45
N ALA A 207 16.09 48.53 -10.23
CA ALA A 207 16.61 47.38 -9.46
C ALA A 207 16.36 46.05 -10.11
N ARG A 208 15.42 45.99 -11.03
CA ARG A 208 14.83 44.71 -11.38
C ARG A 208 15.78 43.83 -12.18
N CYS A 209 16.52 44.41 -13.12
CA CYS A 209 17.45 43.60 -13.88
C CYS A 209 18.61 43.19 -13.01
N HIS A 210 19.09 44.08 -12.15
CA HIS A 210 20.25 43.71 -11.33
C HIS A 210 19.92 42.45 -10.51
N GLU A 211 18.70 42.35 -9.99
CA GLU A 211 18.32 41.21 -9.16
C GLU A 211 18.38 39.94 -9.99
N ALA A 212 17.91 40.00 -11.24
CA ALA A 212 17.96 38.85 -12.16
C ALA A 212 19.37 38.54 -12.66
N ARG A 213 20.14 39.59 -12.92
CA ARG A 213 21.57 39.46 -13.21
C ARG A 213 22.33 38.69 -12.13
N THR A 214 22.23 39.14 -10.89
CA THR A 214 22.96 38.49 -9.82
C THR A 214 22.49 37.06 -9.65
N GLU A 215 21.21 36.80 -9.85
CA GLU A 215 20.69 35.43 -9.81
C GLU A 215 21.29 34.57 -10.95
N LEU A 216 21.43 35.17 -12.11
CA LEU A 216 21.98 34.49 -13.26
C LEU A 216 23.45 34.16 -13.07
N GLN A 217 24.24 35.12 -12.56
CA GLN A 217 25.69 34.90 -12.36
C GLN A 217 25.93 33.85 -11.29
N LYS A 218 25.27 34.04 -10.15
CA LYS A 218 25.19 33.01 -9.12
C LYS A 218 25.01 31.57 -9.70
N ILE A 219 24.01 31.37 -10.54
CA ILE A 219 23.81 30.07 -11.18
C ILE A 219 24.99 29.66 -12.03
N LEU A 220 25.47 30.55 -12.91
CA LEU A 220 26.60 30.19 -13.77
C LEU A 220 27.83 29.79 -12.97
N SER A 221 28.13 30.51 -11.92
CA SER A 221 29.28 30.18 -11.12
C SER A 221 29.21 28.74 -10.59
N GLU A 222 28.08 28.42 -9.97
CA GLU A 222 27.87 27.11 -9.37
C GLU A 222 27.98 26.00 -10.40
N ILE A 223 27.46 26.28 -11.61
CA ILE A 223 27.57 25.34 -12.73
C ILE A 223 29.01 25.08 -13.10
N ILE A 224 29.81 26.14 -13.12
CA ILE A 224 31.22 26.04 -13.53
C ILE A 224 32.01 25.24 -12.50
N ILE A 225 31.78 25.54 -11.23
CA ILE A 225 32.46 24.83 -10.17
C ILE A 225 32.17 23.31 -10.23
N ALA A 226 30.94 22.93 -10.50
CA ALA A 226 30.60 21.50 -10.67
C ALA A 226 31.22 20.92 -11.93
N ARG A 227 31.31 21.73 -12.98
CA ARG A 227 31.91 21.30 -14.23
C ARG A 227 33.39 20.95 -14.01
N LYS A 228 34.04 21.79 -13.21
CA LYS A 228 35.41 21.57 -12.75
C LYS A 228 35.56 20.28 -11.92
N ALA A 229 34.56 19.98 -11.09
CA ALA A 229 34.56 18.78 -10.26
C ALA A 229 34.48 17.48 -11.05
N ALA A 230 33.95 17.52 -12.27
CA ALA A 230 33.84 16.33 -13.11
C ALA A 230 34.90 16.25 -14.23
N ALA A 231 35.64 17.35 -14.45
CA ALA A 231 36.78 17.34 -15.39
C ALA A 231 38.00 16.77 -14.67
N VAL A 232 37.91 16.76 -13.34
CA VAL A 232 38.86 16.12 -12.46
C VAL A 232 38.86 14.65 -12.81
N ASN A 233 37.71 14.15 -13.26
CA ASN A 233 37.54 12.75 -13.61
C ASN A 233 37.08 12.41 -15.02
N LYS A 234 37.03 13.37 -15.95
CA LYS A 234 36.54 13.01 -17.29
C LYS A 234 36.93 13.92 -18.44
N ASP A 235 36.68 13.42 -19.67
CA ASP A 235 36.83 14.22 -20.89
C ASP A 235 35.78 15.33 -20.95
N SER A 236 34.57 15.05 -20.48
CA SER A 236 33.48 16.03 -20.50
C SER A 236 33.45 16.64 -21.87
N SER A 237 33.38 15.79 -22.88
CA SER A 237 33.55 16.18 -24.27
C SER A 237 32.62 17.32 -24.74
N THR A 238 31.34 17.25 -24.39
CA THR A 238 30.39 18.25 -24.87
C THR A 238 30.69 19.66 -24.36
N SER A 239 30.61 20.62 -25.27
CA SER A 239 30.85 22.01 -24.94
C SER A 239 29.63 22.80 -25.37
N ASP A 240 29.46 23.97 -24.83
CA ASP A 240 28.28 24.78 -25.08
C ASP A 240 28.68 26.26 -25.16
N LEU A 241 27.71 27.15 -25.23
CA LEU A 241 28.01 28.56 -25.36
C LEU A 241 28.85 29.03 -24.19
N LEU A 242 28.56 28.51 -23.01
CA LEU A 242 29.27 28.85 -21.79
C LEU A 242 30.72 28.40 -21.82
N SER A 243 30.98 27.13 -22.06
CA SER A 243 32.38 26.64 -22.11
C SER A 243 33.08 27.32 -23.26
N GLY A 244 32.36 27.60 -24.33
CA GLY A 244 32.92 28.39 -25.41
C GLY A 244 33.55 29.68 -24.92
N LEU A 245 32.75 30.49 -24.24
CA LEU A 245 33.17 31.80 -23.78
C LEU A 245 34.23 31.76 -22.70
N LEU A 246 34.20 30.73 -21.86
CA LEU A 246 35.20 30.64 -20.76
C LEU A 246 36.59 30.24 -21.26
N SER A 247 36.67 29.64 -22.42
CA SER A 247 37.96 29.33 -22.99
C SER A 247 38.50 30.55 -23.79
N ALA A 248 37.70 31.60 -23.95
CA ALA A 248 38.17 32.75 -24.70
C ALA A 248 39.28 33.40 -23.90
N VAL A 249 40.21 34.04 -24.63
CA VAL A 249 41.37 34.69 -24.06
C VAL A 249 41.58 35.95 -24.88
N TYR A 250 41.60 37.11 -24.22
CA TYR A 250 41.83 38.36 -24.95
C TYR A 250 43.23 38.38 -25.54
N ARG A 251 43.41 39.28 -26.51
CA ARG A 251 44.71 39.48 -27.15
C ARG A 251 45.80 39.71 -26.13
N ASP A 252 45.46 40.44 -25.07
CA ASP A 252 46.35 40.66 -23.94
C ASP A 252 46.54 39.43 -23.07
N GLY A 253 46.02 38.28 -23.49
CA GLY A 253 46.25 37.02 -22.79
C GLY A 253 45.44 36.74 -21.52
N THR A 254 44.63 37.71 -21.06
CA THR A 254 43.69 37.51 -19.93
C THR A 254 42.33 36.96 -20.40
N PRO A 255 41.70 36.13 -19.55
CA PRO A 255 40.38 35.60 -19.92
C PRO A 255 39.27 36.53 -19.47
N MET A 256 38.09 36.26 -19.98
CA MET A 256 36.90 37.02 -19.63
C MET A 256 36.52 36.75 -18.18
N SER A 257 36.09 37.79 -17.49
CA SER A 257 35.44 37.66 -16.17
C SER A 257 34.02 37.11 -16.28
N LEU A 258 33.46 36.64 -15.17
CA LEU A 258 32.13 36.04 -15.19
C LEU A 258 31.08 37.05 -15.59
N HIS A 259 31.28 38.26 -15.10
CA HIS A 259 30.44 39.37 -15.47
C HIS A 259 30.34 39.51 -16.99
N GLU A 260 31.46 39.55 -17.67
CA GLU A 260 31.48 39.65 -19.13
C GLU A 260 30.87 38.43 -19.83
N VAL A 261 31.17 37.24 -19.32
CA VAL A 261 30.64 36.05 -19.93
C VAL A 261 29.14 36.13 -19.87
N CYS A 262 28.62 36.36 -18.69
CA CYS A 262 27.21 36.46 -18.53
C CYS A 262 26.60 37.56 -19.46
N GLY A 263 27.27 38.69 -19.58
CA GLY A 263 26.82 39.80 -20.47
C GLY A 263 26.62 39.33 -21.89
N MET A 264 27.57 38.59 -22.39
CA MET A 264 27.46 38.11 -23.73
C MET A 264 26.31 37.11 -23.89
N ILE A 265 26.12 36.27 -22.89
CA ILE A 265 25.06 35.28 -22.96
C ILE A 265 23.70 35.96 -22.99
N VAL A 266 23.44 36.93 -22.10
CA VAL A 266 22.12 37.57 -22.18
C VAL A 266 22.06 38.36 -23.46
N ALA A 267 23.08 39.16 -23.76
CA ALA A 267 23.09 39.92 -25.01
C ALA A 267 22.73 39.02 -26.18
N ALA A 268 23.26 37.80 -26.20
CA ALA A 268 22.92 36.88 -27.28
C ALA A 268 21.43 36.62 -27.25
N MET A 269 20.93 36.06 -26.15
CA MET A 269 19.56 35.54 -26.12
C MET A 269 18.61 36.70 -26.31
N PHE A 270 18.89 37.78 -25.60
CA PHE A 270 18.04 38.94 -25.66
C PHE A 270 17.87 39.45 -27.07
N ALA A 271 18.97 39.54 -27.81
CA ALA A 271 18.97 40.10 -29.13
C ALA A 271 18.12 39.27 -30.06
N GLY A 272 18.23 37.96 -29.94
CA GLY A 272 17.54 37.07 -30.82
C GLY A 272 16.09 36.86 -30.47
N GLN A 273 15.70 37.17 -29.25
CA GLN A 273 14.42 36.71 -28.77
C GLN A 273 13.28 37.30 -29.60
N HIS A 274 13.16 38.62 -29.65
CA HIS A 274 12.02 39.18 -30.33
C HIS A 274 12.20 39.13 -31.84
N THR A 275 13.38 39.50 -32.33
CA THR A 275 13.66 39.58 -33.75
C THR A 275 13.35 38.28 -34.50
N SER A 276 13.82 37.15 -33.98
CA SER A 276 13.59 35.81 -34.61
C SER A 276 12.12 35.35 -34.55
N SER A 277 11.47 35.59 -33.42
CA SER A 277 10.05 35.30 -33.26
C SER A 277 9.20 36.12 -34.20
N ILE A 278 9.32 37.45 -34.09
CA ILE A 278 8.63 38.34 -34.99
C ILE A 278 8.80 37.93 -36.44
N THR A 279 10.01 37.58 -36.82
CA THR A 279 10.30 37.14 -38.18
C THR A 279 9.59 35.82 -38.53
N THR A 280 9.64 34.86 -37.61
CA THR A 280 8.86 33.64 -37.76
C THR A 280 7.36 33.95 -37.86
N THR A 281 6.84 34.71 -36.90
CA THR A 281 5.41 34.95 -36.88
C THR A 281 4.96 35.55 -38.20
N TRP A 282 5.56 36.69 -38.56
CA TRP A 282 5.26 37.34 -39.84
C TRP A 282 5.28 36.36 -41.04
N SER A 283 6.35 35.58 -41.17
CA SER A 283 6.46 34.61 -42.28
C SER A 283 5.27 33.66 -42.37
N MET A 284 4.85 33.12 -41.24
CA MET A 284 3.74 32.21 -41.21
C MET A 284 2.42 32.90 -41.49
N LEU A 285 2.25 34.07 -40.91
CA LEU A 285 1.05 34.84 -41.15
C LEU A 285 0.89 35.07 -42.65
N HIS A 286 1.96 35.53 -43.29
CA HIS A 286 1.97 35.72 -44.73
C HIS A 286 1.69 34.44 -45.45
N LEU A 287 2.39 33.37 -45.08
CA LEU A 287 2.20 32.08 -45.76
C LEU A 287 0.80 31.47 -45.62
N MET A 288 0.10 31.77 -44.53
CA MET A 288 -1.20 31.15 -44.30
C MET A 288 -2.33 31.98 -44.94
N HIS A 289 -2.03 33.18 -45.43
CA HIS A 289 -3.07 34.04 -46.02
C HIS A 289 -3.47 33.48 -47.41
N PRO A 290 -4.80 33.33 -47.63
CA PRO A 290 -5.42 33.06 -48.92
C PRO A 290 -4.64 33.62 -50.11
N ALA A 291 -4.54 34.94 -50.23
CA ALA A 291 -3.75 35.58 -51.28
C ALA A 291 -2.36 35.00 -51.58
N ASN A 292 -1.72 34.33 -50.63
CA ASN A 292 -0.36 33.80 -50.86
C ASN A 292 -0.29 32.27 -50.96
N VAL A 293 -1.30 31.62 -51.53
CA VAL A 293 -1.31 30.14 -51.61
C VAL A 293 -0.19 29.70 -52.54
N LYS A 294 -0.04 30.46 -53.62
CA LYS A 294 1.07 30.31 -54.53
C LYS A 294 2.34 30.05 -53.77
N HIS A 295 2.68 30.97 -52.86
CA HIS A 295 3.91 30.87 -52.07
C HIS A 295 3.87 29.73 -51.05
N LEU A 296 2.73 29.48 -50.44
CA LEU A 296 2.67 28.37 -49.49
C LEU A 296 2.90 27.07 -50.17
N GLU A 297 2.25 26.88 -51.33
CA GLU A 297 2.43 25.68 -52.15
C GLU A 297 3.90 25.51 -52.56
N ALA A 298 4.55 26.63 -52.93
CA ALA A 298 5.99 26.59 -53.28
C ALA A 298 6.84 26.08 -52.13
N LEU A 299 6.63 26.67 -50.94
CA LEU A 299 7.40 26.25 -49.77
C LEU A 299 7.22 24.78 -49.52
N ARG A 300 5.98 24.32 -49.59
CA ARG A 300 5.69 22.94 -49.27
C ARG A 300 6.33 22.01 -50.29
N LYS A 301 6.42 22.47 -51.53
CA LYS A 301 7.11 21.71 -52.54
C LYS A 301 8.58 21.53 -52.16
N GLU A 302 9.18 22.59 -51.65
CA GLU A 302 10.56 22.55 -51.18
C GLU A 302 10.76 21.53 -50.05
N ILE A 303 9.84 21.52 -49.08
CA ILE A 303 9.84 20.57 -47.97
C ILE A 303 9.51 19.10 -48.34
N GLU A 304 8.76 18.87 -49.44
CA GLU A 304 8.17 17.54 -49.77
C GLU A 304 9.14 16.34 -49.71
N GLU A 305 10.35 16.49 -50.25
CA GLU A 305 11.30 15.36 -50.25
C GLU A 305 11.84 15.00 -48.87
N PHE A 306 11.89 15.99 -47.97
CA PHE A 306 12.63 15.91 -46.71
C PHE A 306 12.17 14.77 -45.77
N PRO A 307 13.08 14.30 -44.90
CA PRO A 307 12.79 13.28 -43.90
C PRO A 307 12.26 13.85 -42.59
N ALA A 308 11.79 12.98 -41.70
CA ALA A 308 11.22 13.43 -40.42
C ALA A 308 12.29 14.13 -39.60
N GLN A 309 13.39 13.41 -39.34
CA GLN A 309 14.58 14.00 -38.73
C GLN A 309 15.32 14.85 -39.76
N LEU A 310 15.18 16.16 -39.63
CA LEU A 310 15.90 17.09 -40.47
C LEU A 310 17.37 17.11 -40.04
N ASN A 311 18.23 17.56 -40.95
CA ASN A 311 19.66 17.64 -40.68
C ASN A 311 20.30 18.95 -41.19
N TYR A 312 21.50 19.26 -40.70
CA TYR A 312 22.23 20.47 -41.09
C TYR A 312 22.02 20.80 -42.57
N ASN A 313 22.26 19.82 -43.44
CA ASN A 313 22.25 20.06 -44.90
C ASN A 313 20.88 20.37 -45.55
N ASN A 314 19.79 19.89 -44.95
CA ASN A 314 18.46 20.12 -45.47
C ASN A 314 18.15 21.60 -45.39
N VAL A 315 18.45 22.21 -44.24
CA VAL A 315 18.00 23.56 -43.96
C VAL A 315 19.10 24.57 -44.30
N MET A 316 20.35 24.17 -44.18
CA MET A 316 21.40 25.08 -44.59
C MET A 316 21.46 25.16 -46.11
N ASP A 317 21.22 24.05 -46.80
CA ASP A 317 21.47 23.97 -48.22
C ASP A 317 20.24 23.87 -49.12
N GLU A 318 19.19 23.20 -48.65
CA GLU A 318 18.06 22.86 -49.51
C GLU A 318 16.80 23.65 -49.21
N MET A 319 16.93 24.90 -48.77
CA MET A 319 15.74 25.71 -48.48
C MET A 319 15.89 27.15 -48.91
N PRO A 320 16.26 27.38 -50.16
CA PRO A 320 16.42 28.79 -50.55
C PRO A 320 15.14 29.58 -50.37
N PHE A 321 14.00 28.94 -50.61
CA PHE A 321 12.72 29.67 -50.65
C PHE A 321 12.29 30.07 -49.24
N ALA A 322 12.43 29.14 -48.30
CA ALA A 322 12.17 29.46 -46.91
C ALA A 322 12.96 30.71 -46.45
N GLU A 323 14.20 30.83 -46.93
CA GLU A 323 15.04 31.97 -46.61
C GLU A 323 14.44 33.26 -47.16
N ARG A 324 14.07 33.23 -48.45
CA ARG A 324 13.45 34.38 -49.11
C ARG A 324 12.18 34.85 -48.41
N CYS A 325 11.45 33.89 -47.82
CA CYS A 325 10.25 34.21 -47.04
C CYS A 325 10.63 34.95 -45.79
N ALA A 326 11.60 34.42 -45.05
CA ALA A 326 12.07 35.12 -43.84
C ALA A 326 12.64 36.51 -44.16
N ARG A 327 13.55 36.59 -45.11
CA ARG A 327 14.17 37.85 -45.45
C ARG A 327 13.14 38.86 -45.90
N GLU A 328 12.04 38.40 -46.51
CA GLU A 328 11.02 39.31 -47.08
C GLU A 328 10.04 39.77 -46.05
N SER A 329 9.72 38.91 -45.09
CA SER A 329 9.01 39.36 -43.88
C SER A 329 9.77 40.51 -43.23
N ILE A 330 11.09 40.34 -43.09
CA ILE A 330 11.94 41.38 -42.51
C ILE A 330 11.97 42.60 -43.38
N ARG A 331 11.99 42.38 -44.69
CA ARG A 331 12.02 43.48 -45.62
C ARG A 331 10.70 44.25 -45.56
N ARG A 332 9.58 43.55 -45.64
CA ARG A 332 8.29 44.26 -45.55
C ARG A 332 8.17 45.01 -44.22
N ASP A 333 8.56 44.34 -43.13
CA ASP A 333 8.30 44.84 -41.78
C ASP A 333 9.46 44.57 -40.83
N PRO A 334 10.48 45.40 -40.90
CA PRO A 334 11.68 45.09 -40.15
C PRO A 334 11.49 45.28 -38.63
N PRO A 335 12.03 44.37 -37.83
CA PRO A 335 11.93 44.44 -36.37
C PRO A 335 12.65 45.60 -35.74
N LEU A 336 13.76 46.01 -36.36
CA LEU A 336 14.46 47.20 -35.93
C LEU A 336 14.21 48.25 -36.95
N LEU A 337 13.61 49.35 -36.51
CA LEU A 337 13.22 50.43 -37.37
C LEU A 337 14.34 51.44 -37.59
N MET A 338 14.91 51.97 -36.51
CA MET A 338 15.92 53.02 -36.59
C MET A 338 17.24 52.51 -36.10
N LEU A 339 18.28 52.52 -36.93
CA LEU A 339 19.62 52.22 -36.47
C LEU A 339 20.36 53.54 -36.30
N MET A 340 21.21 53.66 -35.28
CA MET A 340 21.72 54.99 -34.91
C MET A 340 23.18 55.04 -34.54
N ARG A 341 23.80 56.19 -34.84
CA ARG A 341 25.19 56.46 -34.45
C ARG A 341 25.29 57.90 -34.00
N LYS A 342 26.26 58.12 -33.15
CA LYS A 342 26.55 59.45 -32.63
C LYS A 342 27.74 59.97 -33.48
N VAL A 343 27.60 61.18 -34.01
CA VAL A 343 28.56 61.72 -34.98
C VAL A 343 29.71 62.36 -34.24
N MET A 344 30.86 61.70 -34.32
CA MET A 344 32.05 62.15 -33.61
C MET A 344 32.82 63.15 -34.47
N ALA A 345 32.62 63.10 -35.77
CA ALA A 345 33.32 64.01 -36.68
C ALA A 345 32.42 64.38 -37.82
N ASP A 346 32.55 65.60 -38.32
CA ASP A 346 31.81 66.05 -39.49
C ASP A 346 31.97 64.96 -40.53
N VAL A 347 30.92 64.58 -41.23
CA VAL A 347 31.06 63.46 -42.14
C VAL A 347 30.20 63.74 -43.37
N LYS A 348 30.58 63.14 -44.49
CA LYS A 348 30.05 63.56 -45.77
C LYS A 348 29.04 62.56 -46.20
N VAL A 349 27.82 63.03 -46.48
CA VAL A 349 26.74 62.13 -46.88
C VAL A 349 26.02 62.68 -48.10
N GLY A 350 26.28 62.02 -49.24
CA GLY A 350 25.77 62.47 -50.53
C GLY A 350 26.24 63.88 -50.78
N SER A 351 25.32 64.76 -51.13
CA SER A 351 25.66 66.13 -51.39
C SER A 351 25.82 66.94 -50.11
N TYR A 352 25.62 66.32 -48.95
CA TYR A 352 25.57 67.05 -47.68
C TYR A 352 26.73 66.73 -46.74
N VAL A 353 26.78 67.48 -45.64
CA VAL A 353 27.73 67.26 -44.57
C VAL A 353 26.95 67.15 -43.26
N VAL A 354 27.24 66.11 -42.50
CA VAL A 354 26.59 65.94 -41.23
C VAL A 354 27.56 66.31 -40.11
N PRO A 355 27.23 67.35 -39.36
CA PRO A 355 28.18 67.88 -38.40
C PRO A 355 28.32 67.11 -37.10
N LYS A 356 29.49 67.23 -36.50
CA LYS A 356 29.79 66.75 -35.17
C LYS A 356 28.62 67.07 -34.23
N GLY A 357 28.17 66.09 -33.46
CA GLY A 357 27.10 66.30 -32.47
C GLY A 357 25.81 65.60 -32.85
N ASP A 358 25.39 65.77 -34.10
CA ASP A 358 24.26 65.02 -34.63
C ASP A 358 24.20 63.55 -34.24
N ILE A 359 23.00 63.06 -34.01
CA ILE A 359 22.74 61.65 -34.02
C ILE A 359 22.46 61.42 -35.46
N ILE A 360 23.09 60.42 -36.05
CA ILE A 360 22.86 60.07 -37.44
C ILE A 360 22.16 58.72 -37.45
N ALA A 361 21.14 58.61 -38.29
CA ALA A 361 20.29 57.43 -38.32
C ALA A 361 20.15 56.89 -39.73
N CYS A 362 19.97 55.59 -39.80
CA CYS A 362 19.63 54.89 -41.02
C CYS A 362 18.55 53.84 -40.65
N SER A 363 17.42 53.92 -41.33
CA SER A 363 16.20 53.28 -40.90
C SER A 363 15.81 52.21 -41.85
N PRO A 364 15.82 50.94 -41.40
CA PRO A 364 15.40 49.87 -42.30
C PRO A 364 13.95 49.96 -42.74
N LEU A 365 13.11 50.49 -41.87
CA LEU A 365 11.72 50.77 -42.18
C LEU A 365 11.52 51.69 -43.37
N LEU A 366 12.32 52.75 -43.44
CA LEU A 366 12.19 53.73 -44.52
C LEU A 366 12.76 53.15 -45.80
N SER A 367 13.98 52.65 -45.73
CA SER A 367 14.66 52.14 -46.92
C SER A 367 13.92 50.99 -47.57
N HIS A 368 13.34 50.13 -46.76
CA HIS A 368 12.55 49.03 -47.30
C HIS A 368 11.21 49.49 -47.97
N HIS A 369 10.88 50.78 -47.94
CA HIS A 369 9.70 51.35 -48.64
C HIS A 369 10.07 52.49 -49.56
N ASP A 370 11.28 52.42 -50.10
CA ASP A 370 11.69 53.28 -51.18
C ASP A 370 11.15 52.63 -52.44
N GLU A 371 10.25 53.32 -53.13
CA GLU A 371 9.54 52.70 -54.26
C GLU A 371 10.46 52.24 -55.39
N GLU A 372 11.61 52.90 -55.54
CA GLU A 372 12.59 52.47 -56.53
C GLU A 372 13.24 51.16 -56.14
N ALA A 373 13.87 51.14 -54.97
CA ALA A 373 14.40 49.90 -54.35
C ALA A 373 13.38 48.77 -54.33
N PHE A 374 12.16 49.08 -53.93
CA PHE A 374 11.18 48.03 -53.65
C PHE A 374 9.78 48.36 -54.19
N PRO A 375 9.58 48.26 -55.53
CA PRO A 375 8.26 48.51 -56.09
C PRO A 375 7.17 47.76 -55.29
N GLU A 376 6.05 48.43 -55.03
CA GLU A 376 4.98 47.85 -54.24
C GLU A 376 5.53 47.33 -52.91
N PRO A 377 6.07 48.24 -52.10
CA PRO A 377 6.76 47.79 -50.92
C PRO A 377 5.85 47.13 -49.85
N ARG A 378 4.54 47.42 -49.84
CA ARG A 378 3.63 46.74 -48.91
C ARG A 378 3.15 45.41 -49.42
N ARG A 379 3.57 45.01 -50.61
CA ARG A 379 3.26 43.68 -51.09
C ARG A 379 4.37 42.74 -50.62
N TRP A 380 3.99 41.72 -49.88
CA TRP A 380 4.92 40.71 -49.41
C TRP A 380 5.11 39.74 -50.55
N ASP A 381 6.22 39.84 -51.27
CA ASP A 381 6.53 38.89 -52.33
C ASP A 381 7.90 38.29 -52.09
N PRO A 382 7.95 37.03 -51.67
CA PRO A 382 9.25 36.43 -51.40
C PRO A 382 10.14 36.30 -52.60
N GLU A 383 9.64 36.51 -53.81
CA GLU A 383 10.54 36.35 -54.93
C GLU A 383 11.14 37.62 -55.48
N ARG A 384 10.77 38.76 -54.92
CA ARG A 384 11.40 40.02 -55.29
C ARG A 384 12.90 40.06 -54.99
N ASP A 385 13.58 41.04 -55.61
CA ASP A 385 14.96 41.39 -55.31
C ASP A 385 15.09 42.90 -55.19
N GLU A 386 16.06 43.31 -54.39
CA GLU A 386 16.28 44.73 -54.19
C GLU A 386 16.58 45.28 -55.57
N LYS A 387 15.90 46.36 -55.93
CA LYS A 387 16.18 47.07 -57.19
C LYS A 387 17.40 47.98 -57.08
N VAL A 388 17.86 48.25 -55.86
CA VAL A 388 19.08 49.01 -55.63
C VAL A 388 19.95 48.10 -54.82
N GLU A 389 21.24 48.02 -55.14
CA GLU A 389 22.13 47.19 -54.35
C GLU A 389 22.31 47.84 -52.97
N GLY A 390 22.13 47.03 -51.92
CA GLY A 390 22.26 47.47 -50.53
C GLY A 390 21.03 48.08 -49.86
N ALA A 391 19.89 48.05 -50.52
CA ALA A 391 18.69 48.68 -49.96
C ALA A 391 18.09 47.84 -48.82
N PHE A 392 18.31 46.55 -48.88
CA PHE A 392 18.03 45.70 -47.75
C PHE A 392 19.10 45.83 -46.68
N ILE A 393 18.71 46.48 -45.58
CA ILE A 393 19.51 46.59 -44.38
C ILE A 393 18.82 45.97 -43.14
N GLY A 394 18.01 44.93 -43.36
CA GLY A 394 17.34 44.25 -42.26
C GLY A 394 18.27 43.75 -41.16
N PHE A 395 19.47 43.35 -41.56
CA PHE A 395 20.46 42.83 -40.64
C PHE A 395 21.67 43.76 -40.56
N GLY A 396 21.43 45.06 -40.78
CA GLY A 396 22.53 46.02 -40.82
C GLY A 396 23.65 45.74 -41.82
N ALA A 397 24.76 46.43 -41.64
CA ALA A 397 25.85 46.32 -42.58
C ALA A 397 27.18 46.83 -42.08
N GLY A 398 28.23 46.45 -42.82
CA GLY A 398 29.57 46.91 -42.58
C GLY A 398 30.01 46.52 -41.18
N VAL A 399 30.60 47.47 -40.47
CA VAL A 399 31.27 47.12 -39.22
C VAL A 399 30.28 46.48 -38.22
N HIS A 400 29.06 46.98 -38.13
CA HIS A 400 28.11 46.43 -37.17
C HIS A 400 27.02 45.56 -37.77
N LYS A 401 27.33 44.79 -38.80
CA LYS A 401 26.34 43.86 -39.33
C LYS A 401 26.01 42.80 -38.25
N CYS A 402 24.81 42.23 -38.33
CA CYS A 402 24.37 41.22 -37.37
C CYS A 402 25.22 39.97 -37.44
N ILE A 403 25.66 39.51 -36.28
CA ILE A 403 26.44 38.26 -36.13
C ILE A 403 25.55 37.04 -35.79
N GLY A 404 24.27 37.27 -35.49
CA GLY A 404 23.36 36.18 -35.18
C GLY A 404 22.50 35.76 -36.36
N GLN A 405 22.57 36.56 -37.41
CA GLN A 405 21.83 36.36 -38.63
C GLN A 405 21.68 34.90 -38.99
N LYS A 406 22.79 34.18 -39.13
CA LYS A 406 22.74 32.78 -39.54
C LYS A 406 21.97 31.91 -38.56
N PHE A 407 22.34 32.01 -37.29
CA PHE A 407 21.63 31.27 -36.23
C PHE A 407 20.14 31.60 -36.21
N GLY A 408 19.82 32.87 -36.39
CA GLY A 408 18.44 33.32 -36.42
C GLY A 408 17.64 32.64 -37.51
N LEU A 409 18.11 32.75 -38.74
CA LEU A 409 17.43 32.13 -39.89
C LEU A 409 17.47 30.58 -39.81
N LEU A 410 18.41 30.03 -39.06
CA LEU A 410 18.38 28.61 -38.85
C LEU A 410 17.15 28.24 -38.05
N GLN A 411 16.89 29.01 -37.00
CA GLN A 411 15.73 28.77 -36.17
C GLN A 411 14.46 28.94 -37.00
N VAL A 412 14.38 30.03 -37.74
CA VAL A 412 13.14 30.32 -38.45
C VAL A 412 12.83 29.26 -39.51
N LYS A 413 13.86 28.87 -40.26
CA LYS A 413 13.69 27.91 -41.35
C LYS A 413 13.30 26.56 -40.77
N THR A 414 13.99 26.13 -39.73
CA THR A 414 13.64 24.85 -39.08
C THR A 414 12.22 24.85 -38.52
N ILE A 415 11.77 26.02 -38.04
CA ILE A 415 10.44 26.13 -37.48
C ILE A 415 9.40 26.13 -38.56
N LEU A 416 9.57 26.94 -39.58
CA LEU A 416 8.64 26.88 -40.70
C LEU A 416 8.55 25.44 -41.22
N ALA A 417 9.70 24.83 -41.45
CA ALA A 417 9.75 23.51 -42.02
C ALA A 417 9.04 22.53 -41.13
N THR A 418 9.28 22.60 -39.84
CA THR A 418 8.64 21.64 -38.97
C THR A 418 7.15 21.91 -38.84
N ALA A 419 6.77 23.18 -38.82
CA ALA A 419 5.38 23.51 -38.59
C ALA A 419 4.53 23.13 -39.78
N PHE A 420 4.90 23.64 -40.95
CA PHE A 420 4.07 23.52 -42.15
C PHE A 420 4.03 22.11 -42.74
N ARG A 421 4.92 21.25 -42.28
CA ARG A 421 4.83 19.84 -42.56
C ARG A 421 3.62 19.26 -41.80
N SER A 422 3.66 19.26 -40.48
CA SER A 422 2.58 18.69 -39.68
C SER A 422 1.23 19.46 -39.62
N TYR A 423 1.18 20.70 -40.11
CA TYR A 423 -0.01 21.52 -39.87
C TYR A 423 -0.43 22.44 -41.00
N ASP A 424 -1.70 22.86 -40.96
CA ASP A 424 -2.17 24.05 -41.68
C ASP A 424 -2.68 25.09 -40.71
N PHE A 425 -2.75 26.32 -41.19
CA PHE A 425 -3.14 27.41 -40.31
C PHE A 425 -4.21 28.24 -40.94
N GLN A 426 -5.06 28.83 -40.12
CA GLN A 426 -6.11 29.65 -40.62
C GLN A 426 -6.06 30.98 -39.89
N LEU A 427 -5.77 32.01 -40.66
CA LEU A 427 -5.74 33.36 -40.18
C LEU A 427 -7.17 33.68 -39.77
N LEU A 428 -7.37 34.35 -38.63
CA LEU A 428 -8.72 34.68 -38.16
C LEU A 428 -9.12 36.14 -38.37
N ARG A 429 -8.68 36.71 -39.47
CA ARG A 429 -9.08 38.05 -39.89
C ARG A 429 -8.93 38.10 -41.39
N ASP A 430 -9.43 39.16 -42.02
CA ASP A 430 -9.46 39.22 -43.48
C ASP A 430 -8.09 39.48 -44.02
N GLU A 431 -7.44 40.50 -43.46
CA GLU A 431 -6.10 40.87 -43.87
C GLU A 431 -5.04 40.44 -42.88
N VAL A 432 -3.80 40.45 -43.33
CA VAL A 432 -2.67 40.07 -42.50
C VAL A 432 -2.52 41.16 -41.41
N PRO A 433 -1.92 40.83 -40.26
CA PRO A 433 -1.94 41.84 -39.19
C PRO A 433 -1.15 43.10 -39.46
N ASP A 434 -1.58 44.21 -38.87
CA ASP A 434 -0.83 45.46 -38.94
C ASP A 434 0.39 45.47 -38.00
N PRO A 435 1.49 46.10 -38.44
CA PRO A 435 2.59 46.30 -37.52
C PRO A 435 2.15 47.17 -36.36
N ASP A 436 2.82 47.01 -35.23
CA ASP A 436 2.53 47.80 -34.05
C ASP A 436 3.76 48.62 -33.73
N TYR A 437 3.70 49.91 -34.04
CA TYR A 437 4.90 50.75 -33.93
C TYR A 437 5.20 51.15 -32.50
N HIS A 438 4.36 50.72 -31.55
CA HIS A 438 4.44 51.21 -30.18
C HIS A 438 5.30 50.35 -29.25
N THR A 439 6.17 49.49 -29.78
CA THR A 439 7.14 48.78 -28.96
C THR A 439 8.55 48.92 -29.53
N MET A 440 9.58 48.83 -28.67
CA MET A 440 10.96 49.06 -29.09
C MET A 440 11.43 48.12 -30.18
N VAL A 441 11.00 46.87 -30.14
CA VAL A 441 11.24 45.96 -31.24
C VAL A 441 9.88 45.74 -31.83
N VAL A 442 9.73 45.91 -33.15
CA VAL A 442 8.38 45.94 -33.73
C VAL A 442 7.92 44.62 -34.33
N GLY A 443 6.65 44.27 -34.12
CA GLY A 443 6.05 43.09 -34.72
C GLY A 443 4.60 43.27 -35.19
N PRO A 444 4.01 42.19 -35.72
CA PRO A 444 2.59 42.27 -35.96
C PRO A 444 1.87 42.55 -34.65
N THR A 445 0.81 43.37 -34.69
CA THR A 445 -0.02 43.64 -33.52
C THR A 445 -0.45 42.36 -32.84
N ALA A 446 -0.05 42.19 -31.59
CA ALA A 446 -0.25 40.92 -30.91
C ALA A 446 -1.75 40.49 -30.83
N SER A 447 -2.61 41.42 -30.45
CA SER A 447 -4.04 41.08 -30.32
C SER A 447 -4.64 40.60 -31.65
N GLN A 448 -3.98 40.91 -32.77
CA GLN A 448 -4.46 40.47 -34.06
C GLN A 448 -3.86 39.17 -34.56
N CYS A 449 -3.01 38.52 -33.79
CA CYS A 449 -2.38 37.24 -34.22
C CYS A 449 -3.04 35.95 -33.76
N ARG A 450 -4.34 35.97 -33.42
CA ARG A 450 -4.96 34.72 -33.01
C ARG A 450 -5.19 33.98 -34.32
N VAL A 451 -4.96 32.67 -34.26
CA VAL A 451 -4.82 31.88 -35.45
C VAL A 451 -5.28 30.46 -35.18
N LYS A 452 -5.73 29.78 -36.21
CA LYS A 452 -6.22 28.43 -36.02
C LYS A 452 -5.30 27.41 -36.63
N TYR A 453 -4.86 26.47 -35.81
CA TYR A 453 -4.05 25.40 -36.32
C TYR A 453 -4.91 24.22 -36.67
N ILE A 454 -4.53 23.53 -37.72
CA ILE A 454 -5.23 22.33 -38.15
C ILE A 454 -4.17 21.27 -38.41
N ARG A 455 -4.25 20.17 -37.68
CA ARG A 455 -3.34 19.05 -37.89
C ARG A 455 -3.61 18.46 -39.25
N ARG A 456 -2.57 18.23 -40.04
CA ARG A 456 -2.72 17.63 -41.37
C ARG A 456 -3.02 16.14 -41.33
N LYS A 457 -3.82 15.67 -42.29
CA LYS A 457 -4.22 14.26 -42.32
C LYS A 457 -3.24 13.41 -43.13
N ALA A 458 -2.32 14.03 -43.85
CA ALA A 458 -1.36 13.30 -44.68
C ALA A 458 0.06 13.78 -44.50
N GLY B 9 -26.94 45.68 25.94
CA GLY B 9 -25.80 44.74 26.20
C GLY B 9 -24.45 45.43 26.18
N LYS B 10 -23.39 44.66 26.37
CA LYS B 10 -22.01 45.17 26.33
C LYS B 10 -21.33 44.91 24.96
N LEU B 11 -20.65 45.95 24.46
CA LEU B 11 -19.89 45.81 23.25
C LEU B 11 -18.59 45.14 23.60
N PRO B 12 -17.87 44.61 22.61
CA PRO B 12 -16.65 43.89 22.92
C PRO B 12 -15.46 44.79 23.13
N PRO B 13 -14.52 44.34 23.95
CA PRO B 13 -13.30 45.10 24.13
C PRO B 13 -12.81 45.62 22.81
N MET B 14 -12.30 46.85 22.78
CA MET B 14 -11.77 47.40 21.54
C MET B 14 -10.34 47.81 21.72
N TYR B 15 -9.48 47.34 20.83
CA TYR B 15 -8.07 47.67 20.96
C TYR B 15 -7.90 49.17 20.93
N PRO B 16 -6.97 49.70 21.72
CA PRO B 16 -6.70 51.12 21.64
C PRO B 16 -6.27 51.53 20.24
N VAL B 17 -6.90 52.58 19.73
CA VAL B 17 -6.55 53.12 18.44
C VAL B 17 -5.37 54.03 18.72
N THR B 18 -4.27 53.83 18.04
CA THR B 18 -3.05 54.63 18.30
C THR B 18 -2.71 55.56 17.11
N VAL B 19 -2.89 55.11 15.87
CA VAL B 19 -2.62 56.00 14.73
C VAL B 19 -3.93 56.67 14.29
N PRO B 20 -3.97 58.02 14.31
CA PRO B 20 -5.21 58.80 14.23
C PRO B 20 -6.28 58.33 13.23
N ILE B 21 -5.97 58.32 11.94
CA ILE B 21 -7.00 58.12 10.90
C ILE B 21 -7.01 56.70 10.29
N LEU B 22 -5.83 56.08 10.21
CA LEU B 22 -5.72 54.76 9.60
C LEU B 22 -6.11 53.64 10.56
N GLY B 23 -6.17 53.93 11.86
CA GLY B 23 -6.55 52.93 12.86
C GLY B 23 -5.52 51.83 13.02
N HIS B 24 -5.91 50.61 12.71
CA HIS B 24 -5.08 49.43 12.91
C HIS B 24 -4.60 48.80 11.61
N ILE B 25 -4.99 49.34 10.45
CA ILE B 25 -4.65 48.69 9.19
C ILE B 25 -3.14 48.60 9.05
N ILE B 26 -2.46 49.57 9.64
CA ILE B 26 -1.03 49.57 9.64
C ILE B 26 -0.56 48.37 10.40
N GLN B 27 -1.07 48.24 11.61
CA GLN B 27 -0.56 47.25 12.53
C GLN B 27 -0.90 45.86 12.01
N PHE B 28 -2.08 45.76 11.43
CA PHE B 28 -2.61 44.52 10.90
C PHE B 28 -1.83 44.00 9.71
N GLY B 29 -1.47 44.90 8.81
CA GLY B 29 -0.78 44.49 7.58
C GLY B 29 0.61 43.92 7.81
N LYS B 30 1.33 44.43 8.80
CA LYS B 30 2.68 43.95 9.02
C LYS B 30 2.61 42.46 9.33
N SER B 31 1.81 42.10 10.32
CA SER B 31 1.61 40.68 10.61
C SER B 31 0.21 40.52 11.17
N PRO B 32 -0.68 39.94 10.39
CA PRO B 32 -2.07 39.87 10.73
C PRO B 32 -2.32 38.94 11.90
N LEU B 33 -1.69 37.77 11.93
CA LEU B 33 -1.92 36.79 12.99
C LEU B 33 -1.44 37.30 14.35
N GLY B 34 -0.21 37.77 14.37
CA GLY B 34 0.42 38.25 15.60
C GLY B 34 -0.28 39.42 16.23
N PHE B 35 -0.86 40.29 15.40
CA PHE B 35 -1.63 41.42 15.91
C PHE B 35 -3.01 40.99 16.43
N MET B 36 -3.69 40.09 15.75
CA MET B 36 -4.97 39.59 16.27
C MET B 36 -4.72 38.85 17.61
N GLN B 37 -3.66 38.04 17.67
CA GLN B 37 -3.34 37.31 18.88
C GLN B 37 -2.99 38.23 20.05
N GLU B 38 -2.28 39.30 19.76
CA GLU B 38 -2.02 40.30 20.77
C GLU B 38 -3.33 40.90 21.27
N CYS B 39 -4.13 41.41 20.33
CA CYS B 39 -5.47 41.94 20.66
C CYS B 39 -6.33 41.02 21.53
N LYS B 40 -6.32 39.74 21.18
CA LYS B 40 -7.04 38.71 21.93
C LYS B 40 -6.62 38.71 23.41
N ARG B 41 -5.40 38.31 23.70
CA ARG B 41 -5.00 38.07 25.08
C ARG B 41 -4.85 39.35 25.87
N GLN B 42 -4.49 40.46 25.21
CA GLN B 42 -4.28 41.72 25.94
C GLN B 42 -5.59 42.28 26.50
N LEU B 43 -6.71 41.99 25.84
CA LEU B 43 -8.06 42.26 26.37
C LEU B 43 -8.65 40.98 26.99
N LYS B 44 -7.93 39.87 26.89
CA LYS B 44 -8.30 38.59 27.48
C LYS B 44 -9.74 38.25 27.11
N SER B 45 -10.02 38.25 25.80
CA SER B 45 -11.38 37.99 25.30
C SER B 45 -11.32 37.65 23.83
N GLY B 46 -11.82 36.48 23.44
CA GLY B 46 -11.74 36.03 22.04
C GLY B 46 -12.65 36.73 21.03
N ILE B 47 -13.43 37.68 21.49
CA ILE B 47 -14.29 38.46 20.66
C ILE B 47 -13.92 39.89 20.96
N PHE B 48 -13.55 40.63 19.93
CA PHE B 48 -13.04 41.99 20.12
C PHE B 48 -13.13 42.81 18.84
N THR B 49 -12.88 44.11 18.96
CA THR B 49 -13.16 45.04 17.88
C THR B 49 -11.96 45.92 17.56
N ILE B 50 -11.52 45.86 16.31
CA ILE B 50 -10.45 46.69 15.82
C ILE B 50 -11.02 47.76 14.91
N ASN B 51 -10.14 48.69 14.53
CA ASN B 51 -10.48 49.85 13.70
C ASN B 51 -9.70 49.83 12.41
N ILE B 52 -10.38 50.02 11.27
CA ILE B 52 -9.68 50.09 10.00
C ILE B 52 -10.22 51.25 9.18
N VAL B 53 -9.42 52.31 9.15
CA VAL B 53 -9.83 53.58 8.54
C VAL B 53 -11.21 53.98 9.03
N GLY B 54 -11.38 54.05 10.34
CA GLY B 54 -12.63 54.45 10.96
C GLY B 54 -13.77 53.57 10.48
N LYS B 55 -13.59 52.26 10.58
CA LYS B 55 -14.66 51.29 10.40
C LYS B 55 -14.52 50.20 11.46
N ARG B 56 -15.57 50.05 12.25
CA ARG B 56 -15.55 49.14 13.37
C ARG B 56 -15.61 47.74 12.81
N VAL B 57 -14.55 46.95 13.01
CA VAL B 57 -14.54 45.56 12.54
C VAL B 57 -14.39 44.66 13.74
N THR B 58 -15.39 43.82 13.98
CA THR B 58 -15.41 42.99 15.18
C THR B 58 -15.11 41.56 14.79
N ILE B 59 -14.13 40.99 15.46
CA ILE B 59 -13.67 39.66 15.11
C ILE B 59 -14.13 38.60 16.11
N VAL B 60 -14.55 37.48 15.56
CA VAL B 60 -14.98 36.31 16.30
C VAL B 60 -13.78 35.37 16.37
N GLY B 61 -13.03 35.49 17.46
CA GLY B 61 -11.77 34.74 17.62
C GLY B 61 -11.88 33.61 18.61
N ASP B 62 -13.10 33.17 18.86
CA ASP B 62 -13.36 32.03 19.71
C ASP B 62 -14.02 30.92 18.88
N PRO B 63 -13.32 29.80 18.69
CA PRO B 63 -13.91 28.75 17.86
C PRO B 63 -15.21 28.15 18.42
N HIS B 64 -15.38 28.23 19.74
CA HIS B 64 -16.64 27.88 20.40
C HIS B 64 -17.80 28.67 19.85
N GLU B 65 -17.56 29.95 19.55
CA GLU B 65 -18.62 30.87 19.13
C GLU B 65 -18.77 30.98 17.59
N HIS B 66 -18.11 30.08 16.86
CA HIS B 66 -18.11 30.11 15.39
C HIS B 66 -19.52 30.11 14.78
N SER B 67 -20.41 29.26 15.31
CA SER B 67 -21.76 29.15 14.77
C SER B 67 -22.52 30.49 14.80
N ARG B 68 -22.13 31.39 15.70
CA ARG B 68 -22.75 32.71 15.79
C ARG B 68 -22.45 33.57 14.56
N PHE B 69 -21.27 33.36 13.95
CA PHE B 69 -20.93 33.95 12.65
C PHE B 69 -21.58 33.21 11.49
N PHE B 70 -21.49 31.87 11.48
CA PHE B 70 -21.85 31.12 10.28
C PHE B 70 -23.34 30.84 10.07
N LEU B 71 -24.15 30.82 11.13
CA LEU B 71 -25.58 30.40 11.03
C LEU B 71 -26.62 31.48 10.65
N PRO B 72 -26.55 32.69 11.22
CA PRO B 72 -27.60 33.66 10.93
C PRO B 72 -27.86 33.95 9.45
N ARG B 73 -29.13 34.13 9.09
CA ARG B 73 -29.54 34.38 7.72
C ARG B 73 -28.92 35.63 7.08
N ASN B 74 -28.90 35.63 5.76
CA ASN B 74 -28.42 36.78 4.97
C ASN B 74 -28.98 38.14 5.38
N GLU B 75 -30.18 38.15 5.92
CA GLU B 75 -30.85 39.40 6.29
C GLU B 75 -30.51 39.77 7.74
N VAL B 76 -29.37 39.28 8.22
CA VAL B 76 -28.85 39.64 9.54
C VAL B 76 -27.35 39.82 9.42
N LEU B 77 -26.71 38.87 8.73
CA LEU B 77 -25.29 38.95 8.34
C LEU B 77 -25.13 38.90 6.80
N SER B 78 -25.14 40.06 6.16
CA SER B 78 -25.09 40.13 4.69
C SER B 78 -23.66 40.11 4.16
N PRO B 79 -23.34 39.13 3.29
CA PRO B 79 -22.08 39.13 2.57
C PRO B 79 -22.09 40.03 1.32
N ARG B 80 -23.25 40.56 0.93
CA ARG B 80 -23.33 41.36 -0.30
C ARG B 80 -22.44 42.58 -0.21
N GLU B 81 -22.66 43.41 0.81
CA GLU B 81 -21.97 44.69 0.89
C GLU B 81 -20.43 44.52 0.91
N VAL B 82 -19.93 43.45 1.52
CA VAL B 82 -18.48 43.28 1.67
C VAL B 82 -17.78 42.64 0.47
N TYR B 83 -18.51 41.87 -0.33
CA TYR B 83 -17.92 41.22 -1.51
C TYR B 83 -18.33 41.98 -2.77
N SER B 84 -18.51 43.28 -2.62
CA SER B 84 -18.88 44.13 -3.73
C SER B 84 -17.73 44.23 -4.71
N PHE B 85 -16.52 44.26 -4.22
CA PHE B 85 -15.39 44.49 -5.09
C PHE B 85 -15.25 43.40 -6.16
N MET B 86 -15.85 42.24 -5.90
CA MET B 86 -15.82 41.12 -6.83
C MET B 86 -16.56 41.38 -8.13
N VAL B 87 -17.37 42.42 -8.16
CA VAL B 87 -18.23 42.68 -9.28
C VAL B 87 -17.46 42.62 -10.55
N PRO B 88 -16.28 43.19 -10.52
CA PRO B 88 -15.49 43.27 -11.69
C PRO B 88 -15.35 41.94 -12.34
N VAL B 89 -15.01 40.97 -11.54
CA VAL B 89 -14.98 39.62 -12.02
C VAL B 89 -16.36 39.12 -12.48
N PHE B 90 -17.35 39.23 -11.60
CA PHE B 90 -18.67 38.64 -11.81
C PHE B 90 -19.59 39.26 -12.84
N GLY B 91 -19.63 40.59 -12.90
CA GLY B 91 -20.60 41.27 -13.72
C GLY B 91 -21.55 42.10 -12.89
N GLU B 92 -22.20 43.05 -13.56
CA GLU B 92 -22.92 44.09 -12.84
C GLU B 92 -24.10 43.58 -12.04
N GLY B 93 -24.78 42.53 -12.49
CA GLY B 93 -25.96 42.08 -11.74
C GLY B 93 -25.85 40.74 -11.05
N VAL B 94 -24.66 40.21 -10.90
CA VAL B 94 -24.48 38.81 -10.62
C VAL B 94 -23.90 38.52 -9.27
N ALA B 95 -24.14 37.30 -8.78
CA ALA B 95 -23.61 36.88 -7.50
C ALA B 95 -24.01 37.88 -6.43
N TYR B 96 -23.05 38.44 -5.73
CA TYR B 96 -23.35 39.34 -4.64
C TYR B 96 -23.95 40.64 -5.13
N ALA B 97 -23.80 40.93 -6.42
CA ALA B 97 -24.47 42.11 -6.96
C ALA B 97 -25.99 41.98 -6.99
N ALA B 98 -26.51 40.77 -7.17
CA ALA B 98 -27.95 40.52 -7.34
C ALA B 98 -28.64 40.50 -6.00
N PRO B 99 -29.95 40.78 -5.97
CA PRO B 99 -30.75 40.63 -4.72
C PRO B 99 -30.74 39.20 -4.19
N TYR B 100 -30.87 39.01 -2.87
CA TYR B 100 -30.59 37.71 -2.23
C TYR B 100 -31.31 36.50 -2.87
N PRO B 101 -32.65 36.57 -3.11
CA PRO B 101 -33.34 35.44 -3.81
C PRO B 101 -32.60 35.05 -5.07
N ARG B 102 -32.37 36.02 -5.94
CA ARG B 102 -31.65 35.78 -7.18
C ARG B 102 -30.21 35.28 -6.97
N MET B 103 -29.48 35.96 -6.09
CA MET B 103 -28.15 35.49 -5.76
C MET B 103 -28.14 34.02 -5.41
N ARG B 104 -29.00 33.66 -4.47
CA ARG B 104 -29.08 32.29 -3.93
C ARG B 104 -29.39 31.25 -5.05
N GLU B 105 -30.27 31.58 -6.00
CA GLU B 105 -30.52 30.68 -7.14
C GLU B 105 -29.24 30.41 -7.96
N GLN B 106 -28.57 31.50 -8.31
CA GLN B 106 -27.35 31.44 -9.12
C GLN B 106 -26.36 30.49 -8.49
N LEU B 107 -25.98 30.78 -7.23
CA LEU B 107 -25.02 29.95 -6.50
C LEU B 107 -25.54 28.53 -6.35
N ASN B 108 -26.86 28.36 -6.34
CA ASN B 108 -27.40 27.01 -6.27
C ASN B 108 -27.07 26.29 -7.55
N PHE B 109 -27.27 26.93 -8.70
CA PHE B 109 -26.99 26.30 -9.98
C PHE B 109 -25.53 25.89 -10.15
N LEU B 110 -24.65 26.77 -9.69
CA LEU B 110 -23.23 26.47 -9.74
C LEU B 110 -22.91 25.29 -8.84
N ALA B 111 -23.36 25.37 -7.58
CA ALA B 111 -23.20 24.26 -6.64
C ALA B 111 -23.57 22.93 -7.27
N GLU B 112 -24.67 22.94 -7.99
CA GLU B 112 -25.17 21.75 -8.63
C GLU B 112 -24.24 21.22 -9.71
N GLU B 113 -23.40 22.09 -10.22
CA GLU B 113 -22.62 21.76 -11.39
C GLU B 113 -21.24 21.29 -10.93
N LEU B 114 -21.00 21.32 -9.62
CA LEU B 114 -19.79 20.76 -9.03
C LEU B 114 -20.07 19.72 -7.97
N THR B 115 -21.25 19.12 -7.95
CA THR B 115 -21.49 18.00 -7.07
C THR B 115 -20.75 16.81 -7.61
N ILE B 116 -20.47 15.85 -6.74
CA ILE B 116 -19.59 14.78 -7.13
C ILE B 116 -20.17 13.94 -8.30
N ALA B 117 -21.48 13.85 -8.44
CA ALA B 117 -22.07 13.11 -9.54
C ALA B 117 -21.62 13.60 -10.92
N LYS B 118 -21.08 14.81 -11.00
CA LYS B 118 -20.55 15.36 -12.27
C LYS B 118 -19.16 14.89 -12.62
N PHE B 119 -18.40 14.45 -11.63
CA PHE B 119 -16.98 14.21 -11.83
C PHE B 119 -16.82 12.90 -12.50
N GLN B 120 -17.59 12.66 -13.55
CA GLN B 120 -17.65 11.34 -14.13
C GLN B 120 -16.29 10.86 -14.61
N ASN B 121 -15.66 11.63 -15.46
CA ASN B 121 -14.40 11.19 -15.98
C ASN B 121 -13.40 12.29 -15.70
N PHE B 122 -13.64 13.02 -14.65
CA PHE B 122 -12.70 14.04 -14.28
C PHE B 122 -11.35 13.40 -14.02
N VAL B 123 -11.31 12.31 -13.28
CA VAL B 123 -10.01 11.88 -12.81
C VAL B 123 -8.99 11.54 -13.86
N PRO B 124 -9.38 10.81 -14.91
CA PRO B 124 -8.38 10.62 -15.96
C PRO B 124 -8.07 11.91 -16.69
N ALA B 125 -9.05 12.79 -16.83
CA ALA B 125 -8.80 14.12 -17.41
C ALA B 125 -7.72 14.90 -16.63
N ILE B 126 -7.78 14.87 -15.31
CA ILE B 126 -6.77 15.51 -14.49
C ILE B 126 -5.42 14.76 -14.58
N GLN B 127 -5.44 13.44 -14.52
CA GLN B 127 -4.18 12.68 -14.67
C GLN B 127 -3.51 12.96 -16.00
N HIS B 128 -4.33 13.08 -17.05
CA HIS B 128 -3.85 13.41 -18.38
C HIS B 128 -3.13 14.77 -18.43
N GLU B 129 -3.74 15.84 -17.92
CA GLU B 129 -3.10 17.15 -17.92
C GLU B 129 -1.85 17.17 -17.03
N VAL B 130 -1.93 16.56 -15.87
CA VAL B 130 -0.75 16.47 -15.02
C VAL B 130 0.39 15.74 -15.73
N ARG B 131 0.20 14.46 -16.04
CA ARG B 131 1.21 13.68 -16.77
C ARG B 131 1.76 14.45 -18.00
N LYS B 132 0.87 15.12 -18.75
CA LYS B 132 1.30 15.83 -19.95
C LYS B 132 2.14 17.10 -19.63
N PHE B 133 1.77 17.82 -18.58
CA PHE B 133 2.57 18.93 -18.10
C PHE B 133 3.92 18.41 -17.63
N MET B 134 3.91 17.25 -16.97
CA MET B 134 5.14 16.70 -16.39
C MET B 134 6.09 16.22 -17.48
N ALA B 135 5.56 15.84 -18.63
CA ALA B 135 6.41 15.46 -19.78
C ALA B 135 6.95 16.63 -20.60
N ALA B 136 6.44 17.83 -20.34
CA ALA B 136 6.95 19.02 -21.05
C ALA B 136 7.99 19.73 -20.20
N ASN B 137 7.80 19.76 -18.89
CA ASN B 137 8.63 20.58 -18.04
C ASN B 137 9.36 19.85 -16.94
N TRP B 138 9.01 18.60 -16.67
CA TRP B 138 9.70 17.84 -15.63
C TRP B 138 10.36 16.63 -16.27
N ASP B 139 11.03 16.86 -17.41
CA ASP B 139 11.37 15.80 -18.35
C ASP B 139 12.81 15.31 -18.28
N LYS B 140 13.57 15.72 -17.27
CA LYS B 140 14.98 15.34 -17.16
C LYS B 140 15.18 14.46 -15.92
N ASP B 141 16.36 13.92 -15.71
CA ASP B 141 16.56 13.10 -14.51
C ASP B 141 16.49 13.95 -13.25
N GLU B 142 16.85 15.23 -13.37
CA GLU B 142 16.78 16.22 -12.27
C GLU B 142 16.50 17.57 -12.92
N GLY B 143 16.00 18.52 -12.12
CA GLY B 143 15.71 19.83 -12.63
C GLY B 143 15.15 20.77 -11.59
N GLU B 144 15.26 22.05 -11.86
CA GLU B 144 14.84 23.09 -10.93
C GLU B 144 13.64 23.81 -11.53
N ILE B 145 12.72 24.21 -10.67
CA ILE B 145 11.44 24.78 -11.08
C ILE B 145 10.87 25.65 -9.97
N ASN B 146 9.92 26.52 -10.30
CA ASN B 146 9.14 27.15 -9.23
C ASN B 146 7.86 26.34 -8.99
N LEU B 147 7.72 25.80 -7.78
CA LEU B 147 6.64 24.86 -7.52
C LEU B 147 5.26 25.56 -7.48
N LEU B 148 5.16 26.74 -6.89
CA LEU B 148 3.89 27.51 -6.86
C LEU B 148 3.38 27.85 -8.26
N GLU B 149 4.22 28.45 -9.11
CA GLU B 149 3.91 28.58 -10.54
C GLU B 149 3.41 27.30 -11.22
N ASP B 150 4.19 26.23 -11.13
CA ASP B 150 3.80 24.94 -11.79
C ASP B 150 2.53 24.31 -11.29
N CYS B 151 2.35 24.30 -9.98
CA CYS B 151 1.08 23.88 -9.41
C CYS B 151 -0.06 24.73 -9.91
N SER B 152 0.11 26.05 -10.00
CA SER B 152 -0.98 26.90 -10.56
C SER B 152 -1.30 26.56 -12.00
N THR B 153 -0.25 26.22 -12.77
CA THR B 153 -0.46 25.93 -14.21
C THR B 153 -1.25 24.63 -14.27
N MET B 154 -0.87 23.68 -13.42
CA MET B 154 -1.55 22.39 -13.42
C MET B 154 -3.01 22.53 -13.00
N ILE B 155 -3.30 23.35 -12.00
CA ILE B 155 -4.69 23.59 -11.60
C ILE B 155 -5.56 24.22 -12.72
N ILE B 156 -5.09 25.27 -13.37
CA ILE B 156 -5.89 25.89 -14.42
C ILE B 156 -6.13 24.89 -15.53
N ASN B 157 -5.09 24.14 -15.88
CA ASN B 157 -5.19 23.12 -16.93
C ASN B 157 -6.26 22.08 -16.60
N THR B 158 -6.13 21.42 -15.46
CA THR B 158 -7.07 20.39 -15.06
C THR B 158 -8.49 20.92 -14.85
N ALA B 159 -8.59 22.12 -14.26
CA ALA B 159 -9.89 22.71 -14.10
C ALA B 159 -10.57 22.81 -15.48
N CYS B 160 -9.88 23.36 -16.48
CA CYS B 160 -10.49 23.56 -17.78
C CYS B 160 -10.86 22.21 -18.41
N GLN B 161 -10.00 21.22 -18.26
CA GLN B 161 -10.23 19.92 -18.90
C GLN B 161 -11.46 19.27 -18.30
N CYS B 162 -11.67 19.50 -17.02
CA CYS B 162 -12.84 18.99 -16.38
C CYS B 162 -14.07 19.76 -16.79
N LEU B 163 -14.03 21.08 -16.76
CA LEU B 163 -15.26 21.86 -16.88
C LEU B 163 -15.68 22.27 -18.29
N PHE B 164 -14.79 22.16 -19.27
CA PHE B 164 -15.13 22.59 -20.61
C PHE B 164 -15.04 21.45 -21.61
N GLY B 165 -16.00 21.42 -22.53
CA GLY B 165 -15.98 20.49 -23.64
C GLY B 165 -14.91 20.85 -24.65
N GLU B 166 -14.53 19.88 -25.44
CA GLU B 166 -13.54 20.07 -26.47
C GLU B 166 -13.81 21.34 -27.27
N ASP B 167 -15.01 21.42 -27.84
CA ASP B 167 -15.32 22.52 -28.75
C ASP B 167 -14.90 23.88 -28.14
N LEU B 168 -15.23 24.10 -26.88
CA LEU B 168 -14.79 25.27 -26.17
C LEU B 168 -13.28 25.30 -26.03
N ARG B 169 -12.70 24.24 -25.51
CA ARG B 169 -11.25 24.21 -25.36
C ARG B 169 -10.49 24.48 -26.70
N LYS B 170 -11.10 24.22 -27.84
CA LYS B 170 -10.47 24.51 -29.14
C LYS B 170 -10.48 25.99 -29.53
N ARG B 171 -11.40 26.76 -28.95
CA ARG B 171 -11.46 28.19 -29.19
C ARG B 171 -10.71 28.89 -28.09
N LEU B 172 -10.62 28.24 -26.94
CA LEU B 172 -10.15 28.90 -25.76
C LEU B 172 -9.48 27.94 -24.76
N ASP B 173 -8.17 27.78 -24.91
CA ASP B 173 -7.43 26.81 -24.10
C ASP B 173 -7.04 27.43 -22.77
N ALA B 174 -6.50 26.61 -21.87
CA ALA B 174 -6.24 27.07 -20.53
C ALA B 174 -5.21 28.21 -20.51
N ARG B 175 -4.26 28.18 -21.44
CA ARG B 175 -3.21 29.22 -21.48
C ARG B 175 -3.87 30.57 -21.70
N ARG B 176 -4.69 30.64 -22.73
CA ARG B 176 -5.48 31.84 -23.03
C ARG B 176 -6.46 32.13 -21.93
N PHE B 177 -7.05 31.10 -21.35
CA PHE B 177 -8.04 31.34 -20.29
C PHE B 177 -7.41 31.97 -19.07
N ALA B 178 -6.25 31.47 -18.71
CA ALA B 178 -5.50 31.96 -17.59
C ALA B 178 -5.25 33.44 -17.71
N GLN B 179 -4.97 33.90 -18.92
CA GLN B 179 -4.66 35.28 -19.19
C GLN B 179 -5.86 36.14 -19.11
N LEU B 180 -6.97 35.69 -19.71
CA LEU B 180 -8.18 36.48 -19.58
C LEU B 180 -8.52 36.57 -18.10
N LEU B 181 -8.29 35.49 -17.36
CA LEU B 181 -8.50 35.58 -15.94
C LEU B 181 -7.58 36.56 -15.27
N ALA B 182 -6.29 36.53 -15.62
CA ALA B 182 -5.32 37.41 -14.97
C ALA B 182 -5.68 38.90 -15.19
N LYS B 183 -6.31 39.18 -16.32
CA LYS B 183 -6.61 40.52 -16.72
C LYS B 183 -7.70 41.04 -15.81
N MET B 184 -8.68 40.19 -15.51
CA MET B 184 -9.76 40.56 -14.60
C MET B 184 -9.32 40.80 -13.15
N GLU B 185 -8.35 40.02 -12.66
CA GLU B 185 -7.87 40.27 -11.29
C GLU B 185 -7.22 41.61 -11.21
N SER B 186 -6.53 42.01 -12.28
CA SER B 186 -5.72 43.22 -12.20
C SER B 186 -6.58 44.40 -11.79
N SER B 187 -7.86 44.38 -12.14
CA SER B 187 -8.76 45.47 -11.81
C SER B 187 -9.59 45.21 -10.54
N LEU B 188 -9.05 44.43 -9.60
CA LEU B 188 -9.74 44.13 -8.34
C LEU B 188 -9.10 44.93 -7.22
N ILE B 189 -9.93 45.67 -6.47
CA ILE B 189 -9.49 46.58 -5.39
C ILE B 189 -10.12 46.18 -4.04
N PRO B 190 -9.42 45.34 -3.23
CA PRO B 190 -9.98 44.92 -1.93
C PRO B 190 -10.14 46.02 -0.85
N ALA B 191 -9.60 47.22 -1.10
CA ALA B 191 -9.79 48.33 -0.17
C ALA B 191 -11.23 48.84 -0.21
N ALA B 192 -12.00 48.42 -1.21
CA ALA B 192 -13.42 48.79 -1.29
C ALA B 192 -14.29 48.20 -0.18
N VAL B 193 -13.80 47.15 0.50
CA VAL B 193 -14.48 46.58 1.68
C VAL B 193 -14.56 47.63 2.80
N PHE B 194 -13.47 48.36 2.98
CA PHE B 194 -13.31 49.31 4.08
C PHE B 194 -13.50 50.75 3.63
N LEU B 195 -13.18 51.04 2.36
CA LEU B 195 -13.48 52.32 1.70
C LEU B 195 -14.48 52.16 0.53
N PRO B 196 -15.80 52.28 0.83
CA PRO B 196 -16.84 51.95 -0.15
C PRO B 196 -16.85 52.83 -1.40
N ILE B 197 -16.68 54.14 -1.24
CA ILE B 197 -16.63 55.09 -2.37
C ILE B 197 -15.77 54.59 -3.56
N LEU B 198 -14.83 53.69 -3.27
CA LEU B 198 -13.95 53.09 -4.28
C LEU B 198 -14.65 52.15 -5.30
N LEU B 199 -15.77 51.54 -4.89
CA LEU B 199 -16.56 50.69 -5.79
C LEU B 199 -17.25 51.52 -6.89
N LYS B 200 -17.44 52.81 -6.63
CA LYS B 200 -18.07 53.72 -7.57
C LYS B 200 -17.05 54.57 -8.35
N LEU B 201 -15.76 54.40 -8.05
CA LEU B 201 -14.70 55.16 -8.71
C LEU B 201 -13.94 54.37 -9.78
N PRO B 202 -13.70 55.00 -10.94
CA PRO B 202 -12.91 54.42 -12.02
C PRO B 202 -11.45 54.81 -11.87
N LEU B 203 -10.59 53.80 -11.83
CA LEU B 203 -9.20 53.96 -11.42
C LEU B 203 -8.27 53.42 -12.53
N PRO B 204 -6.93 53.39 -12.29
CA PRO B 204 -5.99 52.89 -13.30
C PRO B 204 -6.42 51.69 -14.16
N GLN B 205 -6.79 50.56 -13.56
CA GLN B 205 -7.03 49.31 -14.35
C GLN B 205 -8.49 48.76 -14.42
N SER B 206 -9.45 49.61 -14.06
CA SER B 206 -10.89 49.27 -14.16
C SER B 206 -11.29 48.65 -15.48
N ALA B 207 -10.77 49.20 -16.57
CA ALA B 207 -11.27 48.85 -17.90
C ALA B 207 -10.86 47.46 -18.27
N ARG B 208 -9.66 47.07 -17.86
CA ARG B 208 -9.01 45.87 -18.40
C ARG B 208 -9.85 44.59 -18.22
N CYS B 209 -10.56 44.46 -17.11
CA CYS B 209 -11.36 43.27 -16.96
C CYS B 209 -12.55 43.32 -17.85
N HIS B 210 -13.09 44.51 -18.08
CA HIS B 210 -14.24 44.65 -18.97
C HIS B 210 -13.92 44.24 -20.40
N GLU B 211 -12.67 44.35 -20.82
CA GLU B 211 -12.29 43.88 -22.16
C GLU B 211 -12.09 42.36 -22.16
N ALA B 212 -11.45 41.82 -21.12
CA ALA B 212 -11.36 40.37 -20.98
C ALA B 212 -12.74 39.71 -20.92
N ARG B 213 -13.65 40.32 -20.17
CA ARG B 213 -15.01 39.80 -20.00
C ARG B 213 -15.78 39.76 -21.33
N THR B 214 -15.63 40.80 -22.15
CA THR B 214 -16.27 40.78 -23.44
C THR B 214 -15.56 39.87 -24.42
N GLU B 215 -14.27 39.60 -24.26
CA GLU B 215 -13.64 38.64 -25.14
C GLU B 215 -14.24 37.26 -24.83
N LEU B 216 -14.29 36.92 -23.56
CA LEU B 216 -14.81 35.65 -23.14
C LEU B 216 -16.23 35.42 -23.62
N GLN B 217 -17.10 36.42 -23.45
CA GLN B 217 -18.51 36.30 -23.88
C GLN B 217 -18.69 36.16 -25.35
N LYS B 218 -17.93 36.92 -26.13
CA LYS B 218 -17.88 36.73 -27.58
C LYS B 218 -17.73 35.25 -27.89
N ILE B 219 -16.69 34.63 -27.35
CA ILE B 219 -16.42 33.22 -27.59
C ILE B 219 -17.51 32.25 -27.14
N LEU B 220 -18.01 32.42 -25.91
CA LEU B 220 -19.10 31.58 -25.42
C LEU B 220 -20.31 31.69 -26.36
N SER B 221 -20.74 32.90 -26.68
CA SER B 221 -21.84 33.07 -27.64
C SER B 221 -21.60 32.32 -28.98
N GLU B 222 -20.39 32.34 -29.51
CA GLU B 222 -20.07 31.65 -30.79
C GLU B 222 -20.11 30.13 -30.64
N ILE B 223 -19.76 29.69 -29.45
CA ILE B 223 -19.75 28.28 -29.13
C ILE B 223 -21.20 27.79 -29.02
N ILE B 224 -22.06 28.62 -28.43
CA ILE B 224 -23.44 28.21 -28.20
C ILE B 224 -24.17 28.14 -29.52
N ILE B 225 -23.91 29.10 -30.39
CA ILE B 225 -24.53 29.08 -31.71
C ILE B 225 -24.12 27.85 -32.47
N ALA B 226 -22.82 27.52 -32.44
CA ALA B 226 -22.32 26.32 -33.12
C ALA B 226 -22.95 25.07 -32.53
N ARG B 227 -23.19 25.06 -31.21
CA ARG B 227 -23.67 23.89 -30.47
C ARG B 227 -25.15 23.66 -30.79
N LYS B 228 -25.88 24.75 -30.99
CA LYS B 228 -27.29 24.69 -31.34
C LYS B 228 -27.49 24.19 -32.75
N ALA B 229 -26.60 24.55 -33.66
CA ALA B 229 -26.72 24.13 -35.03
C ALA B 229 -26.44 22.65 -35.14
N ALA B 230 -25.50 22.18 -34.36
CA ALA B 230 -25.07 20.79 -34.39
C ALA B 230 -26.09 19.89 -33.68
N ALA B 231 -26.91 20.49 -32.81
CA ALA B 231 -27.98 19.78 -32.07
C ALA B 231 -29.24 19.45 -32.90
N VAL B 232 -29.44 20.21 -33.97
CA VAL B 232 -30.53 19.96 -34.89
C VAL B 232 -30.39 18.56 -35.45
N ASN B 233 -29.24 18.26 -36.04
CA ASN B 233 -29.05 16.94 -36.66
C ASN B 233 -28.82 15.80 -35.68
N LYS B 234 -27.95 16.02 -34.71
CA LYS B 234 -27.60 15.00 -33.73
C LYS B 234 -27.71 15.63 -32.37
N ASP B 235 -27.98 14.88 -31.33
CA ASP B 235 -28.07 15.55 -30.06
C ASP B 235 -26.97 15.09 -29.18
N SER B 236 -26.58 16.01 -28.33
CA SER B 236 -25.40 15.94 -27.51
C SER B 236 -25.38 14.75 -26.57
N SER B 237 -24.21 14.14 -26.48
CA SER B 237 -23.95 13.06 -25.57
C SER B 237 -23.18 13.61 -24.37
N THR B 238 -22.81 14.88 -24.41
CA THR B 238 -21.92 15.44 -23.41
C THR B 238 -22.51 16.66 -22.75
N SER B 239 -21.99 16.96 -21.58
CA SER B 239 -22.41 18.14 -20.87
C SER B 239 -21.16 18.70 -20.22
N ASP B 240 -21.21 19.99 -19.88
CA ASP B 240 -20.08 20.66 -19.26
C ASP B 240 -20.65 21.74 -18.40
N LEU B 241 -19.80 22.61 -17.88
CA LEU B 241 -20.26 23.72 -17.05
C LEU B 241 -21.20 24.63 -17.83
N LEU B 242 -20.82 24.89 -19.07
CA LEU B 242 -21.63 25.77 -19.88
C LEU B 242 -23.03 25.20 -20.13
N SER B 243 -23.09 23.97 -20.66
CA SER B 243 -24.38 23.38 -21.04
C SER B 243 -25.28 23.26 -19.81
N GLY B 244 -24.67 22.99 -18.66
CA GLY B 244 -25.42 22.90 -17.43
C GLY B 244 -26.05 24.20 -17.05
N LEU B 245 -25.26 25.27 -17.03
CA LEU B 245 -25.78 26.59 -16.65
C LEU B 245 -26.76 27.11 -17.69
N LEU B 246 -26.48 26.82 -18.96
CA LEU B 246 -27.39 27.20 -20.06
C LEU B 246 -28.76 26.57 -19.98
N SER B 247 -28.90 25.56 -19.16
CA SER B 247 -30.16 24.86 -19.10
C SER B 247 -30.78 24.99 -17.71
N ALA B 248 -30.27 25.91 -16.91
CA ALA B 248 -30.89 26.26 -15.66
C ALA B 248 -32.04 27.21 -15.94
N VAL B 249 -33.02 27.20 -15.05
CA VAL B 249 -34.22 27.97 -15.15
C VAL B 249 -34.49 28.39 -13.74
N TYR B 250 -34.68 29.68 -13.53
CA TYR B 250 -34.99 30.16 -12.22
C TYR B 250 -36.40 29.70 -11.80
N ARG B 251 -36.77 29.95 -10.55
CA ARG B 251 -38.14 29.65 -10.08
C ARG B 251 -39.21 30.37 -10.90
N ASP B 252 -38.91 31.55 -11.41
CA ASP B 252 -39.90 32.35 -12.13
C ASP B 252 -40.04 31.91 -13.57
N GLY B 253 -39.22 30.96 -13.99
CA GLY B 253 -39.36 30.38 -15.32
C GLY B 253 -38.42 30.88 -16.39
N THR B 254 -37.66 31.94 -16.12
CA THR B 254 -36.69 32.45 -17.09
C THR B 254 -35.30 31.79 -17.00
N PRO B 255 -34.61 31.67 -18.15
CA PRO B 255 -33.22 31.21 -18.16
C PRO B 255 -32.27 32.34 -17.82
N MET B 256 -30.99 32.00 -17.72
CA MET B 256 -29.95 33.00 -17.48
C MET B 256 -29.50 33.69 -18.77
N SER B 257 -29.21 34.97 -18.67
CA SER B 257 -28.54 35.67 -19.76
C SER B 257 -27.11 35.14 -19.88
N LEU B 258 -26.49 35.44 -21.01
CA LEU B 258 -25.10 35.04 -21.22
C LEU B 258 -24.22 35.72 -20.20
N HIS B 259 -24.56 36.97 -19.91
CA HIS B 259 -23.87 37.74 -18.93
C HIS B 259 -23.79 36.98 -17.61
N GLU B 260 -24.89 36.47 -17.12
CA GLU B 260 -24.87 35.76 -15.84
C GLU B 260 -24.14 34.39 -15.96
N VAL B 261 -24.37 33.69 -17.06
CA VAL B 261 -23.71 32.39 -17.26
C VAL B 261 -22.20 32.61 -17.23
N CYS B 262 -21.79 33.65 -17.93
CA CYS B 262 -20.38 33.93 -18.05
C CYS B 262 -19.80 34.30 -16.69
N GLY B 263 -20.60 35.01 -15.89
CA GLY B 263 -20.21 35.42 -14.55
C GLY B 263 -20.00 34.21 -13.69
N MET B 264 -20.96 33.29 -13.74
CA MET B 264 -20.86 32.07 -12.97
C MET B 264 -19.60 31.31 -13.34
N ILE B 265 -19.28 31.20 -14.63
CA ILE B 265 -18.06 30.52 -15.04
C ILE B 265 -16.78 31.17 -14.51
N VAL B 266 -16.67 32.49 -14.56
CA VAL B 266 -15.41 33.07 -14.08
C VAL B 266 -15.33 33.06 -12.56
N ALA B 267 -16.45 33.21 -11.87
CA ALA B 267 -16.49 32.98 -10.41
C ALA B 267 -15.95 31.61 -10.06
N ALA B 268 -16.44 30.59 -10.76
CA ALA B 268 -15.96 29.24 -10.54
C ALA B 268 -14.44 29.18 -10.68
N MET B 269 -13.93 29.61 -11.82
CA MET B 269 -12.52 29.47 -12.09
C MET B 269 -11.72 30.29 -11.10
N PHE B 270 -12.14 31.53 -10.89
CA PHE B 270 -11.42 32.46 -10.02
C PHE B 270 -11.29 31.98 -8.59
N ALA B 271 -12.40 31.47 -8.05
CA ALA B 271 -12.48 31.02 -6.68
C ALA B 271 -11.55 29.87 -6.44
N GLY B 272 -11.49 28.98 -7.41
CA GLY B 272 -10.67 27.78 -7.27
C GLY B 272 -9.21 27.97 -7.65
N GLN B 273 -8.95 28.93 -8.54
CA GLN B 273 -7.64 29.01 -9.18
C GLN B 273 -6.51 29.03 -8.16
N HIS B 274 -6.43 30.06 -7.32
CA HIS B 274 -5.34 30.13 -6.35
C HIS B 274 -5.47 29.26 -5.12
N THR B 275 -6.65 29.22 -4.53
CA THR B 275 -6.89 28.37 -3.36
C THR B 275 -6.43 26.93 -3.56
N SER B 276 -6.86 26.34 -4.67
CA SER B 276 -6.47 24.97 -5.01
C SER B 276 -4.99 24.82 -5.31
N SER B 277 -4.41 25.86 -5.89
CA SER B 277 -3.01 25.83 -6.27
C SER B 277 -2.11 25.92 -5.09
N ILE B 278 -2.39 26.92 -4.28
CA ILE B 278 -1.70 27.14 -3.01
C ILE B 278 -1.73 25.91 -2.09
N THR B 279 -2.91 25.33 -1.91
CA THR B 279 -3.06 24.16 -1.08
C THR B 279 -2.14 23.06 -1.55
N THR B 280 -2.12 22.85 -2.85
CA THR B 280 -1.34 21.81 -3.50
C THR B 280 0.16 22.04 -3.31
N THR B 281 0.56 23.30 -3.36
CA THR B 281 1.96 23.67 -3.24
C THR B 281 2.46 23.55 -1.80
N TRP B 282 1.76 24.16 -0.86
CA TRP B 282 2.03 23.92 0.56
C TRP B 282 2.12 22.43 0.87
N SER B 283 1.17 21.67 0.36
CA SER B 283 1.14 20.25 0.67
C SER B 283 2.41 19.56 0.21
N MET B 284 2.80 19.84 -1.02
CA MET B 284 4.01 19.25 -1.57
C MET B 284 5.24 19.74 -0.86
N LEU B 285 5.22 21.02 -0.49
CA LEU B 285 6.31 21.64 0.25
C LEU B 285 6.51 20.94 1.56
N HIS B 286 5.42 20.77 2.32
CA HIS B 286 5.51 20.06 3.59
C HIS B 286 6.07 18.61 3.40
N LEU B 287 5.48 17.84 2.49
CA LEU B 287 5.89 16.44 2.35
C LEU B 287 7.33 16.18 1.85
N MET B 288 7.97 17.17 1.22
CA MET B 288 9.34 16.97 0.70
C MET B 288 10.42 17.32 1.74
N HIS B 289 10.05 18.06 2.77
CA HIS B 289 10.99 18.48 3.83
C HIS B 289 11.42 17.30 4.70
N PRO B 290 12.73 17.12 4.91
CA PRO B 290 13.26 15.99 5.73
C PRO B 290 12.45 15.68 7.01
N ALA B 291 12.23 16.71 7.84
CA ALA B 291 11.39 16.64 9.07
C ALA B 291 10.01 15.94 8.99
N ASN B 292 9.42 15.80 7.80
CA ASN B 292 8.16 15.08 7.65
C ASN B 292 8.35 13.83 6.80
N VAL B 293 9.54 13.21 6.82
CA VAL B 293 9.70 11.95 6.11
C VAL B 293 8.58 10.96 6.54
N LYS B 294 8.32 10.87 7.84
CA LYS B 294 7.23 10.01 8.37
C LYS B 294 5.97 10.13 7.53
N HIS B 295 5.53 11.37 7.31
CA HIS B 295 4.29 11.60 6.56
C HIS B 295 4.42 11.27 5.07
N LEU B 296 5.56 11.62 4.48
CA LEU B 296 5.78 11.26 3.10
C LEU B 296 5.61 9.75 2.92
N GLU B 297 6.26 8.96 3.77
CA GLU B 297 6.15 7.50 3.65
C GLU B 297 4.69 7.06 3.73
N ALA B 298 3.95 7.63 4.67
CA ALA B 298 2.52 7.31 4.77
C ALA B 298 1.82 7.58 3.45
N LEU B 299 2.20 8.68 2.80
CA LEU B 299 1.66 8.99 1.50
C LEU B 299 2.06 7.95 0.47
N ARG B 300 3.32 7.60 0.44
CA ARG B 300 3.73 6.66 -0.58
C ARG B 300 3.06 5.33 -0.35
N LYS B 301 2.92 4.92 0.90
CA LYS B 301 2.22 3.66 1.16
C LYS B 301 0.81 3.78 0.60
N GLU B 302 0.07 4.83 1.00
CA GLU B 302 -1.28 5.03 0.42
C GLU B 302 -1.24 4.98 -1.11
N ILE B 303 -0.32 5.77 -1.71
CA ILE B 303 -0.12 5.77 -3.16
C ILE B 303 0.33 4.41 -3.72
N GLU B 304 1.34 3.77 -3.13
CA GLU B 304 1.97 2.57 -3.76
C GLU B 304 0.89 1.57 -4.11
N GLU B 305 -0.28 1.69 -3.49
CA GLU B 305 -1.32 0.69 -3.66
C GLU B 305 -2.15 0.81 -4.96
N PHE B 306 -2.06 1.90 -5.70
CA PHE B 306 -3.04 2.11 -6.75
C PHE B 306 -2.59 1.60 -8.11
N PRO B 307 -3.54 1.40 -9.03
CA PRO B 307 -3.21 1.21 -10.43
C PRO B 307 -2.63 2.46 -11.09
N ALA B 308 -2.17 2.29 -12.33
CA ALA B 308 -1.62 3.41 -13.10
C ALA B 308 -2.69 4.48 -13.26
N GLN B 309 -3.76 4.11 -13.96
CA GLN B 309 -4.89 4.98 -14.25
C GLN B 309 -5.71 5.09 -13.01
N LEU B 310 -5.74 6.27 -12.41
CA LEU B 310 -6.52 6.47 -11.21
C LEU B 310 -7.94 6.67 -11.65
N ASN B 311 -8.88 6.29 -10.80
CA ASN B 311 -10.29 6.51 -11.04
C ASN B 311 -10.93 7.36 -9.95
N TYR B 312 -12.19 7.72 -10.15
CA TYR B 312 -12.97 8.52 -9.17
C TYR B 312 -12.86 7.99 -7.73
N ASN B 313 -13.19 6.72 -7.54
CA ASN B 313 -13.20 6.09 -6.19
C ASN B 313 -11.89 6.08 -5.44
N ASN B 314 -10.80 5.94 -6.18
CA ASN B 314 -9.47 5.94 -5.62
C ASN B 314 -9.24 7.27 -4.91
N VAL B 315 -9.34 8.35 -5.69
CA VAL B 315 -9.02 9.65 -5.15
C VAL B 315 -10.14 10.17 -4.27
N MET B 316 -11.40 9.94 -4.65
CA MET B 316 -12.50 10.50 -3.87
C MET B 316 -12.71 9.74 -2.58
N ASP B 317 -12.65 8.41 -2.60
CA ASP B 317 -13.00 7.65 -1.40
C ASP B 317 -11.85 6.84 -0.76
N GLU B 318 -10.82 6.52 -1.55
CA GLU B 318 -9.74 5.64 -1.09
C GLU B 318 -8.39 6.31 -0.78
N MET B 319 -8.39 7.64 -0.52
CA MET B 319 -7.16 8.40 -0.18
C MET B 319 -7.29 9.31 1.05
N PRO B 320 -7.61 8.73 2.21
CA PRO B 320 -7.78 9.51 3.43
C PRO B 320 -6.58 10.32 3.79
N PHE B 321 -5.40 9.73 3.61
CA PHE B 321 -4.18 10.38 4.08
C PHE B 321 -3.82 11.59 3.22
N ALA B 322 -3.83 11.42 1.91
CA ALA B 322 -3.60 12.56 1.05
C ALA B 322 -4.53 13.69 1.45
N GLU B 323 -5.79 13.34 1.69
CA GLU B 323 -6.73 14.37 2.08
C GLU B 323 -6.36 15.03 3.41
N ARG B 324 -5.87 14.25 4.36
CA ARG B 324 -5.43 14.83 5.63
C ARG B 324 -4.33 15.89 5.46
N CYS B 325 -3.39 15.61 4.57
CA CYS B 325 -2.29 16.52 4.26
C CYS B 325 -2.87 17.80 3.66
N ALA B 326 -3.85 17.63 2.77
CA ALA B 326 -4.48 18.77 2.14
C ALA B 326 -5.15 19.67 3.18
N ARG B 327 -6.04 19.10 3.98
CA ARG B 327 -6.74 19.89 4.99
C ARG B 327 -5.76 20.49 5.98
N GLU B 328 -4.70 19.78 6.34
CA GLU B 328 -3.78 20.31 7.36
C GLU B 328 -2.99 21.49 6.82
N SER B 329 -2.68 21.45 5.51
CA SER B 329 -2.03 22.59 4.87
C SER B 329 -2.94 23.82 4.98
N ILE B 330 -4.21 23.63 4.64
CA ILE B 330 -5.22 24.69 4.73
C ILE B 330 -5.43 25.08 6.16
N ARG B 331 -5.31 24.10 7.05
CA ARG B 331 -5.39 24.40 8.48
C ARG B 331 -4.23 25.29 8.87
N ARG B 332 -2.99 24.84 8.65
CA ARG B 332 -1.83 25.67 9.05
C ARG B 332 -1.81 27.02 8.39
N ASP B 333 -2.17 27.09 7.12
CA ASP B 333 -2.03 28.36 6.35
C ASP B 333 -3.20 28.57 5.42
N PRO B 334 -4.31 29.08 5.99
CA PRO B 334 -5.51 29.19 5.21
C PRO B 334 -5.33 30.22 4.13
N PRO B 335 -5.77 29.92 2.91
CA PRO B 335 -5.69 30.83 1.78
C PRO B 335 -6.51 32.07 1.91
N LEU B 336 -7.62 31.94 2.61
CA LEU B 336 -8.47 33.07 2.92
C LEU B 336 -8.36 33.33 4.41
N LEU B 337 -7.78 34.47 4.75
CA LEU B 337 -7.44 34.82 6.14
C LEU B 337 -8.63 35.13 7.00
N MET B 338 -9.65 35.70 6.36
CA MET B 338 -10.66 36.45 7.02
C MET B 338 -11.96 36.45 6.25
N LEU B 339 -12.98 35.79 6.79
CA LEU B 339 -14.32 35.78 6.22
C LEU B 339 -15.10 36.86 6.91
N MET B 340 -15.93 37.58 6.16
CA MET B 340 -16.61 38.74 6.69
C MET B 340 -18.06 38.77 6.34
N ARG B 341 -18.86 39.46 7.15
CA ARG B 341 -20.23 39.85 6.79
C ARG B 341 -20.47 41.24 7.33
N LYS B 342 -21.47 41.92 6.76
CA LYS B 342 -21.93 43.20 7.31
C LYS B 342 -23.07 42.86 8.26
N VAL B 343 -23.05 43.42 9.47
CA VAL B 343 -24.10 43.22 10.45
C VAL B 343 -25.28 44.15 10.13
N MET B 344 -26.41 43.55 9.82
CA MET B 344 -27.59 44.26 9.38
C MET B 344 -28.52 44.59 10.55
N ALA B 345 -28.23 44.03 11.72
CA ALA B 345 -29.02 44.28 12.92
C ALA B 345 -28.28 43.72 14.12
N ASP B 346 -28.36 44.39 15.26
CA ASP B 346 -27.63 43.96 16.44
C ASP B 346 -27.77 42.44 16.58
N VAL B 347 -26.65 41.80 16.86
CA VAL B 347 -26.62 40.35 16.92
C VAL B 347 -25.90 39.95 18.17
N LYS B 348 -26.42 38.93 18.84
CA LYS B 348 -25.82 38.42 20.06
C LYS B 348 -24.68 37.52 19.66
N VAL B 349 -23.56 37.62 20.38
CA VAL B 349 -22.35 36.85 20.10
C VAL B 349 -21.57 36.76 21.41
N GLY B 350 -21.27 35.54 21.85
CA GLY B 350 -20.60 35.33 23.14
C GLY B 350 -21.30 36.09 24.25
N SER B 351 -20.54 36.77 25.09
CA SER B 351 -21.12 37.61 26.12
C SER B 351 -21.70 38.89 25.52
N TYR B 352 -21.16 39.30 24.38
CA TYR B 352 -21.33 40.68 23.91
C TYR B 352 -22.43 40.83 22.88
N VAL B 353 -22.60 42.06 22.46
CA VAL B 353 -23.54 42.33 21.40
C VAL B 353 -22.82 43.06 20.31
N VAL B 354 -22.99 42.62 19.08
CA VAL B 354 -22.39 43.35 18.00
C VAL B 354 -23.43 44.21 17.30
N PRO B 355 -23.19 45.51 17.31
CA PRO B 355 -24.12 46.52 16.84
C PRO B 355 -24.28 46.55 15.34
N LYS B 356 -25.51 46.80 14.91
CA LYS B 356 -25.76 46.93 13.52
C LYS B 356 -24.73 47.87 12.98
N GLY B 357 -24.28 47.63 11.76
CA GLY B 357 -23.44 48.57 11.04
C GLY B 357 -21.96 48.25 11.09
N ASP B 358 -21.59 47.30 11.93
CA ASP B 358 -20.20 46.88 12.02
C ASP B 358 -19.89 45.93 10.88
N ILE B 359 -18.62 45.77 10.58
CA ILE B 359 -18.25 44.61 9.81
C ILE B 359 -17.97 43.57 10.85
N ILE B 360 -18.61 42.42 10.69
CA ILE B 360 -18.25 41.28 11.50
C ILE B 360 -17.41 40.33 10.68
N ALA B 361 -16.34 39.84 11.28
CA ALA B 361 -15.44 38.97 10.60
C ALA B 361 -15.06 37.81 11.48
N CYS B 362 -14.64 36.74 10.84
CA CYS B 362 -14.18 35.56 11.50
C CYS B 362 -12.98 35.09 10.69
N SER B 363 -11.87 34.82 11.36
CA SER B 363 -10.62 34.58 10.67
C SER B 363 -10.12 33.14 10.79
N PRO B 364 -10.16 32.39 9.67
CA PRO B 364 -9.45 31.14 9.61
C PRO B 364 -8.05 31.23 10.19
N LEU B 365 -7.27 32.19 9.73
CA LEU B 365 -5.91 32.29 10.20
C LEU B 365 -5.79 32.26 11.71
N LEU B 366 -6.65 33.01 12.39
CA LEU B 366 -6.62 33.12 13.85
C LEU B 366 -7.16 31.85 14.50
N SER B 367 -8.41 31.55 14.18
CA SER B 367 -9.07 30.37 14.71
C SER B 367 -8.34 29.05 14.44
N HIS B 368 -7.45 29.02 13.47
CA HIS B 368 -6.61 27.84 13.22
C HIS B 368 -5.34 27.86 14.03
N HIS B 369 -5.18 28.89 14.85
CA HIS B 369 -4.03 29.00 15.73
C HIS B 369 -4.40 29.11 17.20
N ASP B 370 -5.68 29.12 17.49
CA ASP B 370 -6.13 28.80 18.84
C ASP B 370 -5.43 27.55 19.38
N GLU B 371 -4.70 27.69 20.48
CA GLU B 371 -3.89 26.58 20.98
C GLU B 371 -4.72 25.47 21.59
N GLU B 372 -5.90 25.79 22.14
CA GLU B 372 -6.83 24.78 22.65
C GLU B 372 -7.26 23.83 21.52
N ALA B 373 -7.74 24.39 20.40
CA ALA B 373 -8.17 23.58 19.23
C ALA B 373 -7.03 22.93 18.47
N PHE B 374 -5.86 23.58 18.43
CA PHE B 374 -4.71 23.07 17.62
C PHE B 374 -3.39 23.25 18.35
N PRO B 375 -3.18 22.44 19.39
CA PRO B 375 -1.88 22.40 20.01
C PRO B 375 -0.75 22.47 18.96
N GLU B 376 0.28 23.27 19.23
CA GLU B 376 1.42 23.46 18.33
C GLU B 376 0.92 23.85 16.96
N PRO B 377 0.27 25.00 16.86
CA PRO B 377 -0.39 25.26 15.58
C PRO B 377 0.57 25.38 14.37
N ARG B 378 1.76 25.96 14.55
CA ARG B 378 2.74 26.04 13.44
C ARG B 378 3.35 24.69 13.07
N ARG B 379 3.17 23.64 13.87
CA ARG B 379 3.59 22.30 13.44
C ARG B 379 2.58 21.81 12.41
N TRP B 380 3.09 21.25 11.32
CA TRP B 380 2.24 20.74 10.29
C TRP B 380 2.15 19.27 10.58
N ASP B 381 0.95 18.80 10.94
CA ASP B 381 0.72 17.43 11.34
C ASP B 381 -0.58 16.94 10.75
N PRO B 382 -0.49 16.15 9.68
CA PRO B 382 -1.70 15.67 9.07
C PRO B 382 -2.47 14.75 9.99
N GLU B 383 -1.80 14.06 10.90
CA GLU B 383 -2.48 13.12 11.82
C GLU B 383 -3.40 13.81 12.83
N ARG B 384 -3.30 15.15 12.97
CA ARG B 384 -4.05 15.86 14.00
C ARG B 384 -5.53 15.97 13.69
N ASP B 385 -6.32 16.32 14.73
CA ASP B 385 -7.76 16.58 14.64
C ASP B 385 -8.11 17.81 15.47
N GLU B 386 -9.15 18.54 15.08
CA GLU B 386 -9.64 19.65 15.91
C GLU B 386 -9.91 19.18 17.36
N LYS B 387 -9.52 20.01 18.32
CA LYS B 387 -9.85 19.75 19.70
C LYS B 387 -10.98 20.68 20.11
N VAL B 388 -11.66 21.27 19.14
CA VAL B 388 -12.87 22.06 19.38
C VAL B 388 -13.79 21.92 18.16
N GLU B 389 -14.98 21.35 18.34
CA GLU B 389 -15.84 21.11 17.18
C GLU B 389 -15.99 22.39 16.32
N GLY B 390 -15.75 22.25 15.03
CA GLY B 390 -15.92 23.35 14.08
C GLY B 390 -14.85 24.43 14.13
N ALA B 391 -13.70 24.11 14.70
CA ALA B 391 -12.64 25.10 14.83
C ALA B 391 -11.97 25.28 13.47
N PHE B 392 -11.95 24.23 12.68
CA PHE B 392 -11.46 24.31 11.31
C PHE B 392 -12.56 24.88 10.43
N ILE B 393 -12.19 25.90 9.67
CA ILE B 393 -13.12 26.64 8.84
C ILE B 393 -12.46 27.11 7.53
N GLY B 394 -11.53 26.32 6.99
CA GLY B 394 -10.82 26.70 5.79
C GLY B 394 -11.70 26.65 4.56
N PHE B 395 -12.84 25.98 4.69
CA PHE B 395 -13.85 25.91 3.64
C PHE B 395 -15.15 26.54 4.14
N GLY B 396 -15.06 27.41 5.15
CA GLY B 396 -16.25 28.06 5.70
C GLY B 396 -17.23 27.08 6.34
N ALA B 397 -18.44 27.54 6.60
CA ALA B 397 -19.45 26.69 7.24
C ALA B 397 -20.87 27.22 7.00
N GLY B 398 -21.87 26.50 7.51
CA GLY B 398 -23.25 26.94 7.48
C GLY B 398 -23.76 27.20 6.08
N VAL B 399 -24.52 28.27 5.91
CA VAL B 399 -25.25 28.49 4.65
C VAL B 399 -24.34 28.89 3.49
N HIS B 400 -23.21 29.56 3.78
CA HIS B 400 -22.21 29.90 2.76
C HIS B 400 -20.98 28.98 2.88
N LYS B 401 -21.24 27.69 2.99
CA LYS B 401 -20.21 26.67 2.94
C LYS B 401 -19.59 26.70 1.55
N CYS B 402 -18.30 26.41 1.43
CA CYS B 402 -17.65 26.31 0.10
C CYS B 402 -18.33 25.20 -0.68
N ILE B 403 -18.78 25.57 -1.86
CA ILE B 403 -19.40 24.66 -2.78
C ILE B 403 -18.40 24.06 -3.73
N GLY B 404 -17.14 24.43 -3.63
CA GLY B 404 -16.15 23.86 -4.55
C GLY B 404 -15.20 22.85 -3.93
N GLN B 405 -15.19 22.76 -2.61
CA GLN B 405 -14.12 22.08 -1.93
C GLN B 405 -13.88 20.61 -2.34
N LYS B 406 -14.89 19.92 -2.83
CA LYS B 406 -14.68 18.55 -3.32
C LYS B 406 -13.99 18.55 -4.67
N PHE B 407 -14.31 19.55 -5.51
CA PHE B 407 -13.64 19.70 -6.78
C PHE B 407 -12.21 20.12 -6.51
N GLY B 408 -12.06 21.14 -5.67
CA GLY B 408 -10.74 21.54 -5.16
C GLY B 408 -9.86 20.36 -4.80
N LEU B 409 -10.33 19.53 -3.88
CA LEU B 409 -9.51 18.48 -3.29
C LEU B 409 -9.36 17.26 -4.23
N LEU B 410 -10.31 17.03 -5.11
CA LEU B 410 -10.11 16.00 -6.14
C LEU B 410 -8.86 16.39 -6.94
N GLN B 411 -8.75 17.69 -7.24
CA GLN B 411 -7.63 18.16 -8.03
C GLN B 411 -6.34 18.10 -7.24
N VAL B 412 -6.35 18.57 -6.01
CA VAL B 412 -5.15 18.53 -5.20
C VAL B 412 -4.67 17.09 -5.06
N LYS B 413 -5.60 16.17 -4.79
CA LYS B 413 -5.22 14.81 -4.47
C LYS B 413 -4.65 14.07 -5.64
N THR B 414 -5.26 14.20 -6.81
CA THR B 414 -4.73 13.55 -8.00
C THR B 414 -3.29 14.03 -8.33
N ILE B 415 -3.05 15.31 -8.11
CA ILE B 415 -1.79 15.89 -8.42
C ILE B 415 -0.79 15.35 -7.47
N LEU B 416 -1.09 15.43 -6.18
CA LEU B 416 -0.20 14.89 -5.15
C LEU B 416 0.12 13.43 -5.48
N ALA B 417 -0.88 12.60 -5.65
CA ALA B 417 -0.65 11.21 -5.99
C ALA B 417 0.15 11.06 -7.28
N THR B 418 -0.30 11.71 -8.34
CA THR B 418 0.35 11.52 -9.59
C THR B 418 1.81 11.98 -9.48
N ALA B 419 2.02 13.11 -8.81
CA ALA B 419 3.36 13.70 -8.74
C ALA B 419 4.31 12.83 -7.91
N PHE B 420 3.94 12.55 -6.67
CA PHE B 420 4.78 11.69 -5.85
C PHE B 420 4.85 10.21 -6.27
N ARG B 421 3.98 9.75 -7.16
CA ARG B 421 4.20 8.45 -7.77
C ARG B 421 5.59 8.47 -8.45
N SER B 422 5.78 9.41 -9.37
CA SER B 422 6.92 9.45 -10.31
C SER B 422 8.16 10.26 -9.89
N TYR B 423 8.04 11.10 -8.87
CA TYR B 423 9.07 12.08 -8.56
C TYR B 423 9.37 12.23 -7.09
N ASP B 424 10.64 12.40 -6.76
CA ASP B 424 11.01 13.00 -5.49
C ASP B 424 11.24 14.49 -5.60
N PHE B 425 11.40 15.15 -4.47
CA PHE B 425 11.63 16.60 -4.46
C PHE B 425 12.53 17.01 -3.30
N GLN B 426 13.33 18.04 -3.53
CA GLN B 426 14.22 18.55 -2.52
C GLN B 426 14.04 20.04 -2.56
N LEU B 427 13.93 20.60 -1.38
CA LEU B 427 13.53 21.97 -1.19
C LEU B 427 14.81 22.75 -1.04
N LEU B 428 15.04 23.71 -1.93
CA LEU B 428 16.32 24.41 -1.94
C LEU B 428 16.47 25.45 -0.84
N ARG B 429 16.02 25.13 0.37
CA ARG B 429 16.32 25.96 1.53
C ARG B 429 16.15 25.14 2.79
N ASP B 430 16.55 25.68 3.94
CA ASP B 430 16.61 24.88 5.16
C ASP B 430 15.20 24.48 5.58
N GLU B 431 14.33 25.48 5.69
CA GLU B 431 13.02 25.27 6.25
C GLU B 431 11.90 25.66 5.26
N VAL B 432 10.75 25.02 5.39
CA VAL B 432 9.53 25.37 4.65
C VAL B 432 9.39 26.91 4.51
N PRO B 433 8.87 27.35 3.35
CA PRO B 433 8.68 28.75 3.05
C PRO B 433 7.75 29.40 4.00
N ASP B 434 7.96 30.70 4.24
CA ASP B 434 7.04 31.49 5.05
C ASP B 434 5.86 31.85 4.17
N PRO B 435 4.68 32.04 4.77
CA PRO B 435 3.55 32.59 4.03
C PRO B 435 3.78 34.04 3.69
N ASP B 436 3.14 34.54 2.64
CA ASP B 436 3.29 35.93 2.26
C ASP B 436 1.97 36.61 2.37
N TYR B 437 1.81 37.45 3.40
CA TYR B 437 0.52 38.12 3.64
C TYR B 437 0.27 39.38 2.83
N HIS B 438 1.12 39.69 1.84
CA HIS B 438 0.87 40.80 0.89
C HIS B 438 0.11 40.36 -0.38
N THR B 439 -0.84 39.44 -0.27
CA THR B 439 -1.68 39.07 -1.43
C THR B 439 -3.08 38.83 -0.94
N MET B 440 -4.06 39.29 -1.73
CA MET B 440 -5.47 39.15 -1.40
C MET B 440 -5.83 37.68 -1.05
N VAL B 441 -5.19 36.70 -1.72
CA VAL B 441 -5.33 35.27 -1.40
C VAL B 441 -3.95 34.69 -1.08
N VAL B 442 -3.76 34.16 0.13
CA VAL B 442 -2.44 34.02 0.74
C VAL B 442 -1.76 32.66 0.57
N GLY B 443 -0.45 32.71 0.33
CA GLY B 443 0.32 31.51 0.03
C GLY B 443 1.78 31.64 0.35
N PRO B 444 2.51 30.53 0.25
CA PRO B 444 3.93 30.64 0.51
C PRO B 444 4.55 31.67 -0.40
N THR B 445 5.54 32.40 0.11
CA THR B 445 6.33 33.34 -0.65
C THR B 445 6.84 32.73 -1.95
N ALA B 446 6.45 33.34 -3.06
CA ALA B 446 6.78 32.78 -4.39
C ALA B 446 8.28 32.60 -4.57
N SER B 447 9.08 33.53 -4.07
CA SER B 447 10.53 33.47 -4.28
C SER B 447 11.15 32.33 -3.50
N GLN B 448 10.48 31.90 -2.44
CA GLN B 448 10.98 30.80 -1.63
C GLN B 448 10.54 29.46 -2.19
N CYS B 449 9.85 29.46 -3.33
CA CYS B 449 9.26 28.24 -3.84
C CYS B 449 10.06 27.45 -4.85
N ARG B 450 11.27 27.89 -5.16
CA ARG B 450 12.03 27.14 -6.17
C ARG B 450 12.38 25.81 -5.56
N VAL B 451 12.37 24.78 -6.38
CA VAL B 451 12.49 23.44 -5.87
C VAL B 451 13.12 22.55 -6.90
N LYS B 452 13.80 21.50 -6.46
CA LYS B 452 14.45 20.61 -7.40
C LYS B 452 13.68 19.29 -7.52
N TYR B 453 13.27 18.92 -8.72
CA TYR B 453 12.58 17.64 -8.92
C TYR B 453 13.58 16.58 -9.29
N ILE B 454 13.27 15.33 -8.92
CA ILE B 454 14.12 14.17 -9.21
C ILE B 454 13.25 13.01 -9.62
N ARG B 455 13.42 12.54 -10.84
CA ARG B 455 12.65 11.42 -11.32
C ARG B 455 13.07 10.14 -10.62
N ARG B 456 12.09 9.36 -10.20
CA ARG B 456 12.38 8.12 -9.45
C ARG B 456 12.75 6.96 -10.38
N LYS B 457 13.78 6.22 -10.00
CA LYS B 457 14.21 5.00 -10.73
C LYS B 457 13.14 3.93 -10.62
N ALA B 458 12.61 3.80 -9.42
CA ALA B 458 11.64 2.76 -9.10
C ALA B 458 10.56 3.31 -8.17
N GLY C 9 -27.35 0.96 -13.81
CA GLY C 9 -26.12 0.13 -13.99
C GLY C 9 -26.41 -1.36 -13.95
N LYS C 10 -25.72 -2.13 -14.79
CA LYS C 10 -25.96 -3.55 -14.92
C LYS C 10 -25.55 -4.39 -13.68
N LEU C 11 -26.37 -5.39 -13.32
CA LEU C 11 -25.97 -6.45 -12.39
C LEU C 11 -25.08 -7.42 -13.12
N PRO C 12 -24.08 -7.98 -12.42
CA PRO C 12 -23.21 -8.94 -13.07
C PRO C 12 -24.04 -10.10 -13.47
N PRO C 13 -23.62 -10.83 -14.50
CA PRO C 13 -24.39 -12.00 -14.93
C PRO C 13 -24.40 -13.06 -13.85
N MET C 14 -25.56 -13.66 -13.61
CA MET C 14 -25.72 -14.71 -12.61
C MET C 14 -25.66 -16.07 -13.30
N TYR C 15 -24.91 -17.00 -12.73
CA TYR C 15 -24.85 -18.33 -13.30
C TYR C 15 -26.21 -18.99 -13.09
N PRO C 16 -26.64 -19.83 -14.05
CA PRO C 16 -27.90 -20.57 -13.92
C PRO C 16 -27.94 -21.54 -12.73
N VAL C 17 -29.00 -21.45 -11.95
CA VAL C 17 -29.08 -22.30 -10.76
C VAL C 17 -29.94 -23.53 -10.99
N THR C 18 -29.30 -24.65 -11.23
CA THR C 18 -30.04 -25.89 -11.48
C THR C 18 -30.70 -26.51 -10.24
N VAL C 19 -30.12 -26.43 -9.05
CA VAL C 19 -30.81 -26.98 -7.88
C VAL C 19 -31.19 -25.83 -6.99
N PRO C 20 -32.36 -25.91 -6.39
CA PRO C 20 -33.12 -24.81 -5.83
C PRO C 20 -32.60 -24.16 -4.52
N ILE C 21 -32.42 -24.89 -3.43
CA ILE C 21 -32.13 -24.19 -2.18
C ILE C 21 -30.63 -24.07 -2.00
N LEU C 22 -29.90 -25.13 -2.28
CA LEU C 22 -28.46 -25.14 -2.13
C LEU C 22 -27.77 -24.26 -3.14
N GLY C 23 -28.32 -24.15 -4.34
CA GLY C 23 -27.69 -23.34 -5.37
C GLY C 23 -26.47 -24.06 -5.89
N HIS C 24 -25.34 -23.37 -5.97
CA HIS C 24 -24.16 -23.99 -6.54
C HIS C 24 -23.18 -24.50 -5.53
N ILE C 25 -23.57 -24.55 -4.27
CA ILE C 25 -22.62 -25.03 -3.30
C ILE C 25 -22.08 -26.44 -3.67
N ILE C 26 -22.92 -27.33 -4.17
CA ILE C 26 -22.41 -28.68 -4.46
C ILE C 26 -21.39 -28.64 -5.59
N GLN C 27 -21.78 -28.06 -6.72
CA GLN C 27 -20.91 -28.00 -7.85
C GLN C 27 -19.59 -27.38 -7.45
N PHE C 28 -19.67 -26.34 -6.60
CA PHE C 28 -18.49 -25.64 -6.07
C PHE C 28 -17.64 -26.56 -5.19
N GLY C 29 -18.27 -27.38 -4.34
CA GLY C 29 -17.54 -28.32 -3.50
C GLY C 29 -16.75 -29.29 -4.38
N LYS C 30 -17.41 -29.91 -5.34
CA LYS C 30 -16.77 -30.90 -6.20
C LYS C 30 -15.58 -30.37 -7.00
N SER C 31 -15.58 -29.08 -7.35
CA SER C 31 -14.38 -28.47 -7.94
C SER C 31 -14.34 -26.94 -7.91
N PRO C 32 -13.72 -26.35 -6.86
CA PRO C 32 -13.80 -24.91 -6.77
C PRO C 32 -13.28 -24.23 -8.01
N LEU C 33 -12.12 -24.67 -8.51
CA LEU C 33 -11.47 -23.98 -9.62
C LEU C 33 -12.14 -24.30 -10.95
N GLY C 34 -12.56 -25.55 -11.09
CA GLY C 34 -13.22 -25.99 -12.32
C GLY C 34 -14.58 -25.35 -12.41
N PHE C 35 -15.28 -25.29 -11.28
CA PHE C 35 -16.55 -24.60 -11.25
C PHE C 35 -16.38 -23.10 -11.53
N MET C 36 -15.43 -22.44 -10.88
CA MET C 36 -15.26 -21.01 -11.07
C MET C 36 -14.80 -20.73 -12.50
N GLN C 37 -13.91 -21.55 -13.03
CA GLN C 37 -13.47 -21.34 -14.43
C GLN C 37 -14.64 -21.53 -15.43
N GLU C 38 -15.54 -22.45 -15.11
CA GLU C 38 -16.70 -22.70 -15.97
C GLU C 38 -17.69 -21.56 -15.92
N CYS C 39 -17.95 -21.04 -14.73
CA CYS C 39 -18.81 -19.87 -14.62
C CYS C 39 -18.24 -18.72 -15.48
N LYS C 40 -16.90 -18.62 -15.50
CA LYS C 40 -16.20 -17.50 -16.11
C LYS C 40 -16.30 -17.50 -17.64
N ARG C 41 -15.88 -18.58 -18.30
CA ARG C 41 -15.89 -18.57 -19.77
C ARG C 41 -17.32 -18.68 -20.33
N GLN C 42 -18.19 -19.40 -19.63
CA GLN C 42 -19.57 -19.52 -20.07
C GLN C 42 -20.23 -18.16 -20.07
N LEU C 43 -20.20 -17.50 -18.92
CA LEU C 43 -20.82 -16.19 -18.81
C LEU C 43 -19.95 -15.10 -19.46
N LYS C 44 -18.89 -15.48 -20.17
CA LYS C 44 -18.13 -14.55 -21.03
C LYS C 44 -17.72 -13.29 -20.27
N SER C 45 -17.41 -13.44 -18.98
CA SER C 45 -17.11 -12.31 -18.09
C SER C 45 -16.36 -12.82 -16.86
N GLY C 46 -15.26 -12.16 -16.52
CA GLY C 46 -14.47 -12.53 -15.36
C GLY C 46 -15.18 -12.26 -14.04
N ILE C 47 -16.28 -11.52 -14.13
CA ILE C 47 -17.00 -11.05 -12.98
C ILE C 47 -18.40 -11.60 -13.05
N PHE C 48 -18.78 -12.35 -12.02
CA PHE C 48 -20.01 -13.14 -12.07
C PHE C 48 -20.61 -13.48 -10.69
N THR C 49 -21.92 -13.62 -10.67
CA THR C 49 -22.64 -13.86 -9.45
C THR C 49 -23.13 -15.32 -9.39
N ILE C 50 -22.64 -16.05 -8.41
CA ILE C 50 -23.13 -17.38 -8.13
C ILE C 50 -23.99 -17.27 -6.90
N ASN C 51 -24.57 -18.38 -6.48
CA ASN C 51 -25.58 -18.38 -5.44
C ASN C 51 -25.22 -19.41 -4.44
N ILE C 52 -25.18 -19.04 -3.18
CA ILE C 52 -24.84 -20.02 -2.20
C ILE C 52 -25.91 -20.01 -1.12
N VAL C 53 -26.60 -21.14 -1.06
CA VAL C 53 -27.63 -21.39 -0.09
C VAL C 53 -28.55 -20.19 0.06
N GLY C 54 -28.86 -19.59 -1.10
CA GLY C 54 -29.74 -18.47 -1.16
C GLY C 54 -28.98 -17.16 -1.03
N LYS C 55 -27.67 -17.23 -0.88
CA LYS C 55 -26.95 -15.97 -0.72
C LYS C 55 -26.18 -15.63 -1.98
N ARG C 56 -26.26 -14.38 -2.37
CA ARG C 56 -25.65 -13.98 -3.64
C ARG C 56 -24.19 -13.71 -3.40
N VAL C 57 -23.34 -14.52 -4.01
CA VAL C 57 -21.92 -14.26 -4.01
C VAL C 57 -21.46 -13.77 -5.37
N THR C 58 -20.77 -12.64 -5.40
CA THR C 58 -20.32 -12.04 -6.66
C THR C 58 -18.82 -12.16 -6.67
N ILE C 59 -18.28 -12.80 -7.70
CA ILE C 59 -16.86 -13.09 -7.73
C ILE C 59 -16.12 -12.16 -8.69
N VAL C 60 -15.12 -11.46 -8.18
CA VAL C 60 -14.15 -10.72 -9.00
C VAL C 60 -13.03 -11.69 -9.44
N GLY C 61 -13.29 -12.38 -10.54
CA GLY C 61 -12.31 -13.26 -11.13
C GLY C 61 -11.70 -12.64 -12.35
N ASP C 62 -11.23 -11.42 -12.21
CA ASP C 62 -10.49 -10.77 -13.27
C ASP C 62 -9.44 -9.91 -12.59
N PRO C 63 -8.16 -10.28 -12.74
CA PRO C 63 -7.06 -9.59 -12.10
C PRO C 63 -7.08 -8.09 -12.31
N HIS C 64 -7.51 -7.68 -13.50
CA HIS C 64 -7.55 -6.25 -13.85
C HIS C 64 -8.46 -5.46 -12.89
N GLU C 65 -9.44 -6.11 -12.26
CA GLU C 65 -10.33 -5.41 -11.34
C GLU C 65 -10.05 -5.69 -9.86
N HIS C 66 -8.97 -6.39 -9.54
CA HIS C 66 -8.65 -6.63 -8.13
C HIS C 66 -8.82 -5.39 -7.22
N SER C 67 -8.37 -4.23 -7.65
CA SER C 67 -8.44 -3.03 -6.80
C SER C 67 -9.87 -2.64 -6.38
N ARG C 68 -10.88 -3.11 -7.09
CA ARG C 68 -12.27 -2.80 -6.71
C ARG C 68 -12.72 -3.56 -5.47
N PHE C 69 -11.95 -4.58 -5.10
CA PHE C 69 -12.20 -5.40 -3.92
C PHE C 69 -11.30 -4.96 -2.75
N PHE C 70 -10.01 -4.77 -3.02
CA PHE C 70 -9.03 -4.57 -1.94
C PHE C 70 -8.92 -3.17 -1.39
N LEU C 71 -9.33 -2.19 -2.17
CA LEU C 71 -9.12 -0.80 -1.77
C LEU C 71 -10.25 -0.09 -1.05
N PRO C 72 -11.52 -0.35 -1.42
CA PRO C 72 -12.60 0.33 -0.70
C PRO C 72 -12.56 0.05 0.78
N ARG C 73 -12.95 1.04 1.58
N ARG C 73 -12.98 1.04 1.57
CA ARG C 73 -12.80 0.98 3.04
CA ARG C 73 -12.86 1.00 3.02
C ARG C 73 -13.91 0.14 3.69
C ARG C 73 -13.94 0.13 3.70
N ASN C 74 -13.73 -0.19 4.97
CA ASN C 74 -14.63 -1.09 5.69
C ASN C 74 -16.10 -0.67 5.69
N GLU C 75 -16.36 0.63 5.79
CA GLU C 75 -17.74 1.10 5.81
C GLU C 75 -18.44 0.76 4.49
N VAL C 76 -17.70 0.55 3.41
CA VAL C 76 -18.28 0.13 2.15
C VAL C 76 -18.09 -1.36 1.88
N LEU C 77 -16.87 -1.91 2.09
CA LEU C 77 -16.66 -3.37 2.00
C LEU C 77 -16.20 -3.98 3.33
N SER C 78 -17.14 -4.39 4.17
CA SER C 78 -16.82 -4.80 5.53
C SER C 78 -16.54 -6.27 5.61
N PRO C 79 -15.39 -6.66 6.19
CA PRO C 79 -15.12 -8.05 6.48
C PRO C 79 -15.76 -8.59 7.77
N ARG C 80 -16.22 -7.74 8.68
CA ARG C 80 -16.78 -8.22 9.94
C ARG C 80 -17.90 -9.28 9.86
N GLU C 81 -18.94 -8.99 9.09
CA GLU C 81 -20.10 -9.90 9.03
C GLU C 81 -19.69 -11.29 8.52
N VAL C 82 -18.76 -11.36 7.56
CA VAL C 82 -18.35 -12.66 7.01
C VAL C 82 -17.31 -13.41 7.87
N TYR C 83 -16.59 -12.72 8.73
CA TYR C 83 -15.61 -13.41 9.56
C TYR C 83 -16.15 -13.53 11.00
N SER C 84 -17.48 -13.56 11.15
CA SER C 84 -18.17 -13.65 12.45
C SER C 84 -17.96 -14.96 13.16
N PHE C 85 -17.80 -16.03 12.40
CA PHE C 85 -17.64 -17.34 12.97
C PHE C 85 -16.32 -17.46 13.68
N MET C 86 -15.45 -16.48 13.53
CA MET C 86 -14.19 -16.46 14.26
C MET C 86 -14.35 -15.83 15.66
N VAL C 87 -15.45 -15.17 15.89
CA VAL C 87 -15.62 -14.40 17.11
C VAL C 87 -15.58 -15.21 18.39
N PRO C 88 -15.91 -16.49 18.32
CA PRO C 88 -15.81 -17.35 19.51
C PRO C 88 -14.38 -17.78 19.82
N VAL C 89 -13.50 -17.59 18.87
CA VAL C 89 -12.11 -17.90 19.08
C VAL C 89 -11.34 -16.67 19.49
N PHE C 90 -11.61 -15.54 18.85
CA PHE C 90 -10.88 -14.33 19.16
C PHE C 90 -11.39 -13.65 20.38
N GLY C 91 -12.64 -13.94 20.74
CA GLY C 91 -13.30 -13.26 21.84
C GLY C 91 -14.04 -12.09 21.26
N GLU C 92 -14.94 -11.54 22.05
CA GLU C 92 -15.81 -10.49 21.55
C GLU C 92 -15.16 -9.22 21.97
N GLY C 93 -15.24 -8.18 21.14
CA GLY C 93 -14.50 -6.95 21.41
C GLY C 93 -13.04 -7.08 20.99
N VAL C 94 -12.77 -8.07 20.15
CA VAL C 94 -11.44 -8.28 19.61
C VAL C 94 -11.52 -8.55 18.13
N ALA C 95 -10.50 -8.10 17.39
CA ALA C 95 -10.46 -8.23 15.93
C ALA C 95 -11.74 -7.71 15.30
N TYR C 96 -12.30 -8.45 14.35
CA TYR C 96 -13.46 -8.00 13.60
C TYR C 96 -14.71 -7.79 14.46
N ALA C 97 -14.78 -8.46 15.60
CA ALA C 97 -15.86 -8.25 16.55
C ALA C 97 -15.88 -6.81 16.99
N ALA C 98 -14.70 -6.23 17.15
CA ALA C 98 -14.56 -4.85 17.59
C ALA C 98 -14.94 -3.83 16.51
N PRO C 99 -15.30 -2.63 16.96
CA PRO C 99 -15.51 -1.52 16.01
C PRO C 99 -14.22 -1.25 15.25
N TYR C 100 -14.31 -0.92 13.97
CA TYR C 100 -13.09 -0.78 13.16
C TYR C 100 -12.03 0.09 13.83
N PRO C 101 -12.43 1.24 14.38
CA PRO C 101 -11.35 2.06 14.95
C PRO C 101 -10.46 1.26 15.87
N ARG C 102 -11.06 0.44 16.73
CA ARG C 102 -10.36 -0.33 17.73
C ARG C 102 -9.64 -1.51 17.12
N MET C 103 -10.31 -2.16 16.16
CA MET C 103 -9.67 -3.23 15.40
C MET C 103 -8.36 -2.72 14.84
N ARG C 104 -8.39 -1.53 14.25
CA ARG C 104 -7.19 -0.99 13.61
C ARG C 104 -6.09 -0.86 14.65
N GLU C 105 -6.44 -0.37 15.84
CA GLU C 105 -5.47 -0.15 16.91
C GLU C 105 -4.79 -1.44 17.30
N GLN C 106 -5.59 -2.51 17.32
CA GLN C 106 -5.11 -3.83 17.72
C GLN C 106 -4.16 -4.44 16.70
N LEU C 107 -4.46 -4.24 15.43
CA LEU C 107 -3.60 -4.71 14.37
C LEU C 107 -2.29 -3.94 14.38
N ASN C 108 -2.35 -2.65 14.62
CA ASN C 108 -1.13 -1.86 14.74
C ASN C 108 -0.22 -2.41 15.82
N PHE C 109 -0.73 -2.56 17.04
CA PHE C 109 0.05 -3.15 18.12
C PHE C 109 0.70 -4.43 17.62
N LEU C 110 -0.12 -5.32 17.07
CA LEU C 110 0.35 -6.60 16.62
C LEU C 110 1.30 -6.48 15.45
N ALA C 111 1.23 -5.38 14.72
CA ALA C 111 2.20 -5.11 13.65
C ALA C 111 3.48 -4.49 14.15
N GLU C 112 3.44 -3.64 15.18
CA GLU C 112 4.66 -3.08 15.77
C GLU C 112 5.53 -4.22 16.33
N GLU C 113 4.94 -5.41 16.44
CA GLU C 113 5.50 -6.51 17.19
C GLU C 113 6.19 -7.51 16.28
N LEU C 114 5.94 -7.35 14.98
CA LEU C 114 6.45 -8.22 13.92
C LEU C 114 7.23 -7.42 12.91
N THR C 115 7.50 -6.14 13.19
CA THR C 115 8.21 -5.33 12.22
C THR C 115 9.64 -5.81 12.21
N ILE C 116 10.45 -5.23 11.31
CA ILE C 116 11.79 -5.72 11.09
C ILE C 116 12.66 -5.57 12.33
N ALA C 117 12.42 -4.54 13.12
CA ALA C 117 13.22 -4.28 14.32
C ALA C 117 13.31 -5.46 15.32
N LYS C 118 12.41 -6.43 15.26
CA LYS C 118 12.43 -7.58 16.18
C LYS C 118 13.12 -8.81 15.58
N PHE C 119 13.38 -8.79 14.28
CA PHE C 119 13.91 -9.94 13.52
C PHE C 119 15.35 -10.33 13.83
N GLN C 120 16.19 -9.35 14.14
CA GLN C 120 17.62 -9.60 14.32
C GLN C 120 17.90 -10.79 15.26
N ASN C 121 17.07 -10.96 16.28
CA ASN C 121 17.12 -12.15 17.14
C ASN C 121 16.38 -13.38 16.61
N PHE C 122 15.32 -13.13 15.84
CA PHE C 122 14.51 -14.21 15.27
C PHE C 122 15.32 -15.17 14.36
N VAL C 123 16.21 -14.62 13.53
CA VAL C 123 16.85 -15.45 12.47
C VAL C 123 17.64 -16.60 13.09
N PRO C 124 18.54 -16.31 14.05
CA PRO C 124 19.22 -17.36 14.81
C PRO C 124 18.31 -18.24 15.67
N ALA C 125 17.23 -17.69 16.19
CA ALA C 125 16.28 -18.45 17.01
C ALA C 125 15.57 -19.51 16.18
N ILE C 126 15.14 -19.08 15.00
CA ILE C 126 14.47 -19.95 14.07
C ILE C 126 15.44 -21.06 13.65
N GLN C 127 16.67 -20.67 13.30
CA GLN C 127 17.69 -21.60 12.88
C GLN C 127 17.98 -22.62 13.98
N HIS C 128 18.04 -22.14 15.21
CA HIS C 128 18.28 -23.04 16.34
C HIS C 128 17.21 -24.15 16.37
N GLU C 129 15.94 -23.75 16.40
CA GLU C 129 14.82 -24.69 16.49
C GLU C 129 14.78 -25.72 15.38
N VAL C 130 15.09 -25.27 14.18
CA VAL C 130 15.07 -26.16 13.03
C VAL C 130 16.16 -27.21 13.21
N ARG C 131 17.41 -26.77 13.35
CA ARG C 131 18.52 -27.69 13.60
C ARG C 131 18.22 -28.56 14.81
N LYS C 132 17.53 -27.99 15.79
CA LYS C 132 17.12 -28.74 16.98
C LYS C 132 16.05 -29.80 16.64
N PHE C 133 15.08 -29.44 15.80
CA PHE C 133 14.07 -30.40 15.36
C PHE C 133 14.66 -31.49 14.46
N MET C 134 15.43 -31.09 13.45
CA MET C 134 15.97 -32.06 12.47
C MET C 134 16.92 -33.06 13.11
N ALA C 135 17.79 -32.56 13.98
CA ALA C 135 18.81 -33.41 14.59
C ALA C 135 18.19 -34.52 15.45
N ALA C 136 16.99 -34.27 15.99
CA ALA C 136 16.29 -35.17 16.92
C ALA C 136 15.20 -35.98 16.24
N ASN C 137 14.86 -35.61 15.00
CA ASN C 137 13.77 -36.27 14.28
C ASN C 137 14.21 -36.86 12.94
N TRP C 138 15.06 -36.14 12.24
CA TRP C 138 15.70 -36.67 11.06
C TRP C 138 17.14 -37.05 11.47
N ASP C 139 17.20 -38.01 12.39
CA ASP C 139 18.43 -38.39 13.10
C ASP C 139 19.17 -39.59 12.47
N LYS C 140 18.44 -40.44 11.75
CA LYS C 140 19.10 -41.50 10.99
C LYS C 140 19.78 -40.85 9.81
N ASP C 141 20.36 -41.69 8.94
CA ASP C 141 20.99 -41.25 7.69
C ASP C 141 20.01 -41.38 6.52
N GLU C 142 18.93 -42.10 6.77
CA GLU C 142 17.89 -42.31 5.78
C GLU C 142 16.59 -42.66 6.50
N GLY C 143 15.47 -42.14 6.03
CA GLY C 143 14.19 -42.44 6.65
C GLY C 143 12.99 -41.89 5.92
N GLU C 144 11.83 -42.04 6.54
CA GLU C 144 10.55 -41.63 5.97
C GLU C 144 9.85 -40.73 6.99
N ILE C 145 9.38 -39.55 6.56
CA ILE C 145 8.60 -38.61 7.41
C ILE C 145 7.38 -38.08 6.71
N ASN C 146 6.33 -37.74 7.46
CA ASN C 146 5.26 -36.95 6.88
C ASN C 146 5.63 -35.47 6.95
N LEU C 147 5.92 -34.91 5.78
CA LEU C 147 6.50 -33.56 5.68
C LEU C 147 5.51 -32.50 6.22
N LEU C 148 4.25 -32.63 5.82
CA LEU C 148 3.24 -31.66 6.21
C LEU C 148 3.20 -31.52 7.72
N GLU C 149 3.12 -32.65 8.41
CA GLU C 149 3.10 -32.69 9.88
C GLU C 149 4.39 -32.14 10.45
N ASP C 150 5.54 -32.48 9.86
CA ASP C 150 6.81 -32.01 10.42
C ASP C 150 7.06 -30.55 10.18
N CYS C 151 6.64 -30.03 9.04
CA CYS C 151 6.79 -28.60 8.82
C CYS C 151 5.88 -27.79 9.74
N SER C 152 4.70 -28.34 10.06
CA SER C 152 3.81 -27.70 11.03
C SER C 152 4.49 -27.56 12.35
N THR C 153 5.11 -28.65 12.79
CA THR C 153 5.81 -28.65 14.05
C THR C 153 6.94 -27.62 14.03
N MET C 154 7.65 -27.51 12.94
CA MET C 154 8.70 -26.52 12.91
C MET C 154 8.12 -25.12 12.97
N ILE C 155 7.01 -24.89 12.27
CA ILE C 155 6.43 -23.55 12.27
C ILE C 155 6.00 -23.14 13.66
N ILE C 156 5.28 -24.00 14.39
CA ILE C 156 4.86 -23.61 15.73
C ILE C 156 6.06 -23.40 16.68
N ASN C 157 6.98 -24.37 16.74
CA ASN C 157 8.16 -24.26 17.59
C ASN C 157 8.98 -23.03 17.31
N THR C 158 9.25 -22.74 16.04
CA THR C 158 10.00 -21.54 15.66
C THR C 158 9.24 -20.26 15.96
N ALA C 159 7.92 -20.30 15.92
CA ALA C 159 7.14 -19.11 16.28
C ALA C 159 7.23 -18.87 17.79
N CYS C 160 7.00 -19.91 18.59
CA CYS C 160 7.09 -19.78 20.04
C CYS C 160 8.47 -19.35 20.51
N GLN C 161 9.51 -19.76 19.82
CA GLN C 161 10.85 -19.39 20.25
C GLN C 161 11.07 -17.88 20.09
N CYS C 162 10.66 -17.34 18.95
CA CYS C 162 10.75 -15.91 18.72
C CYS C 162 9.83 -15.08 19.58
N LEU C 163 8.59 -15.52 19.70
CA LEU C 163 7.52 -14.64 20.18
C LEU C 163 7.38 -14.73 21.67
N PHE C 164 7.77 -15.86 22.27
CA PHE C 164 7.63 -16.00 23.72
C PHE C 164 8.94 -16.02 24.51
N GLY C 165 8.87 -15.53 25.73
CA GLY C 165 9.99 -15.49 26.62
C GLY C 165 10.11 -16.85 27.25
N GLU C 166 11.27 -17.11 27.82
CA GLU C 166 11.58 -18.41 28.36
C GLU C 166 10.62 -18.77 29.47
N ASP C 167 10.12 -17.79 30.19
CA ASP C 167 9.27 -18.06 31.35
C ASP C 167 7.94 -18.66 30.92
N LEU C 168 7.40 -18.18 29.81
CA LEU C 168 6.10 -18.61 29.30
C LEU C 168 6.22 -19.99 28.65
N ARG C 169 7.31 -20.22 27.93
CA ARG C 169 7.55 -21.53 27.35
C ARG C 169 7.77 -22.63 28.43
N LYS C 170 8.26 -22.27 29.60
CA LYS C 170 8.38 -23.24 30.71
C LYS C 170 7.01 -23.72 31.22
N ARG C 171 5.96 -22.99 30.93
CA ARG C 171 4.61 -23.37 31.37
C ARG C 171 3.72 -23.80 30.20
N LEU C 172 4.18 -23.50 28.99
CA LEU C 172 3.35 -23.57 27.78
C LEU C 172 4.21 -23.82 26.53
N ASP C 173 4.68 -25.06 26.39
CA ASP C 173 5.47 -25.43 25.23
C ASP C 173 4.60 -25.44 23.99
N ALA C 174 5.26 -25.43 22.85
CA ALA C 174 4.59 -25.48 21.55
C ALA C 174 3.65 -26.70 21.44
N ARG C 175 4.04 -27.79 22.09
CA ARG C 175 3.15 -28.95 22.18
C ARG C 175 1.84 -28.63 22.85
N ARG C 176 1.88 -28.00 24.01
CA ARG C 176 0.65 -27.65 24.75
C ARG C 176 -0.12 -26.54 24.03
N PHE C 177 0.59 -25.63 23.38
CA PHE C 177 -0.08 -24.57 22.67
C PHE C 177 -0.85 -25.11 21.46
N ALA C 178 -0.25 -26.06 20.75
CA ALA C 178 -0.92 -26.77 19.67
C ALA C 178 -2.26 -27.36 20.10
N GLN C 179 -2.29 -28.19 21.13
CA GLN C 179 -3.57 -28.79 21.53
C GLN C 179 -4.60 -27.70 21.63
N LEU C 180 -4.29 -26.62 22.37
CA LEU C 180 -5.29 -25.59 22.71
C LEU C 180 -5.82 -24.89 21.47
N LEU C 181 -4.91 -24.57 20.53
CA LEU C 181 -5.29 -24.02 19.23
C LEU C 181 -6.11 -25.02 18.43
N ALA C 182 -5.66 -26.26 18.43
CA ALA C 182 -6.32 -27.32 17.68
C ALA C 182 -7.72 -27.45 18.23
N LYS C 183 -7.84 -27.40 19.55
CA LYS C 183 -9.12 -27.52 20.20
C LYS C 183 -10.01 -26.37 19.76
N MET C 184 -9.45 -25.17 19.71
CA MET C 184 -10.22 -23.99 19.29
C MET C 184 -10.62 -24.08 17.84
N GLU C 185 -9.70 -24.57 17.01
CA GLU C 185 -9.97 -24.72 15.60
C GLU C 185 -11.22 -25.53 15.41
N SER C 186 -11.30 -26.65 16.14
CA SER C 186 -12.34 -27.63 15.87
C SER C 186 -13.74 -27.10 16.11
N SER C 187 -13.92 -26.07 16.94
CA SER C 187 -15.25 -25.47 17.14
C SER C 187 -15.74 -24.70 15.91
N LEU C 188 -14.82 -24.15 15.13
CA LEU C 188 -15.16 -23.28 14.01
C LEU C 188 -16.11 -23.84 12.96
N ILE C 189 -17.07 -23.01 12.57
CA ILE C 189 -18.08 -23.34 11.61
C ILE C 189 -18.00 -22.36 10.43
N PRO C 190 -17.10 -22.64 9.47
CA PRO C 190 -17.00 -21.78 8.25
C PRO C 190 -18.33 -21.66 7.50
N ALA C 191 -19.17 -22.67 7.61
CA ALA C 191 -20.49 -22.63 6.99
C ALA C 191 -21.32 -21.41 7.43
N ALA C 192 -21.09 -20.95 8.66
CA ALA C 192 -21.91 -19.92 9.26
C ALA C 192 -21.86 -18.57 8.53
N VAL C 193 -20.84 -18.36 7.71
CA VAL C 193 -20.79 -17.22 6.81
C VAL C 193 -22.14 -17.02 6.12
N PHE C 194 -22.71 -18.14 5.65
CA PHE C 194 -23.97 -18.17 4.90
C PHE C 194 -25.20 -18.57 5.70
N LEU C 195 -25.01 -19.40 6.72
CA LEU C 195 -26.09 -19.80 7.60
C LEU C 195 -25.69 -19.38 9.01
N PRO C 196 -25.89 -18.08 9.33
CA PRO C 196 -25.43 -17.56 10.62
C PRO C 196 -26.16 -18.14 11.79
N ILE C 197 -27.35 -18.71 11.54
CA ILE C 197 -28.18 -19.41 12.56
C ILE C 197 -27.41 -20.48 13.35
N LEU C 198 -26.43 -21.10 12.69
CA LEU C 198 -25.56 -22.12 13.27
C LEU C 198 -24.82 -21.62 14.52
N LEU C 199 -24.52 -20.32 14.53
CA LEU C 199 -23.77 -19.66 15.61
C LEU C 199 -24.62 -19.27 16.82
N LYS C 200 -25.95 -19.27 16.66
CA LYS C 200 -26.87 -19.13 17.82
C LYS C 200 -27.25 -20.53 18.36
N LEU C 201 -26.78 -21.58 17.69
CA LEU C 201 -27.19 -22.93 17.97
C LEU C 201 -26.24 -23.56 18.99
N PRO C 202 -26.79 -24.19 20.05
CA PRO C 202 -25.94 -24.73 21.11
C PRO C 202 -25.28 -26.04 20.73
N LEU C 203 -24.01 -26.00 20.31
CA LEU C 203 -23.31 -27.20 19.84
C LEU C 203 -22.19 -27.64 20.80
N PRO C 204 -21.96 -28.97 20.94
CA PRO C 204 -20.86 -29.45 21.79
C PRO C 204 -19.45 -29.04 21.31
N GLN C 205 -19.33 -28.79 20.00
CA GLN C 205 -18.12 -28.18 19.41
C GLN C 205 -17.73 -26.89 20.16
N SER C 206 -18.71 -25.98 20.25
CA SER C 206 -18.53 -24.66 20.83
C SER C 206 -18.10 -24.63 22.28
N ALA C 207 -18.45 -25.66 23.04
CA ALA C 207 -18.12 -25.69 24.45
C ALA C 207 -16.68 -26.05 24.67
N ARG C 208 -16.05 -26.67 23.68
CA ARG C 208 -14.67 -27.08 23.79
C ARG C 208 -13.70 -25.93 23.57
N CYS C 209 -14.07 -24.98 22.71
CA CYS C 209 -13.23 -23.81 22.48
C CYS C 209 -13.30 -22.91 23.69
N HIS C 210 -14.50 -22.77 24.25
CA HIS C 210 -14.66 -22.00 25.47
C HIS C 210 -13.74 -22.51 26.54
N GLU C 211 -13.60 -23.82 26.65
CA GLU C 211 -12.75 -24.40 27.67
C GLU C 211 -11.31 -24.09 27.36
N ALA C 212 -10.94 -24.20 26.08
CA ALA C 212 -9.56 -23.98 25.66
C ALA C 212 -9.20 -22.55 25.91
N ARG C 213 -10.13 -21.69 25.50
CA ARG C 213 -10.04 -20.26 25.71
C ARG C 213 -9.69 -19.97 27.15
N THR C 214 -10.58 -20.31 28.08
CA THR C 214 -10.40 -19.92 29.47
C THR C 214 -9.14 -20.55 30.06
N GLU C 215 -8.74 -21.72 29.58
CA GLU C 215 -7.53 -22.30 30.09
C GLU C 215 -6.35 -21.38 29.76
N LEU C 216 -6.25 -20.96 28.50
CA LEU C 216 -5.15 -20.10 28.06
C LEU C 216 -5.08 -18.78 28.82
N GLN C 217 -6.22 -18.11 28.94
CA GLN C 217 -6.33 -16.94 29.80
C GLN C 217 -5.83 -17.23 31.21
N LYS C 218 -6.23 -18.37 31.78
CA LYS C 218 -5.85 -18.75 33.15
C LYS C 218 -4.33 -18.93 33.35
N ILE C 219 -3.61 -19.37 32.34
CA ILE C 219 -2.19 -19.66 32.53
C ILE C 219 -1.39 -18.44 32.12
N LEU C 220 -1.96 -17.57 31.30
CA LEU C 220 -1.34 -16.27 31.00
C LEU C 220 -1.43 -15.33 32.19
N SER C 221 -2.59 -15.25 32.82
CA SER C 221 -2.75 -14.55 34.10
C SER C 221 -1.70 -15.03 35.10
N GLU C 222 -1.36 -16.32 35.12
CA GLU C 222 -0.33 -16.80 36.09
C GLU C 222 1.07 -16.30 35.75
N ILE C 223 1.41 -16.32 34.47
CA ILE C 223 2.70 -15.80 33.98
C ILE C 223 2.87 -14.30 34.30
N ILE C 224 1.79 -13.54 34.15
CA ILE C 224 1.87 -12.09 34.30
C ILE C 224 2.06 -11.73 35.76
N ILE C 225 1.29 -12.37 36.63
CA ILE C 225 1.46 -12.22 38.10
C ILE C 225 2.91 -12.51 38.51
N ALA C 226 3.47 -13.62 37.99
CA ALA C 226 4.83 -14.04 38.36
C ALA C 226 5.90 -13.12 37.80
N ARG C 227 5.63 -12.54 36.65
CA ARG C 227 6.57 -11.65 35.97
C ARG C 227 6.68 -10.40 36.82
N LYS C 228 5.52 -9.95 37.27
CA LYS C 228 5.41 -8.72 38.03
C LYS C 228 6.11 -8.83 39.37
N ALA C 229 5.90 -9.94 40.07
CA ALA C 229 6.57 -10.14 41.35
C ALA C 229 8.08 -10.16 41.10
N ALA C 230 8.47 -10.85 40.05
CA ALA C 230 9.86 -10.94 39.72
C ALA C 230 10.37 -9.53 39.46
N ALA C 231 9.50 -8.71 38.88
CA ALA C 231 9.88 -7.34 38.53
C ALA C 231 10.17 -6.55 39.78
N VAL C 232 9.52 -6.90 40.88
CA VAL C 232 9.81 -6.23 42.12
C VAL C 232 11.25 -6.50 42.52
N ASN C 233 11.67 -7.75 42.38
CA ASN C 233 13.04 -8.14 42.72
C ASN C 233 14.06 -7.44 41.83
N LYS C 234 13.85 -7.55 40.54
CA LYS C 234 14.86 -7.16 39.57
C LYS C 234 14.16 -6.71 38.31
N ASP C 235 14.87 -5.97 37.46
CA ASP C 235 14.25 -5.31 36.33
C ASP C 235 14.47 -6.07 35.02
N SER C 236 13.36 -6.49 34.39
CA SER C 236 13.40 -7.31 33.19
C SER C 236 14.20 -6.59 32.12
N SER C 237 14.99 -7.36 31.38
CA SER C 237 15.77 -6.81 30.30
C SER C 237 15.20 -7.28 28.98
N THR C 238 14.28 -8.25 29.02
CA THR C 238 13.81 -8.80 27.78
C THR C 238 12.32 -8.78 27.49
N SER C 239 12.06 -8.23 26.32
CA SER C 239 10.73 -8.08 25.82
C SER C 239 10.38 -9.26 24.93
N ASP C 240 9.10 -9.59 24.88
CA ASP C 240 8.57 -10.56 23.91
C ASP C 240 7.20 -10.08 23.39
N LEU C 241 6.48 -10.92 22.64
CA LEU C 241 5.16 -10.54 22.16
C LEU C 241 4.21 -10.13 23.30
N LEU C 242 4.22 -10.91 24.36
CA LEU C 242 3.33 -10.69 25.50
C LEU C 242 3.54 -9.35 26.17
N SER C 243 4.78 -9.03 26.49
CA SER C 243 5.09 -7.78 27.19
C SER C 243 4.89 -6.62 26.25
N GLY C 244 5.13 -6.85 24.97
CA GLY C 244 4.78 -5.87 23.94
C GLY C 244 3.30 -5.51 24.02
N LEU C 245 2.43 -6.52 23.96
CA LEU C 245 1.00 -6.27 24.07
C LEU C 245 0.59 -5.70 25.45
N LEU C 246 1.25 -6.12 26.52
CA LEU C 246 0.89 -5.66 27.87
C LEU C 246 1.24 -4.20 28.10
N SER C 247 2.18 -3.69 27.29
CA SER C 247 2.63 -2.33 27.43
C SER C 247 1.90 -1.40 26.46
N ALA C 248 1.04 -1.94 25.60
CA ALA C 248 0.33 -1.12 24.64
C ALA C 248 -0.83 -0.31 25.26
N VAL C 249 -1.04 0.89 24.76
CA VAL C 249 -2.03 1.77 25.31
C VAL C 249 -2.91 2.23 24.17
N TYR C 250 -4.21 2.25 24.41
CA TYR C 250 -5.16 2.67 23.40
C TYR C 250 -5.16 4.19 23.26
N ARG C 251 -5.72 4.67 22.16
CA ARG C 251 -5.91 6.09 21.97
C ARG C 251 -6.51 6.74 23.21
N ASP C 252 -7.34 6.01 23.96
CA ASP C 252 -8.01 6.57 25.14
C ASP C 252 -7.23 6.41 26.45
N GLY C 253 -5.97 6.03 26.33
CA GLY C 253 -5.08 5.87 27.47
C GLY C 253 -5.33 4.66 28.37
N THR C 254 -6.16 3.71 27.93
CA THR C 254 -6.40 2.47 28.70
C THR C 254 -5.58 1.30 28.17
N PRO C 255 -5.19 0.38 29.05
CA PRO C 255 -4.51 -0.79 28.55
C PRO C 255 -5.46 -1.84 27.98
N MET C 256 -4.86 -2.82 27.33
CA MET C 256 -5.57 -3.97 26.81
C MET C 256 -5.88 -4.83 27.98
N SER C 257 -7.04 -5.47 27.98
CA SER C 257 -7.37 -6.42 29.03
C SER C 257 -6.79 -7.77 28.66
N LEU C 258 -6.86 -8.71 29.60
CA LEU C 258 -6.21 -10.01 29.43
C LEU C 258 -6.71 -10.67 28.15
N HIS C 259 -8.01 -10.61 27.94
CA HIS C 259 -8.59 -11.35 26.84
C HIS C 259 -8.35 -10.66 25.53
N GLU C 260 -8.19 -9.34 25.50
CA GLU C 260 -7.81 -8.70 24.24
C GLU C 260 -6.43 -9.25 23.81
N VAL C 261 -5.54 -9.26 24.78
CA VAL C 261 -4.19 -9.74 24.62
C VAL C 261 -4.19 -11.19 24.22
N CYS C 262 -4.91 -12.01 24.97
CA CYS C 262 -4.96 -13.43 24.71
C CYS C 262 -5.54 -13.70 23.33
N GLY C 263 -6.59 -12.99 22.96
CA GLY C 263 -7.16 -13.09 21.63
C GLY C 263 -6.21 -12.66 20.52
N MET C 264 -5.50 -11.56 20.74
CA MET C 264 -4.49 -11.09 19.78
C MET C 264 -3.41 -12.13 19.53
N ILE C 265 -2.99 -12.79 20.59
CA ILE C 265 -1.96 -13.80 20.50
C ILE C 265 -2.45 -14.98 19.68
N VAL C 266 -3.57 -15.57 20.07
CA VAL C 266 -4.09 -16.67 19.30
C VAL C 266 -4.39 -16.24 17.87
N ALA C 267 -5.01 -15.10 17.66
CA ALA C 267 -5.17 -14.62 16.28
C ALA C 267 -3.85 -14.74 15.51
N ALA C 268 -2.82 -14.18 16.13
CA ALA C 268 -1.49 -14.20 15.53
C ALA C 268 -1.10 -15.62 15.09
N MET C 269 -1.31 -16.60 15.96
CA MET C 269 -0.96 -18.01 15.77
C MET C 269 -1.81 -18.69 14.74
N PHE C 270 -3.11 -18.50 14.82
CA PHE C 270 -3.98 -19.10 13.84
C PHE C 270 -3.51 -18.71 12.50
N ALA C 271 -3.38 -17.40 12.34
CA ALA C 271 -3.15 -16.84 11.05
C ALA C 271 -1.84 -17.32 10.48
N GLY C 272 -0.83 -17.39 11.32
CA GLY C 272 0.48 -17.85 10.89
C GLY C 272 0.64 -19.34 10.69
N GLN C 273 -0.03 -20.12 11.53
CA GLN C 273 0.32 -21.51 11.67
C GLN C 273 0.14 -22.35 10.43
N HIS C 274 -1.07 -22.50 9.93
CA HIS C 274 -1.23 -23.40 8.81
C HIS C 274 -0.68 -22.79 7.53
N THR C 275 -0.87 -21.50 7.31
CA THR C 275 -0.42 -20.92 6.08
C THR C 275 1.08 -21.05 5.86
N SER C 276 1.87 -20.77 6.89
CA SER C 276 3.31 -20.89 6.73
C SER C 276 3.79 -22.33 6.55
N SER C 277 3.12 -23.28 7.20
CA SER C 277 3.50 -24.68 7.11
C SER C 277 3.21 -25.17 5.74
N ILE C 278 2.05 -24.78 5.23
CA ILE C 278 1.62 -25.21 3.92
C ILE C 278 2.56 -24.73 2.81
N THR C 279 2.93 -23.45 2.89
CA THR C 279 3.89 -22.90 1.97
C THR C 279 5.20 -23.67 2.04
N THR C 280 5.75 -23.77 3.25
CA THR C 280 6.99 -24.50 3.47
C THR C 280 6.92 -25.87 2.84
N THR C 281 5.84 -26.62 3.11
CA THR C 281 5.70 -27.97 2.57
C THR C 281 5.69 -27.96 1.04
N TRP C 282 4.64 -27.44 0.43
CA TRP C 282 4.57 -27.32 -1.03
C TRP C 282 5.95 -26.99 -1.61
N SER C 283 6.62 -26.01 -1.02
CA SER C 283 7.89 -25.54 -1.57
C SER C 283 8.91 -26.66 -1.57
N MET C 284 9.03 -27.35 -0.45
CA MET C 284 9.94 -28.49 -0.37
C MET C 284 9.52 -29.63 -1.32
N LEU C 285 8.22 -29.79 -1.50
CA LEU C 285 7.70 -30.84 -2.37
C LEU C 285 8.08 -30.61 -3.80
N HIS C 286 7.87 -29.37 -4.28
CA HIS C 286 8.25 -28.96 -5.62
C HIS C 286 9.75 -29.11 -5.83
N LEU C 287 10.50 -28.48 -4.93
CA LEU C 287 11.96 -28.44 -5.03
C LEU C 287 12.61 -29.81 -5.14
N MET C 288 11.99 -30.84 -4.59
CA MET C 288 12.59 -32.18 -4.61
C MET C 288 12.16 -33.03 -5.80
N HIS C 289 11.27 -32.51 -6.64
CA HIS C 289 10.83 -33.30 -7.78
C HIS C 289 11.96 -33.30 -8.81
N PRO C 290 12.28 -34.48 -9.37
CA PRO C 290 13.26 -34.59 -10.44
C PRO C 290 13.17 -33.41 -11.43
N ALA C 291 11.97 -33.18 -11.94
CA ALA C 291 11.67 -32.08 -12.86
C ALA C 291 12.20 -30.69 -12.45
N ASN C 292 12.35 -30.42 -11.17
CA ASN C 292 12.81 -29.11 -10.71
C ASN C 292 14.27 -29.06 -10.27
N VAL C 293 15.07 -30.01 -10.74
CA VAL C 293 16.50 -30.01 -10.42
C VAL C 293 17.08 -28.63 -10.64
N LYS C 294 16.79 -28.01 -11.79
CA LYS C 294 17.45 -26.75 -12.13
C LYS C 294 17.26 -25.80 -10.95
N HIS C 295 16.07 -25.86 -10.35
CA HIS C 295 15.71 -24.98 -9.26
C HIS C 295 16.37 -25.33 -7.92
N LEU C 296 16.62 -26.60 -7.64
CA LEU C 296 17.31 -26.97 -6.40
C LEU C 296 18.78 -26.59 -6.46
N GLU C 297 19.38 -26.76 -7.64
CA GLU C 297 20.76 -26.38 -7.85
C GLU C 297 20.87 -24.90 -7.55
N ALA C 298 20.01 -24.12 -8.21
CA ALA C 298 19.97 -22.66 -8.02
C ALA C 298 19.69 -22.18 -6.59
N LEU C 299 19.22 -23.07 -5.71
CA LEU C 299 18.96 -22.69 -4.33
C LEU C 299 20.18 -22.90 -3.45
N ARG C 300 20.78 -24.08 -3.52
CA ARG C 300 21.99 -24.34 -2.72
C ARG C 300 23.05 -23.38 -3.22
N LYS C 301 22.93 -23.04 -4.49
CA LYS C 301 23.81 -22.06 -5.09
C LYS C 301 23.75 -20.76 -4.32
N GLU C 302 22.54 -20.34 -4.00
CA GLU C 302 22.31 -19.12 -3.24
C GLU C 302 22.79 -19.25 -1.80
N ILE C 303 22.64 -20.44 -1.22
CA ILE C 303 22.98 -20.69 0.18
C ILE C 303 24.42 -21.18 0.45
N GLU C 304 25.17 -21.51 -0.62
CA GLU C 304 26.51 -22.10 -0.49
C GLU C 304 27.54 -21.20 0.22
N GLU C 305 27.62 -19.93 -0.15
CA GLU C 305 28.60 -19.03 0.49
C GLU C 305 27.96 -18.32 1.65
N PHE C 306 27.52 -19.08 2.66
CA PHE C 306 26.82 -18.49 3.78
C PHE C 306 27.35 -18.95 5.10
N PRO C 307 27.51 -18.03 6.06
CA PRO C 307 27.92 -18.51 7.37
C PRO C 307 27.09 -19.74 7.82
N ALA C 308 27.59 -20.46 8.82
CA ALA C 308 26.88 -21.60 9.39
C ALA C 308 25.81 -21.15 10.38
N GLN C 309 26.09 -20.03 11.07
CA GLN C 309 25.12 -19.31 11.91
C GLN C 309 24.64 -18.10 11.12
N LEU C 310 23.36 -18.06 10.76
CA LEU C 310 22.83 -17.04 9.86
C LEU C 310 22.35 -15.82 10.61
N ASN C 311 22.32 -14.72 9.87
CA ASN C 311 21.98 -13.44 10.40
C ASN C 311 20.92 -12.80 9.54
N TYR C 312 20.44 -11.65 10.00
CA TYR C 312 19.33 -10.96 9.38
C TYR C 312 19.52 -10.59 7.89
N ASN C 313 20.65 -10.01 7.55
CA ASN C 313 20.88 -9.52 6.18
C ASN C 313 20.89 -10.68 5.22
N ASN C 314 21.40 -11.81 5.70
CA ASN C 314 21.57 -12.99 4.89
C ASN C 314 20.28 -13.40 4.28
N VAL C 315 19.41 -13.81 5.17
CA VAL C 315 18.16 -14.38 4.78
C VAL C 315 17.29 -13.31 4.23
N MET C 316 17.32 -12.18 4.91
CA MET C 316 16.46 -11.10 4.55
C MET C 316 16.92 -10.49 3.25
N ASP C 317 18.23 -10.40 3.05
CA ASP C 317 18.75 -9.65 1.90
C ASP C 317 19.37 -10.44 0.78
N GLU C 318 19.96 -11.58 1.10
CA GLU C 318 20.75 -12.32 0.13
C GLU C 318 20.08 -13.63 -0.25
N MET C 319 18.77 -13.74 -0.04
CA MET C 319 18.07 -14.97 -0.37
C MET C 319 16.84 -14.75 -1.25
N PRO C 320 16.93 -13.87 -2.25
CA PRO C 320 15.72 -13.58 -3.02
C PRO C 320 15.20 -14.76 -3.85
N PHE C 321 16.08 -15.67 -4.26
CA PHE C 321 15.61 -16.81 -5.03
C PHE C 321 14.70 -17.66 -4.18
N ALA C 322 15.17 -18.05 -3.00
CA ALA C 322 14.34 -18.80 -2.07
C ALA C 322 12.94 -18.16 -1.92
N GLU C 323 12.87 -16.83 -1.74
CA GLU C 323 11.58 -16.13 -1.69
C GLU C 323 10.73 -16.42 -2.92
N ARG C 324 11.32 -16.40 -4.10
CA ARG C 324 10.58 -16.69 -5.31
C ARG C 324 9.90 -18.05 -5.26
N CYS C 325 10.54 -19.04 -4.64
CA CYS C 325 9.99 -20.40 -4.52
C CYS C 325 8.74 -20.39 -3.63
N ALA C 326 8.86 -19.73 -2.49
CA ALA C 326 7.75 -19.59 -1.59
C ALA C 326 6.59 -18.88 -2.29
N ARG C 327 6.81 -17.67 -2.81
CA ARG C 327 5.72 -16.95 -3.47
C ARG C 327 5.09 -17.84 -4.52
N GLU C 328 5.92 -18.59 -5.27
CA GLU C 328 5.41 -19.35 -6.41
C GLU C 328 4.61 -20.55 -5.93
N SER C 329 5.00 -21.12 -4.79
CA SER C 329 4.19 -22.17 -4.18
C SER C 329 2.80 -21.62 -3.80
N ILE C 330 2.79 -20.42 -3.22
CA ILE C 330 1.55 -19.72 -2.88
C ILE C 330 0.78 -19.33 -4.13
N ARG C 331 1.51 -18.93 -5.16
CA ARG C 331 0.85 -18.54 -6.39
C ARG C 331 0.13 -19.79 -6.88
N ARG C 332 0.88 -20.87 -7.09
CA ARG C 332 0.26 -22.06 -7.68
C ARG C 332 -0.82 -22.64 -6.80
N ASP C 333 -0.67 -22.61 -5.49
CA ASP C 333 -1.61 -23.33 -4.61
C ASP C 333 -1.98 -22.52 -3.36
N PRO C 334 -2.74 -21.45 -3.55
CA PRO C 334 -2.97 -20.54 -2.46
C PRO C 334 -3.74 -21.17 -1.28
N PRO C 335 -3.21 -21.04 -0.06
CA PRO C 335 -3.84 -21.61 1.12
C PRO C 335 -5.21 -21.05 1.41
N LEU C 336 -5.39 -19.76 1.16
CA LEU C 336 -6.70 -19.17 1.22
C LEU C 336 -7.26 -19.12 -0.20
N LEU C 337 -8.34 -19.87 -0.43
CA LEU C 337 -8.98 -19.93 -1.73
C LEU C 337 -9.76 -18.64 -2.04
N MET C 338 -10.40 -18.09 -1.02
CA MET C 338 -11.41 -17.06 -1.22
C MET C 338 -11.40 -16.01 -0.11
N LEU C 339 -11.38 -14.75 -0.53
CA LEU C 339 -11.43 -13.64 0.40
C LEU C 339 -12.77 -13.00 0.23
N MET C 340 -13.40 -12.60 1.32
CA MET C 340 -14.75 -12.11 1.25
C MET C 340 -14.99 -10.82 2.05
N ARG C 341 -16.01 -10.07 1.62
CA ARG C 341 -16.41 -8.81 2.22
C ARG C 341 -17.89 -8.69 1.98
N LYS C 342 -18.61 -8.16 2.96
CA LYS C 342 -20.02 -7.88 2.82
C LYS C 342 -20.18 -6.48 2.22
N VAL C 343 -20.94 -6.38 1.13
CA VAL C 343 -21.21 -5.07 0.51
C VAL C 343 -22.28 -4.28 1.28
N MET C 344 -21.82 -3.27 1.98
CA MET C 344 -22.67 -2.39 2.78
C MET C 344 -23.20 -1.20 1.97
N ALA C 345 -22.78 -1.07 0.70
CA ALA C 345 -23.27 -0.03 -0.20
C ALA C 345 -23.00 -0.37 -1.65
N ASP C 346 -23.91 0.01 -2.53
CA ASP C 346 -23.74 -0.21 -3.95
C ASP C 346 -22.39 0.29 -4.38
N VAL C 347 -21.66 -0.53 -5.13
CA VAL C 347 -20.33 -0.18 -5.56
C VAL C 347 -19.99 -0.63 -7.01
N LYS C 348 -19.24 0.18 -7.73
CA LYS C 348 -18.85 -0.14 -9.12
C LYS C 348 -17.85 -1.30 -9.09
N VAL C 349 -17.91 -2.15 -10.10
CA VAL C 349 -16.87 -3.16 -10.35
C VAL C 349 -16.84 -3.55 -11.82
N GLY C 350 -15.86 -3.01 -12.54
CA GLY C 350 -15.80 -3.15 -14.00
C GLY C 350 -16.95 -2.39 -14.62
N SER C 351 -17.63 -3.01 -15.58
CA SER C 351 -18.85 -2.43 -16.14
C SER C 351 -19.95 -2.49 -15.08
N TYR C 352 -20.10 -3.64 -14.44
CA TYR C 352 -21.24 -3.91 -13.55
C TYR C 352 -21.26 -3.10 -12.24
N VAL C 353 -22.36 -3.28 -11.50
CA VAL C 353 -22.56 -2.70 -10.16
C VAL C 353 -23.05 -3.79 -9.18
N VAL C 354 -22.42 -3.89 -8.02
CA VAL C 354 -22.78 -4.95 -7.09
C VAL C 354 -23.58 -4.36 -5.95
N PRO C 355 -24.79 -4.87 -5.72
CA PRO C 355 -25.67 -4.14 -4.81
C PRO C 355 -25.50 -4.47 -3.30
N LYS C 356 -25.88 -3.49 -2.47
CA LYS C 356 -25.85 -3.61 -1.03
C LYS C 356 -26.50 -4.94 -0.67
N GLY C 357 -25.87 -5.68 0.23
CA GLY C 357 -26.41 -6.98 0.63
C GLY C 357 -25.64 -8.15 0.06
N ASP C 358 -24.99 -7.98 -1.10
CA ASP C 358 -24.20 -9.06 -1.68
C ASP C 358 -22.99 -9.36 -0.84
N ILE C 359 -22.58 -10.62 -0.83
CA ILE C 359 -21.22 -10.91 -0.47
C ILE C 359 -20.44 -10.76 -1.76
N ILE C 360 -19.27 -10.18 -1.64
CA ILE C 360 -18.37 -10.02 -2.74
C ILE C 360 -17.09 -10.74 -2.35
N ALA C 361 -16.49 -11.38 -3.32
CA ALA C 361 -15.39 -12.32 -3.08
C ALA C 361 -14.35 -12.23 -4.16
N CYS C 362 -13.09 -12.38 -3.76
CA CYS C 362 -12.01 -12.43 -4.72
C CYS C 362 -11.20 -13.68 -4.44
N SER C 363 -10.91 -14.44 -5.48
CA SER C 363 -10.30 -15.74 -5.32
C SER C 363 -8.86 -15.78 -5.85
N PRO C 364 -7.89 -15.75 -4.92
CA PRO C 364 -6.52 -16.15 -5.20
C PRO C 364 -6.43 -17.44 -6.02
N LEU C 365 -7.27 -18.42 -5.71
CA LEU C 365 -7.28 -19.61 -6.50
C LEU C 365 -7.55 -19.31 -7.98
N LEU C 366 -8.63 -18.57 -8.26
CA LEU C 366 -9.02 -18.27 -9.60
C LEU C 366 -8.01 -17.37 -10.33
N SER C 367 -7.65 -16.27 -9.66
CA SER C 367 -6.83 -15.25 -10.28
C SER C 367 -5.42 -15.76 -10.59
N HIS C 368 -4.89 -16.60 -9.71
CA HIS C 368 -3.58 -17.19 -9.92
C HIS C 368 -3.61 -18.21 -11.03
N HIS C 369 -4.80 -18.52 -11.53
CA HIS C 369 -4.93 -19.43 -12.65
C HIS C 369 -5.42 -18.77 -13.93
N ASP C 370 -5.59 -17.46 -13.88
CA ASP C 370 -6.02 -16.73 -15.03
C ASP C 370 -4.85 -16.80 -15.99
N GLU C 371 -5.13 -17.15 -17.25
CA GLU C 371 -4.04 -17.53 -18.19
C GLU C 371 -3.35 -16.35 -18.87
N GLU C 372 -3.97 -15.18 -18.85
CA GLU C 372 -3.27 -13.96 -19.28
C GLU C 372 -2.22 -13.63 -18.21
N ALA C 373 -2.66 -13.46 -16.96
CA ALA C 373 -1.74 -13.11 -15.86
C ALA C 373 -0.68 -14.17 -15.56
N PHE C 374 -1.02 -15.45 -15.73
CA PHE C 374 -0.11 -16.55 -15.40
C PHE C 374 -0.13 -17.63 -16.47
N PRO C 375 0.57 -17.39 -17.61
CA PRO C 375 0.78 -18.45 -18.59
C PRO C 375 1.10 -19.80 -17.92
N GLU C 376 0.51 -20.89 -18.42
CA GLU C 376 0.81 -22.26 -17.98
C GLU C 376 0.76 -22.35 -16.45
N PRO C 377 -0.43 -22.14 -15.89
CA PRO C 377 -0.50 -21.88 -14.46
C PRO C 377 -0.24 -23.10 -13.55
N ARG C 378 -0.54 -24.33 -13.99
CA ARG C 378 -0.28 -25.49 -13.12
C ARG C 378 1.20 -25.86 -13.02
N ARG C 379 2.04 -25.28 -13.88
CA ARG C 379 3.48 -25.50 -13.78
C ARG C 379 4.05 -24.56 -12.73
N TRP C 380 4.77 -25.12 -11.78
CA TRP C 380 5.46 -24.36 -10.74
C TRP C 380 6.75 -23.80 -11.30
N ASP C 381 6.86 -22.46 -11.37
CA ASP C 381 7.99 -21.78 -12.02
C ASP C 381 8.44 -20.58 -11.17
N PRO C 382 9.40 -20.79 -10.28
CA PRO C 382 9.89 -19.68 -9.45
C PRO C 382 10.51 -18.53 -10.21
N GLU C 383 10.85 -18.73 -11.47
CA GLU C 383 11.44 -17.66 -12.28
C GLU C 383 10.39 -16.82 -13.01
N ARG C 384 9.13 -17.22 -12.99
CA ARG C 384 8.06 -16.45 -13.65
C ARG C 384 7.82 -15.12 -12.92
N ASP C 385 7.03 -14.26 -13.57
CA ASP C 385 6.48 -13.04 -12.94
C ASP C 385 5.04 -12.83 -13.43
N GLU C 386 4.29 -12.00 -12.71
CA GLU C 386 2.90 -11.73 -13.11
C GLU C 386 2.93 -11.05 -14.48
N LYS C 387 1.87 -11.19 -15.26
CA LYS C 387 1.74 -10.44 -16.50
C LYS C 387 0.66 -9.38 -16.34
N VAL C 388 0.10 -9.27 -15.14
CA VAL C 388 -0.82 -8.20 -14.79
C VAL C 388 -0.40 -7.61 -13.44
N GLU C 389 -0.31 -6.28 -13.36
CA GLU C 389 0.04 -5.61 -12.11
C GLU C 389 -1.05 -6.04 -11.13
N GLY C 390 -0.65 -6.58 -9.98
CA GLY C 390 -1.59 -7.02 -8.96
C GLY C 390 -2.32 -8.36 -9.15
N ALA C 391 -2.01 -9.11 -10.21
CA ALA C 391 -2.58 -10.44 -10.39
C ALA C 391 -2.29 -11.37 -9.21
N PHE C 392 -1.09 -11.29 -8.65
CA PHE C 392 -0.79 -12.02 -7.41
C PHE C 392 -1.45 -11.36 -6.19
N ILE C 393 -2.18 -12.17 -5.44
CA ILE C 393 -2.93 -11.72 -4.28
C ILE C 393 -2.83 -12.75 -3.15
N GLY C 394 -1.71 -13.47 -3.06
CA GLY C 394 -1.56 -14.49 -2.06
C GLY C 394 -1.56 -13.97 -0.63
N PHE C 395 -1.08 -12.74 -0.44
CA PHE C 395 -1.12 -12.10 0.86
C PHE C 395 -2.18 -11.00 0.87
N GLY C 396 -3.05 -11.01 -0.11
CA GLY C 396 -4.04 -9.96 -0.28
C GLY C 396 -3.41 -8.63 -0.65
N ALA C 397 -4.16 -7.55 -0.38
CA ALA C 397 -3.74 -6.17 -0.68
C ALA C 397 -4.72 -5.17 -0.10
N GLY C 398 -4.41 -3.90 -0.31
CA GLY C 398 -5.26 -2.84 0.16
C GLY C 398 -5.49 -2.85 1.66
N VAL C 399 -6.69 -2.50 2.09
CA VAL C 399 -6.84 -2.06 3.45
C VAL C 399 -6.65 -3.21 4.42
N HIS C 400 -6.70 -4.43 3.90
CA HIS C 400 -6.53 -5.65 4.71
C HIS C 400 -5.33 -6.55 4.28
N LYS C 401 -4.34 -5.94 3.65
CA LYS C 401 -3.01 -6.53 3.44
C LYS C 401 -2.55 -7.39 4.61
N CYS C 402 -2.05 -8.58 4.32
CA CYS C 402 -1.48 -9.45 5.35
C CYS C 402 -0.40 -8.69 6.02
N ILE C 403 -0.45 -8.66 7.36
CA ILE C 403 0.52 -7.90 8.14
C ILE C 403 1.51 -8.83 8.81
N GLY C 404 1.48 -10.09 8.38
CA GLY C 404 2.40 -11.08 8.92
C GLY C 404 3.24 -11.72 7.83
N GLN C 405 3.01 -11.26 6.61
CA GLN C 405 3.75 -11.71 5.45
C GLN C 405 5.22 -11.82 5.76
N LYS C 406 5.81 -10.75 6.27
CA LYS C 406 7.27 -10.75 6.42
C LYS C 406 7.76 -11.81 7.37
N PHE C 407 7.05 -12.05 8.46
CA PHE C 407 7.48 -13.01 9.46
C PHE C 407 7.34 -14.43 8.92
N GLY C 408 6.31 -14.61 8.13
CA GLY C 408 6.04 -15.89 7.55
C GLY C 408 7.16 -16.33 6.64
N LEU C 409 7.55 -15.40 5.75
CA LEU C 409 8.53 -15.72 4.72
C LEU C 409 9.91 -15.92 5.34
N LEU C 410 10.15 -15.20 6.43
CA LEU C 410 11.37 -15.38 7.19
C LEU C 410 11.45 -16.81 7.69
N GLN C 411 10.38 -17.26 8.34
CA GLN C 411 10.31 -18.63 8.81
C GLN C 411 10.55 -19.62 7.66
N VAL C 412 9.80 -19.47 6.57
CA VAL C 412 9.86 -20.41 5.46
C VAL C 412 11.26 -20.49 4.83
N LYS C 413 11.80 -19.36 4.45
CA LYS C 413 13.10 -19.35 3.79
C LYS C 413 14.18 -20.02 4.65
N THR C 414 14.30 -19.54 5.89
CA THR C 414 15.20 -20.07 6.91
C THR C 414 15.11 -21.58 7.11
N ILE C 415 13.89 -22.10 7.05
CA ILE C 415 13.70 -23.53 7.13
C ILE C 415 14.24 -24.16 5.87
N LEU C 416 13.89 -23.58 4.73
CA LEU C 416 14.33 -24.10 3.42
C LEU C 416 15.85 -24.20 3.33
N ALA C 417 16.54 -23.15 3.76
CA ALA C 417 18.01 -23.13 3.75
C ALA C 417 18.52 -24.19 4.70
N THR C 418 18.13 -24.07 5.96
CA THR C 418 18.60 -25.00 6.97
C THR C 418 18.45 -26.45 6.54
N ALA C 419 17.29 -26.80 5.99
CA ALA C 419 16.96 -28.20 5.70
C ALA C 419 17.64 -28.75 4.43
N PHE C 420 17.81 -27.92 3.40
CA PHE C 420 18.55 -28.37 2.21
C PHE C 420 20.09 -28.28 2.34
N ARG C 421 20.59 -27.54 3.32
CA ARG C 421 22.02 -27.54 3.66
C ARG C 421 22.44 -28.93 4.13
N SER C 422 21.58 -29.59 4.92
CA SER C 422 21.92 -30.84 5.61
C SER C 422 21.21 -32.09 5.09
N TYR C 423 20.25 -31.93 4.17
CA TYR C 423 19.45 -33.08 3.75
C TYR C 423 19.05 -33.01 2.30
N ASP C 424 18.83 -34.19 1.73
CA ASP C 424 18.17 -34.33 0.45
C ASP C 424 16.89 -35.02 0.78
N PHE C 425 15.95 -35.03 -0.16
CA PHE C 425 14.63 -35.64 0.03
C PHE C 425 14.17 -36.28 -1.26
N GLN C 426 13.37 -37.32 -1.13
CA GLN C 426 12.82 -37.93 -2.28
C GLN C 426 11.32 -38.09 -2.10
N LEU C 427 10.62 -37.72 -3.16
CA LEU C 427 9.18 -37.93 -3.22
C LEU C 427 8.90 -39.45 -3.23
N LEU C 428 7.67 -39.83 -2.97
CA LEU C 428 7.32 -41.23 -2.80
C LEU C 428 6.14 -41.58 -3.68
N ARG C 429 5.98 -40.82 -4.75
CA ARG C 429 4.88 -41.00 -5.66
C ARG C 429 5.27 -40.26 -6.93
N ASP C 430 4.55 -40.52 -8.00
CA ASP C 430 4.97 -40.01 -9.30
C ASP C 430 4.94 -38.48 -9.36
N GLU C 431 3.80 -37.87 -9.11
CA GLU C 431 3.73 -36.42 -9.20
C GLU C 431 3.80 -35.73 -7.82
N VAL C 432 3.88 -34.40 -7.86
CA VAL C 432 3.78 -33.57 -6.66
C VAL C 432 2.36 -33.79 -6.14
N PRO C 433 2.16 -33.72 -4.82
CA PRO C 433 0.82 -33.98 -4.28
C PRO C 433 -0.24 -33.00 -4.78
N ASP C 434 -1.49 -33.46 -4.77
CA ASP C 434 -2.64 -32.61 -5.12
C ASP C 434 -3.09 -31.74 -3.94
N PRO C 435 -3.65 -30.55 -4.24
CA PRO C 435 -4.23 -29.84 -3.14
C PRO C 435 -5.45 -30.54 -2.65
N ASP C 436 -5.73 -30.45 -1.36
CA ASP C 436 -6.97 -30.99 -0.83
C ASP C 436 -7.84 -29.83 -0.40
N TYR C 437 -8.91 -29.64 -1.17
CA TYR C 437 -9.79 -28.52 -1.00
C TYR C 437 -10.88 -28.75 0.05
N HIS C 438 -10.73 -29.77 0.92
CA HIS C 438 -11.70 -30.03 2.01
C HIS C 438 -11.40 -29.25 3.29
N THR C 439 -10.15 -28.87 3.52
CA THR C 439 -9.83 -28.15 4.76
C THR C 439 -10.16 -26.65 4.57
N MET C 440 -10.29 -25.87 5.65
CA MET C 440 -10.50 -24.40 5.54
C MET C 440 -9.29 -23.74 4.86
N VAL C 441 -8.12 -23.86 5.48
CA VAL C 441 -6.87 -23.50 4.83
C VAL C 441 -6.42 -24.69 3.98
N VAL C 442 -6.00 -24.46 2.73
CA VAL C 442 -5.74 -25.57 1.79
C VAL C 442 -4.28 -25.85 1.62
N GLY C 443 -3.91 -27.12 1.80
CA GLY C 443 -2.53 -27.58 1.64
C GLY C 443 -2.47 -28.78 0.71
N PRO C 444 -1.27 -29.32 0.48
CA PRO C 444 -1.21 -30.61 -0.17
C PRO C 444 -1.92 -31.70 0.62
N THR C 445 -2.40 -32.70 -0.10
CA THR C 445 -3.10 -33.81 0.52
C THR C 445 -2.14 -34.47 1.52
N ALA C 446 -2.59 -34.56 2.77
CA ALA C 446 -1.70 -35.02 3.86
C ALA C 446 -1.15 -36.41 3.59
N SER C 447 -2.01 -37.36 3.23
CA SER C 447 -1.59 -38.73 2.99
C SER C 447 -0.58 -38.91 1.85
N GLN C 448 -0.44 -37.90 1.00
CA GLN C 448 0.54 -37.97 -0.09
C GLN C 448 1.91 -37.36 0.22
N CYS C 449 2.05 -36.82 1.43
CA CYS C 449 3.22 -36.03 1.82
C CYS C 449 4.29 -36.82 2.57
N ARG C 450 4.22 -38.15 2.54
CA ARG C 450 5.35 -38.95 3.05
C ARG C 450 6.44 -38.87 2.02
N VAL C 451 7.66 -38.74 2.53
CA VAL C 451 8.81 -38.29 1.78
C VAL C 451 10.02 -38.93 2.43
N LYS C 452 11.06 -39.19 1.65
CA LYS C 452 12.26 -39.81 2.19
C LYS C 452 13.31 -38.74 2.50
N TYR C 453 13.94 -38.80 3.69
CA TYR C 453 15.09 -37.93 3.99
C TYR C 453 16.39 -38.72 3.92
N ILE C 454 17.48 -38.00 3.69
CA ILE C 454 18.77 -38.59 3.49
C ILE C 454 19.84 -37.59 3.91
N ARG C 455 20.63 -37.93 4.91
CA ARG C 455 21.62 -36.96 5.38
C ARG C 455 22.76 -36.82 4.39
N ARG C 456 23.19 -35.58 4.16
CA ARG C 456 24.14 -35.32 3.11
C ARG C 456 25.54 -35.76 3.45
N LYS C 457 26.12 -36.59 2.57
CA LYS C 457 27.52 -36.99 2.67
C LYS C 457 28.37 -35.73 2.53
N ALA C 458 27.90 -34.84 1.67
CA ALA C 458 28.55 -33.54 1.46
C ALA C 458 28.12 -32.53 2.51
N GLY D 9 -31.27 -74.89 45.92
CA GLY D 9 -30.16 -74.17 45.21
C GLY D 9 -30.17 -72.66 45.42
N LYS D 10 -29.27 -72.18 46.27
CA LYS D 10 -29.21 -70.77 46.63
C LYS D 10 -28.88 -69.84 45.44
N LEU D 11 -29.58 -68.72 45.40
CA LEU D 11 -29.39 -67.73 44.38
C LEU D 11 -28.84 -66.49 44.99
N PRO D 12 -27.80 -65.93 44.39
CA PRO D 12 -27.25 -64.77 45.03
C PRO D 12 -28.34 -63.75 45.20
N PRO D 13 -28.29 -63.00 46.29
CA PRO D 13 -29.29 -62.01 46.60
C PRO D 13 -29.40 -60.96 45.52
N MET D 14 -30.62 -60.73 45.07
CA MET D 14 -30.89 -59.68 44.13
C MET D 14 -30.78 -58.39 44.91
N TYR D 15 -30.61 -57.29 44.20
CA TYR D 15 -30.54 -56.03 44.87
C TYR D 15 -31.71 -55.21 44.43
N PRO D 16 -32.50 -54.72 45.40
CA PRO D 16 -33.66 -53.90 45.06
C PRO D 16 -33.47 -52.95 43.87
N VAL D 17 -34.23 -53.26 42.81
CA VAL D 17 -34.33 -52.43 41.62
C VAL D 17 -35.27 -51.28 41.95
N THR D 18 -34.77 -50.07 41.93
CA THR D 18 -35.57 -48.95 42.36
C THR D 18 -36.05 -48.14 41.18
N VAL D 19 -35.46 -48.33 40.01
CA VAL D 19 -36.01 -47.68 38.81
C VAL D 19 -36.34 -48.77 37.79
N PRO D 20 -37.50 -48.67 37.15
CA PRO D 20 -38.14 -49.78 36.47
C PRO D 20 -37.40 -50.41 35.28
N ILE D 21 -37.00 -49.65 34.28
CA ILE D 21 -36.47 -50.31 33.11
C ILE D 21 -34.97 -50.32 33.08
N LEU D 22 -34.39 -49.16 33.41
CA LEU D 22 -32.95 -48.96 33.36
C LEU D 22 -32.21 -49.94 34.23
N GLY D 23 -32.78 -50.21 35.40
CA GLY D 23 -32.07 -50.91 36.44
C GLY D 23 -31.22 -49.96 37.27
N HIS D 24 -30.02 -50.40 37.65
CA HIS D 24 -29.14 -49.59 38.48
C HIS D 24 -28.09 -48.86 37.67
N ILE D 25 -28.42 -48.48 36.44
CA ILE D 25 -27.39 -47.94 35.55
C ILE D 25 -26.79 -46.62 36.03
N ILE D 26 -27.59 -45.77 36.68
CA ILE D 26 -27.08 -44.46 37.13
C ILE D 26 -26.40 -44.54 38.49
N GLN D 27 -26.96 -45.37 39.37
CA GLN D 27 -26.42 -45.59 40.71
C GLN D 27 -25.00 -46.20 40.60
N PHE D 28 -24.75 -46.82 39.44
CA PHE D 28 -23.41 -47.29 39.07
C PHE D 28 -22.52 -46.13 38.57
N GLY D 29 -22.90 -45.51 37.47
CA GLY D 29 -22.11 -44.41 36.88
C GLY D 29 -21.76 -43.27 37.83
N LYS D 30 -22.65 -42.98 38.79
CA LYS D 30 -22.37 -41.96 39.82
C LYS D 30 -20.97 -42.17 40.42
N SER D 31 -20.79 -43.28 41.16
CA SER D 31 -19.46 -43.73 41.55
C SER D 31 -19.49 -45.26 41.61
N PRO D 32 -18.82 -45.92 40.65
CA PRO D 32 -18.85 -47.37 40.59
C PRO D 32 -18.40 -48.07 41.86
N LEU D 33 -17.44 -47.48 42.58
CA LEU D 33 -16.93 -48.11 43.80
C LEU D 33 -18.00 -48.08 44.89
N GLY D 34 -18.46 -46.88 45.19
CA GLY D 34 -19.43 -46.64 46.25
C GLY D 34 -20.64 -47.53 46.11
N PHE D 35 -21.21 -47.59 44.91
CA PHE D 35 -22.42 -48.36 44.73
C PHE D 35 -22.19 -49.81 45.06
N MET D 36 -21.15 -50.38 44.49
CA MET D 36 -20.85 -51.80 44.68
C MET D 36 -20.58 -52.15 46.15
N GLN D 37 -20.03 -51.20 46.90
CA GLN D 37 -19.79 -51.41 48.32
C GLN D 37 -21.07 -51.37 49.18
N GLU D 38 -21.95 -50.40 48.91
CA GLU D 38 -23.27 -50.36 49.60
C GLU D 38 -23.93 -51.74 49.48
N CYS D 39 -23.78 -52.36 48.30
CA CYS D 39 -24.37 -53.67 48.00
C CYS D 39 -23.83 -54.84 48.86
N LYS D 40 -22.50 -54.90 49.04
CA LYS D 40 -21.90 -56.05 49.70
C LYS D 40 -22.30 -56.15 51.18
N ARG D 41 -22.43 -55.00 51.85
CA ARG D 41 -22.87 -54.94 53.24
C ARG D 41 -24.40 -54.99 53.36
N GLN D 42 -25.11 -54.14 52.65
CA GLN D 42 -26.55 -54.16 52.80
C GLN D 42 -27.11 -55.54 52.44
N LEU D 43 -26.59 -56.15 51.39
CA LEU D 43 -27.01 -57.51 51.10
C LEU D 43 -26.28 -58.40 52.03
N LYS D 44 -25.31 -57.82 52.73
CA LYS D 44 -24.61 -58.56 53.73
C LYS D 44 -24.03 -59.84 53.12
N SER D 45 -23.62 -59.76 51.87
CA SER D 45 -23.06 -60.91 51.20
C SER D 45 -21.94 -60.47 50.29
N GLY D 46 -20.88 -61.27 50.25
CA GLY D 46 -19.78 -60.97 49.37
C GLY D 46 -20.28 -60.90 47.94
N ILE D 47 -21.06 -61.91 47.57
CA ILE D 47 -21.55 -62.13 46.22
C ILE D 47 -23.00 -61.70 46.13
N PHE D 48 -23.43 -61.26 44.97
CA PHE D 48 -24.78 -60.71 44.82
C PHE D 48 -25.06 -60.37 43.36
N THR D 49 -26.31 -60.06 43.05
CA THR D 49 -26.70 -59.75 41.69
C THR D 49 -27.31 -58.37 41.58
N ILE D 50 -27.16 -57.79 40.40
CA ILE D 50 -27.74 -56.50 40.13
C ILE D 50 -28.32 -56.51 38.73
N ASN D 51 -29.03 -55.44 38.41
CA ASN D 51 -29.78 -55.35 37.18
C ASN D 51 -29.29 -54.17 36.36
N ILE D 52 -28.87 -54.47 35.13
CA ILE D 52 -28.50 -53.40 34.21
C ILE D 52 -29.37 -53.49 32.94
N VAL D 53 -30.36 -52.59 32.88
CA VAL D 53 -31.30 -52.53 31.80
C VAL D 53 -31.81 -53.94 31.49
N GLY D 54 -32.32 -54.61 32.52
CA GLY D 54 -32.95 -55.90 32.34
C GLY D 54 -32.10 -57.17 32.47
N LYS D 55 -30.80 -57.07 32.28
CA LYS D 55 -29.94 -58.28 32.33
C LYS D 55 -29.34 -58.41 33.71
N ARG D 56 -29.39 -59.62 34.26
CA ARG D 56 -28.90 -59.84 35.60
C ARG D 56 -27.39 -60.04 35.56
N VAL D 57 -26.70 -59.22 36.36
CA VAL D 57 -25.25 -59.27 36.51
C VAL D 57 -24.84 -59.74 37.92
N THR D 58 -24.38 -60.97 38.00
CA THR D 58 -23.90 -61.53 39.26
C THR D 58 -22.43 -61.15 39.49
N ILE D 59 -22.16 -60.26 40.45
CA ILE D 59 -20.79 -59.85 40.78
C ILE D 59 -20.19 -60.71 41.87
N VAL D 60 -18.94 -61.14 41.66
CA VAL D 60 -18.17 -61.92 42.62
C VAL D 60 -17.24 -60.97 43.39
N GLY D 61 -17.81 -60.38 44.44
CA GLY D 61 -17.11 -59.39 45.26
C GLY D 61 -16.50 -59.94 46.52
N ASP D 62 -16.47 -61.26 46.63
CA ASP D 62 -15.77 -61.92 47.71
C ASP D 62 -14.51 -62.52 47.13
N PRO D 63 -13.38 -61.93 47.52
CA PRO D 63 -12.08 -62.41 47.10
C PRO D 63 -11.90 -63.92 47.21
N HIS D 64 -12.53 -64.59 48.19
CA HIS D 64 -12.33 -66.03 48.38
C HIS D 64 -12.89 -66.88 47.23
N GLU D 65 -13.82 -66.31 46.47
CA GLU D 65 -14.50 -67.02 45.41
C GLU D 65 -14.05 -66.56 44.04
N HIS D 66 -12.86 -65.96 43.96
CA HIS D 66 -12.32 -65.48 42.69
C HIS D 66 -12.10 -66.63 41.74
N SER D 67 -11.58 -67.74 42.25
CA SER D 67 -11.22 -68.88 41.43
C SER D 67 -12.44 -69.50 40.75
N ARG D 68 -13.56 -69.50 41.47
CA ARG D 68 -14.82 -69.97 40.89
C ARG D 68 -15.18 -69.23 39.60
N PHE D 69 -14.66 -68.00 39.44
CA PHE D 69 -14.88 -67.14 38.23
C PHE D 69 -13.78 -67.22 37.13
N PHE D 70 -12.56 -67.58 37.50
CA PHE D 70 -11.45 -67.63 36.53
C PHE D 70 -11.14 -69.03 36.03
N LEU D 71 -11.47 -70.05 36.80
CA LEU D 71 -11.14 -71.42 36.41
C LEU D 71 -12.10 -72.05 35.37
N PRO D 72 -13.40 -71.71 35.37
CA PRO D 72 -14.25 -72.47 34.46
C PRO D 72 -13.89 -72.35 32.97
N ARG D 73 -14.41 -73.27 32.18
CA ARG D 73 -14.02 -73.40 30.77
C ARG D 73 -14.81 -72.38 29.95
N ASN D 74 -14.26 -71.98 28.81
CA ASN D 74 -14.99 -71.11 27.87
C ASN D 74 -16.43 -71.49 27.59
N GLU D 75 -16.65 -72.78 27.36
CA GLU D 75 -17.98 -73.29 27.07
C GLU D 75 -18.93 -73.16 28.28
N VAL D 76 -18.39 -72.88 29.46
CA VAL D 76 -19.19 -72.60 30.67
C VAL D 76 -19.33 -71.09 30.90
N LEU D 77 -18.20 -70.40 31.08
CA LEU D 77 -18.15 -68.94 31.19
C LEU D 77 -17.48 -68.39 29.95
N SER D 78 -18.27 -67.73 29.11
CA SER D 78 -17.81 -67.30 27.79
C SER D 78 -17.66 -65.81 27.63
N PRO D 79 -16.56 -65.38 26.97
CA PRO D 79 -16.29 -63.98 26.71
C PRO D 79 -16.70 -63.46 25.33
N ARG D 80 -16.89 -64.33 24.34
CA ARG D 80 -17.30 -63.88 22.99
C ARG D 80 -18.33 -62.73 22.96
N GLU D 81 -19.38 -62.83 23.78
CA GLU D 81 -20.52 -61.91 23.70
C GLU D 81 -20.23 -60.59 24.39
N VAL D 82 -19.50 -60.67 25.51
CA VAL D 82 -19.13 -59.45 26.23
C VAL D 82 -18.10 -58.64 25.44
N TYR D 83 -17.09 -59.31 24.87
CA TYR D 83 -16.10 -58.62 24.06
C TYR D 83 -16.55 -58.66 22.59
N SER D 84 -17.86 -58.56 22.40
CA SER D 84 -18.47 -58.58 21.07
C SER D 84 -18.49 -57.19 20.44
N PHE D 85 -18.22 -56.17 21.25
CA PHE D 85 -18.26 -54.79 20.78
C PHE D 85 -16.92 -54.32 20.24
N MET D 86 -15.94 -55.22 20.26
CA MET D 86 -14.59 -54.96 19.81
C MET D 86 -14.38 -55.44 18.38
N VAL D 87 -15.40 -56.07 17.82
CA VAL D 87 -15.30 -56.75 16.55
C VAL D 87 -15.00 -55.80 15.41
N PRO D 88 -15.33 -54.53 15.59
CA PRO D 88 -14.96 -53.48 14.67
C PRO D 88 -13.46 -53.18 14.61
N VAL D 89 -12.70 -53.77 15.51
CA VAL D 89 -11.31 -53.45 15.64
C VAL D 89 -10.50 -54.72 15.54
N PHE D 90 -10.77 -55.70 16.40
CA PHE D 90 -10.15 -57.01 16.22
C PHE D 90 -10.41 -57.47 14.79
N GLY D 91 -11.63 -57.25 14.31
CA GLY D 91 -12.02 -57.70 12.99
C GLY D 91 -13.02 -58.84 13.08
N GLU D 92 -13.73 -59.09 12.00
CA GLU D 92 -14.76 -60.12 12.05
C GLU D 92 -14.12 -61.50 12.00
N GLY D 93 -14.64 -62.40 12.83
CA GLY D 93 -14.10 -63.75 12.95
C GLY D 93 -12.65 -63.82 13.43
N VAL D 94 -12.24 -62.86 14.22
CA VAL D 94 -10.91 -62.83 14.77
C VAL D 94 -11.06 -62.73 16.27
N ALA D 95 -10.14 -63.27 17.04
CA ALA D 95 -10.19 -63.13 18.49
C ALA D 95 -11.50 -63.68 19.10
N TYR D 96 -12.26 -62.82 19.79
CA TYR D 96 -13.45 -63.25 20.51
C TYR D 96 -14.62 -63.58 19.58
N ALA D 97 -14.66 -62.90 18.43
CA ALA D 97 -15.64 -63.22 17.41
C ALA D 97 -15.47 -64.64 16.84
N ALA D 98 -14.33 -65.26 17.09
CA ALA D 98 -14.02 -66.53 16.45
C ALA D 98 -14.45 -67.68 17.33
N PRO D 99 -14.64 -68.87 16.74
CA PRO D 99 -14.88 -70.09 17.50
C PRO D 99 -13.76 -70.39 18.49
N TYR D 100 -14.10 -70.99 19.63
CA TYR D 100 -13.17 -71.03 20.75
C TYR D 100 -11.84 -71.69 20.40
N PRO D 101 -11.87 -72.85 19.73
CA PRO D 101 -10.56 -73.42 19.46
C PRO D 101 -9.69 -72.45 18.67
N ARG D 102 -10.28 -71.78 17.68
CA ARG D 102 -9.53 -70.93 16.76
C ARG D 102 -9.05 -69.65 17.50
N MET D 103 -9.91 -69.05 18.32
CA MET D 103 -9.50 -68.01 19.26
C MET D 103 -8.26 -68.43 20.09
N ARG D 104 -8.34 -69.61 20.68
CA ARG D 104 -7.26 -70.08 21.52
C ARG D 104 -5.94 -70.18 20.74
N GLU D 105 -5.98 -70.73 19.53
CA GLU D 105 -4.76 -70.77 18.72
C GLU D 105 -4.28 -69.36 18.44
N GLN D 106 -5.21 -68.46 18.12
CA GLN D 106 -4.87 -67.05 17.86
C GLN D 106 -4.21 -66.41 19.08
N LEU D 107 -4.80 -66.58 20.25
CA LEU D 107 -4.25 -65.92 21.43
C LEU D 107 -2.90 -66.50 21.77
N ASN D 108 -2.80 -67.81 21.71
CA ASN D 108 -1.51 -68.48 21.86
C ASN D 108 -0.40 -67.92 20.97
N PHE D 109 -0.70 -67.68 19.69
CA PHE D 109 0.34 -67.19 18.82
C PHE D 109 0.84 -65.82 19.29
N LEU D 110 -0.06 -64.91 19.57
CA LEU D 110 0.31 -63.61 20.09
C LEU D 110 1.06 -63.75 21.40
N ALA D 111 0.62 -64.64 22.25
CA ALA D 111 1.24 -64.84 23.56
C ALA D 111 2.66 -65.28 23.42
N GLU D 112 2.91 -66.22 22.52
CA GLU D 112 4.26 -66.74 22.24
C GLU D 112 5.19 -65.66 21.77
N GLU D 113 4.61 -64.65 21.14
CA GLU D 113 5.37 -63.54 20.61
C GLU D 113 5.65 -62.48 21.69
N LEU D 114 5.14 -62.67 22.90
CA LEU D 114 5.38 -61.70 23.99
C LEU D 114 5.95 -62.35 25.23
N THR D 115 6.59 -63.50 25.07
CA THR D 115 7.24 -64.13 26.20
C THR D 115 8.60 -63.50 26.35
N ILE D 116 9.13 -63.51 27.58
CA ILE D 116 10.51 -63.07 27.87
C ILE D 116 11.63 -63.52 26.91
N ALA D 117 11.53 -64.71 26.35
CA ALA D 117 12.60 -65.16 25.45
C ALA D 117 12.78 -64.30 24.18
N LYS D 118 11.84 -63.40 23.90
CA LYS D 118 11.93 -62.48 22.76
C LYS D 118 12.42 -61.09 23.14
N PHE D 119 12.62 -60.85 24.43
CA PHE D 119 12.89 -59.49 24.92
C PHE D 119 14.35 -59.05 24.83
N GLN D 120 15.18 -59.73 24.03
CA GLN D 120 16.61 -59.66 24.34
C GLN D 120 17.26 -58.29 24.15
N ASN D 121 16.78 -57.54 23.15
CA ASN D 121 17.21 -56.15 23.01
C ASN D 121 16.13 -55.16 23.39
N PHE D 122 15.04 -55.66 23.98
CA PHE D 122 13.92 -54.76 24.25
C PHE D 122 14.36 -53.59 25.13
N VAL D 123 15.14 -53.85 26.18
CA VAL D 123 15.48 -52.78 27.13
C VAL D 123 16.30 -51.63 26.54
N PRO D 124 17.41 -51.93 25.84
CA PRO D 124 18.10 -50.83 25.16
C PRO D 124 17.19 -50.10 24.19
N ALA D 125 16.49 -50.87 23.36
CA ALA D 125 15.53 -50.27 22.48
C ALA D 125 14.57 -49.39 23.28
N ILE D 126 13.90 -49.95 24.29
CA ILE D 126 12.98 -49.13 25.09
C ILE D 126 13.67 -47.88 25.66
N GLN D 127 14.83 -48.07 26.25
CA GLN D 127 15.47 -47.01 26.98
C GLN D 127 15.87 -45.84 26.07
N HIS D 128 16.32 -46.15 24.86
CA HIS D 128 16.78 -45.14 23.93
C HIS D 128 15.61 -44.23 23.47
N GLU D 129 14.46 -44.83 23.17
CA GLU D 129 13.25 -44.07 22.91
C GLU D 129 12.89 -43.14 24.04
N VAL D 130 13.06 -43.59 25.28
CA VAL D 130 12.66 -42.75 26.40
C VAL D 130 13.63 -41.55 26.49
N ARG D 131 14.94 -41.81 26.41
CA ARG D 131 15.92 -40.72 26.43
C ARG D 131 15.70 -39.74 25.28
N LYS D 132 15.36 -40.27 24.10
CA LYS D 132 15.09 -39.44 22.93
C LYS D 132 13.92 -38.49 23.20
N PHE D 133 12.88 -39.02 23.82
CA PHE D 133 11.72 -38.22 24.15
C PHE D 133 12.08 -37.13 25.15
N MET D 134 12.72 -37.50 26.23
CA MET D 134 13.05 -36.56 27.32
C MET D 134 13.98 -35.45 26.85
N ALA D 135 14.93 -35.82 25.99
CA ALA D 135 15.88 -34.87 25.43
C ALA D 135 15.18 -33.80 24.57
N ALA D 136 14.04 -34.13 23.98
CA ALA D 136 13.32 -33.20 23.11
C ALA D 136 12.36 -32.33 23.87
N ASN D 137 11.52 -32.96 24.68
CA ASN D 137 10.39 -32.28 25.28
C ASN D 137 10.57 -31.91 26.73
N TRP D 138 11.53 -32.54 27.40
CA TRP D 138 11.87 -32.16 28.76
C TRP D 138 13.26 -31.55 28.79
N ASP D 139 13.60 -30.80 27.74
CA ASP D 139 14.97 -30.31 27.55
C ASP D 139 15.30 -29.07 28.36
N LYS D 140 14.33 -28.49 29.05
CA LYS D 140 14.63 -27.32 29.85
C LYS D 140 15.25 -27.75 31.20
N ASP D 141 15.55 -26.79 32.07
CA ASP D 141 16.03 -27.09 33.43
C ASP D 141 14.83 -27.32 34.33
N GLU D 142 13.65 -27.06 33.77
CA GLU D 142 12.40 -27.21 34.50
C GLU D 142 11.30 -26.83 33.49
N GLY D 143 10.19 -27.55 33.50
CA GLY D 143 9.05 -27.22 32.64
C GLY D 143 7.77 -27.93 33.03
N GLU D 144 6.66 -27.56 32.40
CA GLU D 144 5.36 -28.17 32.68
C GLU D 144 4.89 -29.02 31.48
N ILE D 145 4.34 -30.19 31.79
CA ILE D 145 3.98 -31.18 30.79
C ILE D 145 2.73 -31.88 31.30
N ASN D 146 1.99 -32.53 30.41
CA ASN D 146 0.95 -33.39 30.90
C ASN D 146 1.53 -34.79 30.94
N LEU D 147 1.53 -35.37 32.14
CA LEU D 147 2.25 -36.61 32.40
C LEU D 147 1.58 -37.87 31.83
N LEU D 148 0.27 -37.86 31.81
CA LEU D 148 -0.48 -38.93 31.19
C LEU D 148 -0.25 -38.96 29.67
N GLU D 149 -0.41 -37.80 29.03
CA GLU D 149 -0.07 -37.63 27.63
C GLU D 149 1.35 -38.08 27.36
N ASP D 150 2.28 -37.57 28.15
CA ASP D 150 3.66 -37.86 27.88
C ASP D 150 4.04 -39.32 28.06
N CYS D 151 3.46 -39.98 29.06
CA CYS D 151 3.65 -41.41 29.22
C CYS D 151 3.01 -42.17 28.06
N SER D 152 1.82 -41.75 27.65
CA SER D 152 1.13 -42.37 26.53
C SER D 152 2.00 -42.43 25.30
N THR D 153 2.70 -41.34 25.02
CA THR D 153 3.56 -41.25 23.86
C THR D 153 4.79 -42.11 24.00
N MET D 154 5.41 -42.10 25.18
CA MET D 154 6.59 -42.94 25.43
C MET D 154 6.27 -44.42 25.27
N ILE D 155 5.08 -44.81 25.69
CA ILE D 155 4.65 -46.21 25.55
C ILE D 155 4.50 -46.59 24.07
N ILE D 156 3.82 -45.75 23.29
CA ILE D 156 3.56 -46.10 21.88
C ILE D 156 4.88 -46.15 21.09
N ASN D 157 5.75 -45.15 21.29
CA ASN D 157 7.09 -45.21 20.71
C ASN D 157 7.82 -46.47 21.15
N THR D 158 7.94 -46.68 22.46
CA THR D 158 8.76 -47.82 22.93
C THR D 158 8.23 -49.19 22.40
N ALA D 159 6.93 -49.31 22.36
CA ALA D 159 6.31 -50.53 21.88
C ALA D 159 6.69 -50.79 20.44
N CYS D 160 6.56 -49.77 19.61
CA CYS D 160 6.87 -49.90 18.18
C CYS D 160 8.32 -50.22 17.93
N GLN D 161 9.20 -49.77 18.80
CA GLN D 161 10.62 -50.02 18.65
C GLN D 161 10.97 -51.47 19.01
N CYS D 162 10.27 -52.05 19.99
CA CYS D 162 10.51 -53.46 20.36
C CYS D 162 9.84 -54.45 19.40
N LEU D 163 8.60 -54.14 19.01
CA LEU D 163 7.76 -55.10 18.32
C LEU D 163 7.83 -55.05 16.82
N PHE D 164 8.21 -53.90 16.28
CA PHE D 164 8.24 -53.76 14.84
C PHE D 164 9.65 -53.63 14.35
N GLY D 165 9.92 -54.21 13.18
CA GLY D 165 11.20 -54.14 12.53
C GLY D 165 11.33 -52.82 11.84
N GLU D 166 12.51 -52.58 11.28
CA GLU D 166 12.79 -51.27 10.73
C GLU D 166 11.92 -50.99 9.53
N ASP D 167 11.80 -51.96 8.63
CA ASP D 167 11.00 -51.76 7.42
C ASP D 167 9.59 -51.30 7.77
N LEU D 168 9.05 -51.85 8.85
CA LEU D 168 7.69 -51.57 9.28
C LEU D 168 7.57 -50.20 9.97
N ARG D 169 8.63 -49.76 10.63
CA ARG D 169 8.62 -48.48 11.34
C ARG D 169 8.75 -47.30 10.41
N LYS D 170 9.52 -47.48 9.33
CA LYS D 170 9.54 -46.54 8.20
C LYS D 170 8.14 -46.00 7.83
N ARG D 171 7.21 -46.93 7.61
CA ARG D 171 5.93 -46.64 6.95
C ARG D 171 4.84 -46.36 7.99
N LEU D 172 4.66 -47.31 8.89
CA LEU D 172 3.77 -47.14 10.01
C LEU D 172 4.52 -46.65 11.24
N ASP D 173 4.81 -45.36 11.31
CA ASP D 173 5.58 -44.85 12.43
C ASP D 173 4.63 -44.70 13.61
N ALA D 174 5.18 -44.36 14.75
CA ALA D 174 4.41 -44.23 15.95
C ALA D 174 3.29 -43.24 15.83
N ARG D 175 3.56 -42.09 15.25
CA ARG D 175 2.51 -41.10 15.12
C ARG D 175 1.38 -41.60 14.19
N ARG D 176 1.74 -42.23 13.07
CA ARG D 176 0.70 -42.61 12.12
C ARG D 176 -0.20 -43.62 12.78
N PHE D 177 0.45 -44.54 13.47
CA PHE D 177 -0.24 -45.62 14.08
C PHE D 177 -1.17 -45.12 15.17
N ALA D 178 -0.69 -44.19 15.97
CA ALA D 178 -1.52 -43.66 17.02
C ALA D 178 -2.72 -42.94 16.42
N GLN D 179 -2.51 -42.19 15.35
CA GLN D 179 -3.64 -41.51 14.69
C GLN D 179 -4.67 -42.51 14.23
N LEU D 180 -4.20 -43.63 13.70
CA LEU D 180 -5.11 -44.68 13.24
C LEU D 180 -5.78 -45.41 14.39
N LEU D 181 -4.99 -45.78 15.39
CA LEU D 181 -5.58 -46.30 16.60
C LEU D 181 -6.67 -45.35 17.12
N ALA D 182 -6.37 -44.05 17.17
CA ALA D 182 -7.30 -43.07 17.76
C ALA D 182 -8.64 -42.98 17.03
N LYS D 183 -8.60 -42.96 15.70
CA LYS D 183 -9.85 -43.01 14.92
C LYS D 183 -10.63 -44.25 15.29
N MET D 184 -9.97 -45.40 15.26
CA MET D 184 -10.63 -46.66 15.60
C MET D 184 -11.27 -46.67 16.97
N GLU D 185 -10.54 -46.27 18.00
CA GLU D 185 -11.06 -46.42 19.36
C GLU D 185 -12.26 -45.54 19.64
N SER D 186 -12.29 -44.32 19.13
CA SER D 186 -13.40 -43.40 19.41
C SER D 186 -14.74 -43.91 18.87
N SER D 187 -14.72 -44.82 17.89
CA SER D 187 -15.94 -45.42 17.38
C SER D 187 -16.63 -46.29 18.43
N LEU D 188 -15.85 -47.11 19.13
CA LEU D 188 -16.33 -48.11 20.09
C LEU D 188 -17.47 -47.67 21.01
N ILE D 189 -18.42 -48.60 21.24
CA ILE D 189 -19.52 -48.35 22.15
C ILE D 189 -19.45 -49.45 23.22
N PRO D 190 -18.86 -49.13 24.37
CA PRO D 190 -18.82 -50.11 25.47
C PRO D 190 -20.24 -50.57 25.90
N ALA D 191 -21.22 -49.65 25.86
CA ALA D 191 -22.62 -49.92 26.26
C ALA D 191 -23.31 -51.05 25.47
N ALA D 192 -22.77 -51.36 24.30
CA ALA D 192 -23.36 -52.34 23.41
C ALA D 192 -23.25 -53.82 23.86
N VAL D 193 -22.64 -54.08 25.02
CA VAL D 193 -22.66 -55.42 25.60
C VAL D 193 -24.01 -55.69 26.22
N PHE D 194 -24.51 -54.70 26.98
CA PHE D 194 -25.82 -54.77 27.60
C PHE D 194 -26.91 -54.45 26.56
N LEU D 195 -26.70 -53.39 25.79
CA LEU D 195 -27.60 -53.00 24.70
C LEU D 195 -27.00 -53.31 23.32
N PRO D 196 -27.11 -54.58 22.86
CA PRO D 196 -26.41 -54.98 21.63
C PRO D 196 -26.95 -54.36 20.34
N ILE D 197 -28.17 -53.86 20.35
CA ILE D 197 -28.77 -53.22 19.17
C ILE D 197 -27.96 -52.03 18.64
N LEU D 198 -27.07 -51.49 19.47
CA LEU D 198 -26.27 -50.30 19.09
C LEU D 198 -25.20 -50.57 18.01
N LEU D 199 -24.59 -51.76 18.06
CA LEU D 199 -23.67 -52.21 17.03
C LEU D 199 -24.34 -52.31 15.67
N LYS D 200 -25.61 -52.76 15.65
CA LYS D 200 -26.40 -52.83 14.41
C LYS D 200 -26.81 -51.45 13.89
N LEU D 201 -26.46 -50.40 14.61
CA LEU D 201 -26.83 -49.04 14.25
C LEU D 201 -25.73 -48.39 13.42
N PRO D 202 -26.12 -47.65 12.35
CA PRO D 202 -25.15 -47.06 11.43
C PRO D 202 -24.74 -45.68 11.88
N LEU D 203 -23.73 -45.61 12.74
CA LEU D 203 -23.28 -44.36 13.35
C LEU D 203 -21.98 -43.89 12.69
N PRO D 204 -21.92 -42.62 12.29
CA PRO D 204 -20.80 -42.09 11.49
C PRO D 204 -19.40 -42.40 12.03
N GLN D 205 -19.26 -42.41 13.36
CA GLN D 205 -17.98 -42.77 13.98
C GLN D 205 -17.53 -44.18 13.65
N SER D 206 -18.48 -45.09 13.41
CA SER D 206 -18.15 -46.48 13.01
C SER D 206 -17.62 -46.56 11.57
N ALA D 207 -17.86 -45.53 10.76
CA ALA D 207 -17.28 -45.40 9.44
C ALA D 207 -15.80 -45.01 9.51
N ARG D 208 -15.47 -44.07 10.38
CA ARG D 208 -14.06 -43.63 10.54
C ARG D 208 -13.21 -44.81 11.00
N CYS D 209 -13.75 -45.59 11.93
CA CYS D 209 -13.15 -46.85 12.30
C CYS D 209 -12.89 -47.74 11.08
N HIS D 210 -13.89 -47.86 10.21
CA HIS D 210 -13.79 -48.73 9.05
C HIS D 210 -12.66 -48.24 8.14
N GLU D 211 -12.69 -46.95 7.81
CA GLU D 211 -11.62 -46.31 7.03
C GLU D 211 -10.24 -46.54 7.60
N ALA D 212 -10.15 -46.53 8.93
CA ALA D 212 -8.89 -46.63 9.64
C ALA D 212 -8.35 -48.04 9.54
N ARG D 213 -9.21 -48.98 9.86
CA ARG D 213 -8.86 -50.38 9.77
C ARG D 213 -8.39 -50.71 8.34
N THR D 214 -9.09 -50.23 7.31
CA THR D 214 -8.74 -50.71 5.97
C THR D 214 -7.40 -50.12 5.61
N GLU D 215 -7.21 -48.86 5.97
CA GLU D 215 -5.96 -48.19 5.74
C GLU D 215 -4.82 -48.97 6.40
N LEU D 216 -5.00 -49.39 7.65
CA LEU D 216 -4.01 -50.19 8.37
C LEU D 216 -3.61 -51.49 7.67
N GLN D 217 -4.64 -52.24 7.25
CA GLN D 217 -4.48 -53.47 6.49
C GLN D 217 -3.75 -53.22 5.17
N LYS D 218 -4.14 -52.14 4.47
CA LYS D 218 -3.47 -51.69 3.26
C LYS D 218 -1.95 -51.63 3.44
N ILE D 219 -1.52 -50.93 4.48
CA ILE D 219 -0.12 -50.74 4.70
C ILE D 219 0.59 -52.08 4.95
N LEU D 220 0.03 -52.87 5.86
CA LEU D 220 0.66 -54.14 6.24
C LEU D 220 0.86 -55.09 5.08
N SER D 221 -0.15 -55.19 4.23
CA SER D 221 -0.05 -55.94 2.97
C SER D 221 1.22 -55.54 2.22
N GLU D 222 1.41 -54.22 2.05
CA GLU D 222 2.55 -53.67 1.34
C GLU D 222 3.89 -54.03 1.97
N ILE D 223 3.92 -54.00 3.30
CA ILE D 223 5.11 -54.35 4.05
C ILE D 223 5.40 -55.80 3.80
N ILE D 224 4.36 -56.61 3.97
CA ILE D 224 4.51 -58.05 3.90
C ILE D 224 4.99 -58.45 2.53
N ILE D 225 4.26 -58.04 1.50
CA ILE D 225 4.69 -58.27 0.11
C ILE D 225 6.15 -57.86 -0.11
N ALA D 226 6.52 -56.68 0.35
CA ALA D 226 7.90 -56.18 0.19
C ALA D 226 8.89 -57.12 0.86
N ARG D 227 8.63 -57.42 2.12
CA ARG D 227 9.35 -58.44 2.87
C ARG D 227 9.50 -59.75 2.11
N LYS D 228 8.39 -60.26 1.58
CA LYS D 228 8.37 -61.61 1.00
C LYS D 228 9.45 -61.80 -0.05
N ALA D 229 9.44 -60.91 -1.04
CA ALA D 229 10.47 -60.92 -2.07
C ALA D 229 11.85 -60.48 -1.52
N ALA D 230 12.71 -61.44 -1.23
CA ALA D 230 14.10 -61.14 -0.89
C ALA D 230 14.63 -62.21 0.05
N SER D 237 17.38 -62.71 9.19
CA SER D 237 17.93 -63.15 10.47
C SER D 237 17.35 -62.32 11.63
N THR D 238 16.46 -61.38 11.31
CA THR D 238 15.74 -60.63 12.33
C THR D 238 14.26 -60.97 12.25
N SER D 239 13.64 -61.17 13.41
CA SER D 239 12.23 -61.45 13.42
C SER D 239 11.60 -60.46 14.37
N ASP D 240 10.43 -59.93 14.03
CA ASP D 240 9.74 -59.04 14.95
C ASP D 240 8.37 -59.64 15.21
N LEU D 241 7.46 -58.89 15.80
CA LEU D 241 6.17 -59.46 16.07
C LEU D 241 5.50 -59.96 14.79
N LEU D 242 5.57 -59.14 13.75
CA LEU D 242 4.97 -59.51 12.48
C LEU D 242 5.60 -60.72 11.81
N SER D 243 6.91 -60.87 11.85
CA SER D 243 7.48 -62.09 11.24
C SER D 243 6.95 -63.27 12.02
N GLY D 244 6.89 -63.14 13.34
CA GLY D 244 6.40 -64.21 14.19
C GLY D 244 5.00 -64.67 13.87
N LEU D 245 4.08 -63.72 13.73
CA LEU D 245 2.69 -64.07 13.40
C LEU D 245 2.55 -64.72 12.05
N LEU D 246 3.35 -64.28 11.07
CA LEU D 246 3.31 -64.85 9.72
C LEU D 246 3.84 -66.28 9.62
N SER D 247 4.71 -66.67 10.55
CA SER D 247 5.20 -68.04 10.55
C SER D 247 4.28 -69.04 11.30
N ALA D 248 3.19 -68.55 11.89
CA ALA D 248 2.23 -69.41 12.57
C ALA D 248 1.33 -70.21 11.61
N VAL D 249 0.92 -71.37 12.10
CA VAL D 249 0.24 -72.40 11.30
C VAL D 249 -0.78 -73.05 12.20
N TYR D 250 -2.08 -72.93 11.91
CA TYR D 250 -3.08 -73.53 12.78
C TYR D 250 -3.04 -75.05 12.72
N ARG D 251 -3.73 -75.66 13.68
CA ARG D 251 -3.90 -77.10 13.79
C ARG D 251 -4.18 -77.73 12.39
N ASP D 252 -4.90 -76.98 11.55
CA ASP D 252 -5.34 -77.49 10.25
C ASP D 252 -4.36 -77.19 9.14
N GLY D 253 -3.11 -76.92 9.51
CA GLY D 253 -2.05 -76.72 8.54
C GLY D 253 -2.01 -75.45 7.71
N THR D 254 -2.83 -74.45 8.02
CA THR D 254 -2.94 -73.25 7.19
C THR D 254 -2.48 -72.01 7.90
N PRO D 255 -1.88 -71.07 7.15
CA PRO D 255 -1.37 -69.82 7.69
C PRO D 255 -2.45 -68.84 8.10
N MET D 256 -2.10 -67.88 8.95
CA MET D 256 -3.01 -66.81 9.29
C MET D 256 -3.17 -65.95 8.07
N SER D 257 -4.39 -65.53 7.78
CA SER D 257 -4.58 -64.53 6.75
C SER D 257 -4.10 -63.14 7.21
N LEU D 258 -4.05 -62.25 6.22
CA LEU D 258 -3.67 -60.87 6.44
C LEU D 258 -4.53 -60.22 7.51
N HIS D 259 -5.83 -60.32 7.35
CA HIS D 259 -6.74 -59.62 8.25
C HIS D 259 -6.75 -60.18 9.68
N GLU D 260 -6.28 -61.42 9.85
CA GLU D 260 -6.13 -62.00 11.17
C GLU D 260 -4.86 -61.40 11.80
N VAL D 261 -3.77 -61.46 11.05
CA VAL D 261 -2.49 -60.88 11.47
C VAL D 261 -2.68 -59.45 11.92
N CYS D 262 -3.25 -58.66 11.05
CA CYS D 262 -3.48 -57.27 11.32
C CYS D 262 -4.38 -57.11 12.56
N GLY D 263 -5.40 -57.96 12.66
CA GLY D 263 -6.26 -57.98 13.84
C GLY D 263 -5.49 -58.19 15.13
N MET D 264 -4.61 -59.19 15.18
CA MET D 264 -3.83 -59.46 16.39
C MET D 264 -2.93 -58.30 16.73
N ILE D 265 -2.38 -57.64 15.72
CA ILE D 265 -1.39 -56.62 15.96
C ILE D 265 -2.03 -55.39 16.55
N VAL D 266 -3.25 -55.06 16.13
CA VAL D 266 -3.88 -53.89 16.69
C VAL D 266 -4.38 -54.22 18.08
N ALA D 267 -4.99 -55.40 18.24
CA ALA D 267 -5.50 -55.86 19.52
C ALA D 267 -4.40 -55.77 20.56
N ALA D 268 -3.20 -56.20 20.16
CA ALA D 268 -2.01 -56.11 21.00
C ALA D 268 -1.76 -54.69 21.44
N MET D 269 -1.57 -53.76 20.49
CA MET D 269 -1.23 -52.36 20.87
C MET D 269 -2.39 -51.73 21.59
N PHE D 270 -3.57 -52.23 21.33
CA PHE D 270 -4.74 -51.63 21.90
C PHE D 270 -4.71 -51.87 23.39
N ALA D 271 -4.69 -53.15 23.73
CA ALA D 271 -4.71 -53.62 25.12
C ALA D 271 -3.58 -52.98 25.91
N GLY D 272 -2.36 -53.15 25.43
CA GLY D 272 -1.20 -52.66 26.12
C GLY D 272 -1.00 -51.15 26.19
N GLN D 273 -1.74 -50.37 25.42
CA GLN D 273 -1.41 -48.96 25.27
C GLN D 273 -1.81 -48.16 26.50
N HIS D 274 -3.12 -48.08 26.73
CA HIS D 274 -3.66 -47.25 27.81
C HIS D 274 -3.34 -47.80 29.19
N THR D 275 -3.42 -49.12 29.32
CA THR D 275 -3.03 -49.81 30.54
C THR D 275 -1.59 -49.52 31.02
N SER D 276 -0.62 -49.54 30.13
CA SER D 276 0.76 -49.30 30.54
C SER D 276 1.02 -47.83 30.81
N SER D 277 0.34 -46.97 30.07
CA SER D 277 0.52 -45.55 30.21
C SER D 277 -0.04 -45.13 31.52
N ILE D 278 -1.21 -45.64 31.84
CA ILE D 278 -1.88 -45.24 33.06
C ILE D 278 -1.06 -45.71 34.25
N THR D 279 -0.69 -46.98 34.27
CA THR D 279 0.16 -47.51 35.30
C THR D 279 1.46 -46.66 35.46
N THR D 280 2.21 -46.49 34.38
CA THR D 280 3.38 -45.62 34.42
C THR D 280 3.03 -44.29 35.04
N THR D 281 1.90 -43.72 34.67
CA THR D 281 1.55 -42.38 35.12
C THR D 281 1.18 -42.33 36.61
N TRP D 282 0.21 -43.10 37.04
CA TRP D 282 -0.04 -43.27 38.48
C TRP D 282 1.28 -43.47 39.22
N SER D 283 2.03 -44.49 38.82
CA SER D 283 3.26 -44.78 39.50
C SER D 283 4.04 -43.52 39.77
N MET D 284 4.23 -42.69 38.76
CA MET D 284 5.04 -41.48 38.94
C MET D 284 4.29 -40.46 39.80
N LEU D 285 2.99 -40.35 39.61
CA LEU D 285 2.21 -39.37 40.35
C LEU D 285 2.42 -39.60 41.84
N HIS D 286 2.48 -40.87 42.23
CA HIS D 286 2.60 -41.28 43.61
C HIS D 286 3.98 -40.95 44.14
N LEU D 287 4.98 -41.51 43.46
CA LEU D 287 6.35 -41.38 43.90
C LEU D 287 6.79 -39.95 44.02
N MET D 288 6.23 -39.06 43.22
CA MET D 288 6.63 -37.66 43.30
C MET D 288 5.96 -36.93 44.46
N HIS D 289 4.92 -37.52 45.05
CA HIS D 289 4.13 -36.85 46.09
C HIS D 289 4.91 -36.77 47.42
N PRO D 290 4.88 -35.60 48.09
CA PRO D 290 5.69 -35.38 49.30
C PRO D 290 5.51 -36.47 50.38
N ALA D 291 4.31 -36.99 50.52
CA ALA D 291 4.05 -38.10 51.44
C ALA D 291 4.59 -39.49 51.06
N ASN D 292 5.31 -39.64 49.96
CA ASN D 292 5.86 -40.95 49.61
C ASN D 292 7.37 -40.93 49.39
N VAL D 293 8.04 -39.88 49.85
CA VAL D 293 9.50 -39.83 49.83
C VAL D 293 10.15 -41.11 50.32
N LYS D 294 9.70 -41.65 51.44
CA LYS D 294 10.19 -42.94 51.92
C LYS D 294 10.29 -43.97 50.76
N HIS D 295 9.28 -43.99 49.88
CA HIS D 295 9.25 -44.90 48.71
C HIS D 295 10.05 -44.40 47.52
N LEU D 296 10.13 -43.09 47.34
CA LEU D 296 10.97 -42.57 46.27
C LEU D 296 12.41 -42.85 46.58
N GLU D 297 12.80 -42.67 47.84
CA GLU D 297 14.20 -42.91 48.24
C GLU D 297 14.51 -44.38 48.02
N ALA D 298 13.58 -45.25 48.39
CA ALA D 298 13.77 -46.68 48.17
C ALA D 298 13.98 -46.97 46.68
N LEU D 299 13.24 -46.25 45.81
CA LEU D 299 13.40 -46.43 44.37
C LEU D 299 14.76 -45.94 43.89
N ARG D 300 15.10 -44.68 44.13
CA ARG D 300 16.41 -44.20 43.72
C ARG D 300 17.54 -45.06 44.20
N LYS D 301 17.33 -45.72 45.32
CA LYS D 301 18.34 -46.60 45.89
C LYS D 301 18.54 -47.85 45.05
N GLU D 302 17.44 -48.40 44.59
CA GLU D 302 17.49 -49.55 43.70
C GLU D 302 18.11 -49.16 42.37
N ILE D 303 17.69 -47.99 41.91
CA ILE D 303 18.09 -47.41 40.63
C ILE D 303 19.50 -46.89 40.57
N GLU D 304 19.98 -46.27 41.64
CA GLU D 304 21.26 -45.58 41.58
C GLU D 304 22.40 -46.55 41.44
N GLU D 305 22.16 -47.83 41.72
CA GLU D 305 23.18 -48.84 41.59
C GLU D 305 23.54 -49.22 40.14
N PHE D 306 22.62 -49.05 39.19
CA PHE D 306 22.75 -49.60 37.85
C PHE D 306 23.63 -48.82 36.92
N PRO D 307 24.12 -49.50 35.86
CA PRO D 307 24.84 -48.94 34.71
C PRO D 307 24.05 -47.90 33.91
N ALA D 308 24.78 -47.03 33.23
CA ALA D 308 24.17 -46.07 32.30
C ALA D 308 23.27 -46.77 31.26
N GLN D 309 23.82 -47.73 30.53
CA GLN D 309 23.03 -48.53 29.56
C GLN D 309 22.43 -49.74 30.25
N LEU D 310 21.12 -49.68 30.50
CA LEU D 310 20.42 -50.78 31.13
C LEU D 310 20.36 -52.05 30.28
N ASN D 311 20.02 -53.18 30.86
CA ASN D 311 19.93 -54.43 30.11
C ASN D 311 18.77 -55.34 30.59
N TYR D 312 18.55 -56.44 29.87
CA TYR D 312 17.45 -57.36 30.16
C TYR D 312 17.34 -57.74 31.67
N ASN D 313 18.47 -58.13 32.28
CA ASN D 313 18.49 -58.55 33.70
C ASN D 313 18.19 -57.42 34.66
N ASN D 314 18.64 -56.23 34.30
CA ASN D 314 18.54 -55.11 35.18
C ASN D 314 17.10 -54.90 35.50
N VAL D 315 16.26 -54.76 34.48
CA VAL D 315 14.86 -54.40 34.74
C VAL D 315 13.95 -55.59 34.92
N MET D 316 14.12 -56.68 34.20
CA MET D 316 13.26 -57.86 34.46
C MET D 316 13.56 -58.53 35.81
N ASP D 317 14.83 -58.81 36.09
CA ASP D 317 15.18 -59.62 37.25
C ASP D 317 15.56 -58.86 38.52
N GLU D 318 15.93 -57.60 38.41
CA GLU D 318 16.65 -56.93 39.48
C GLU D 318 16.03 -55.60 39.92
N MET D 319 14.75 -55.40 39.65
CA MET D 319 14.07 -54.20 40.06
C MET D 319 12.78 -54.54 40.79
N PRO D 320 12.86 -55.31 41.88
CA PRO D 320 11.64 -55.69 42.59
C PRO D 320 10.86 -54.50 43.17
N PHE D 321 11.55 -53.44 43.60
CA PHE D 321 10.79 -52.31 44.14
C PHE D 321 9.99 -51.53 43.06
N ALA D 322 10.57 -51.34 41.86
CA ALA D 322 9.82 -50.71 40.76
C ALA D 322 8.63 -51.58 40.40
N GLU D 323 8.83 -52.89 40.34
CA GLU D 323 7.73 -53.83 40.13
C GLU D 323 6.67 -53.63 41.19
N ARG D 324 7.05 -53.53 42.44
CA ARG D 324 6.03 -53.34 43.48
C ARG D 324 5.25 -52.03 43.31
N CYS D 325 5.93 -51.00 42.82
CA CYS D 325 5.28 -49.72 42.63
C CYS D 325 4.21 -49.80 41.57
N ALA D 326 4.56 -50.39 40.43
CA ALA D 326 3.61 -50.51 39.34
C ALA D 326 2.44 -51.35 39.78
N ARG D 327 2.72 -52.52 40.34
CA ARG D 327 1.65 -53.44 40.77
C ARG D 327 0.69 -52.81 41.78
N GLU D 328 1.22 -52.11 42.77
CA GLU D 328 0.36 -51.41 43.72
C GLU D 328 -0.47 -50.30 43.03
N SER D 329 0.06 -49.68 42.00
CA SER D 329 -0.73 -48.69 41.29
C SER D 329 -1.95 -49.36 40.63
N ILE D 330 -1.70 -50.49 39.98
CA ILE D 330 -2.77 -51.27 39.38
C ILE D 330 -3.71 -51.77 40.49
N ARG D 331 -3.13 -52.16 41.60
CA ARG D 331 -3.96 -52.60 42.72
C ARG D 331 -4.94 -51.49 43.12
N ARG D 332 -4.40 -50.33 43.46
CA ARG D 332 -5.20 -49.26 44.00
C ARG D 332 -6.19 -48.75 42.96
N ASP D 333 -5.70 -48.54 41.75
CA ASP D 333 -6.55 -47.96 40.71
C ASP D 333 -6.46 -48.80 39.46
N PRO D 334 -7.20 -49.93 39.45
CA PRO D 334 -7.14 -50.78 38.29
C PRO D 334 -7.63 -50.00 37.07
N PRO D 335 -6.94 -50.18 35.94
CA PRO D 335 -7.37 -49.57 34.69
C PRO D 335 -8.65 -50.23 34.16
N LEU D 336 -8.71 -51.56 34.27
CA LEU D 336 -9.92 -52.30 33.96
C LEU D 336 -10.69 -52.58 35.26
N LEU D 337 -11.79 -51.85 35.43
CA LEU D 337 -12.69 -51.96 36.57
C LEU D 337 -13.43 -53.29 36.66
N MET D 338 -13.89 -53.80 35.51
CA MET D 338 -14.81 -54.97 35.47
C MET D 338 -14.43 -56.08 34.45
N LEU D 339 -14.28 -57.31 34.93
CA LEU D 339 -14.11 -58.48 34.06
C LEU D 339 -15.39 -59.32 33.97
N MET D 340 -15.85 -59.59 32.75
CA MET D 340 -17.17 -60.19 32.54
C MET D 340 -17.14 -61.47 31.70
N ARG D 341 -18.15 -62.31 31.88
CA ARG D 341 -18.44 -63.46 31.02
C ARG D 341 -19.96 -63.68 30.90
N LYS D 342 -20.35 -64.64 30.08
CA LYS D 342 -21.75 -65.06 29.98
C LYS D 342 -21.82 -66.46 30.55
N VAL D 343 -22.81 -66.71 31.40
CA VAL D 343 -23.01 -68.08 31.88
C VAL D 343 -23.68 -68.89 30.77
N MET D 344 -23.03 -69.97 30.41
CA MET D 344 -23.59 -70.93 29.46
C MET D 344 -24.28 -72.07 30.20
N ALA D 345 -23.93 -72.26 31.46
CA ALA D 345 -24.50 -73.32 32.29
C ALA D 345 -24.31 -72.95 33.75
N ASP D 346 -25.38 -72.91 34.55
CA ASP D 346 -25.22 -72.49 35.94
C ASP D 346 -24.11 -73.26 36.62
N VAL D 347 -23.43 -72.61 37.56
CA VAL D 347 -22.37 -73.26 38.34
C VAL D 347 -22.33 -72.73 39.78
N LYS D 348 -21.88 -73.59 40.69
CA LYS D 348 -21.83 -73.25 42.13
C LYS D 348 -20.83 -72.10 42.34
N VAL D 349 -21.25 -71.08 43.09
CA VAL D 349 -20.35 -70.01 43.51
C VAL D 349 -20.42 -69.78 45.02
N GLY D 350 -19.52 -70.46 45.74
CA GLY D 350 -19.51 -70.48 47.20
C GLY D 350 -20.60 -71.41 47.72
N SER D 351 -21.74 -70.82 48.07
CA SER D 351 -22.92 -71.58 48.50
C SER D 351 -24.10 -71.41 47.55
N TYR D 352 -24.04 -70.38 46.71
CA TYR D 352 -25.11 -70.05 45.78
C TYR D 352 -24.84 -70.74 44.44
N VAL D 353 -25.87 -70.78 43.59
CA VAL D 353 -25.76 -71.31 42.21
C VAL D 353 -26.10 -70.22 41.19
N VAL D 354 -25.11 -69.84 40.39
CA VAL D 354 -25.29 -68.74 39.45
C VAL D 354 -25.86 -69.29 38.16
N PRO D 355 -27.10 -68.87 37.83
CA PRO D 355 -27.88 -69.43 36.76
C PRO D 355 -27.41 -69.02 35.38
N LYS D 356 -27.45 -69.97 34.46
CA LYS D 356 -27.22 -69.71 33.05
C LYS D 356 -27.98 -68.45 32.58
N GLY D 357 -27.44 -67.77 31.57
CA GLY D 357 -28.04 -66.56 31.04
C GLY D 357 -27.62 -65.31 31.78
N ASP D 358 -27.14 -65.44 33.00
CA ASP D 358 -26.57 -64.30 33.69
C ASP D 358 -25.30 -63.82 33.00
N ILE D 359 -25.03 -62.52 33.09
CA ILE D 359 -23.66 -62.02 32.98
C ILE D 359 -23.06 -62.23 34.36
N ILE D 360 -21.86 -62.78 34.40
CA ILE D 360 -21.14 -62.87 35.66
C ILE D 360 -19.95 -61.94 35.58
N ALA D 361 -19.59 -61.35 36.72
CA ALA D 361 -18.64 -60.25 36.79
C ALA D 361 -17.70 -60.41 37.99
N CYS D 362 -16.46 -59.91 37.86
CA CYS D 362 -15.46 -59.94 38.93
C CYS D 362 -14.68 -58.63 38.89
N SER D 363 -14.98 -57.70 39.79
CA SER D 363 -14.35 -56.38 39.74
C SER D 363 -13.02 -56.32 40.48
N PRO D 364 -11.92 -56.04 39.77
CA PRO D 364 -10.69 -55.74 40.44
C PRO D 364 -10.77 -54.44 41.24
N LEU D 365 -11.61 -53.50 40.85
CA LEU D 365 -11.83 -52.30 41.68
C LEU D 365 -12.46 -52.70 43.01
N LEU D 366 -13.46 -53.56 42.98
CA LEU D 366 -14.10 -53.98 44.22
C LEU D 366 -13.24 -54.94 45.03
N SER D 367 -12.56 -55.87 44.38
CA SER D 367 -11.78 -56.86 45.09
C SER D 367 -10.55 -56.22 45.69
N HIS D 368 -9.97 -55.25 44.98
CA HIS D 368 -8.79 -54.52 45.46
C HIS D 368 -9.16 -53.50 46.55
N HIS D 369 -10.42 -53.47 46.97
CA HIS D 369 -10.81 -52.65 48.10
C HIS D 369 -11.44 -53.43 49.27
N ASP D 370 -11.38 -54.76 49.24
CA ASP D 370 -11.78 -55.55 50.39
C ASP D 370 -10.77 -55.26 51.49
N GLU D 371 -11.29 -54.90 52.66
CA GLU D 371 -10.41 -54.47 53.74
C GLU D 371 -9.69 -55.62 54.42
N GLU D 372 -10.24 -56.81 54.29
N GLU D 372 -10.24 -56.83 54.30
CA GLU D 372 -9.59 -58.02 54.76
CA GLU D 372 -9.56 -58.03 54.79
C GLU D 372 -8.39 -58.33 53.86
C GLU D 372 -8.40 -58.36 53.86
N ALA D 373 -8.59 -58.21 52.56
CA ALA D 373 -7.50 -58.45 51.58
C ALA D 373 -6.43 -57.32 51.53
N PHE D 374 -6.88 -56.08 51.62
CA PHE D 374 -5.98 -54.92 51.50
C PHE D 374 -6.44 -53.80 52.42
N PRO D 375 -6.11 -53.88 53.72
CA PRO D 375 -6.44 -52.81 54.70
C PRO D 375 -5.99 -51.41 54.26
N GLU D 376 -6.71 -50.38 54.74
CA GLU D 376 -6.56 -49.01 54.23
C GLU D 376 -6.39 -48.98 52.69
N PRO D 377 -7.37 -49.51 51.94
CA PRO D 377 -7.21 -49.74 50.49
C PRO D 377 -6.88 -48.51 49.62
N ARG D 378 -7.26 -47.33 50.09
CA ARG D 378 -7.02 -46.08 49.35
C ARG D 378 -5.64 -45.48 49.56
N ARG D 379 -4.79 -46.15 50.33
CA ARG D 379 -3.40 -45.71 50.55
C ARG D 379 -2.45 -46.44 49.63
N TRP D 380 -1.67 -45.68 48.86
CA TRP D 380 -0.72 -46.29 47.95
C TRP D 380 0.50 -46.73 48.74
N ASP D 381 0.69 -48.04 48.86
CA ASP D 381 1.75 -48.63 49.63
C ASP D 381 2.36 -49.82 48.90
N PRO D 382 3.45 -49.58 48.19
CA PRO D 382 4.16 -50.67 47.52
C PRO D 382 4.70 -51.77 48.42
N GLU D 383 4.93 -51.50 49.70
CA GLU D 383 5.49 -52.56 50.59
C GLU D 383 4.46 -53.59 51.01
N ARG D 384 3.18 -53.37 50.70
CA ARG D 384 2.09 -54.23 51.12
C ARG D 384 1.91 -55.53 50.34
N ASP D 385 1.18 -56.49 50.92
CA ASP D 385 0.83 -57.72 50.20
C ASP D 385 -0.63 -58.07 50.37
N GLU D 386 -1.13 -58.90 49.47
CA GLU D 386 -2.48 -59.38 49.57
C GLU D 386 -2.61 -60.29 50.81
N LYS D 387 -3.64 -60.10 51.61
CA LYS D 387 -3.85 -60.97 52.78
C LYS D 387 -4.69 -62.20 52.43
N VAL D 388 -5.26 -62.19 51.22
CA VAL D 388 -6.12 -63.24 50.70
C VAL D 388 -5.51 -63.67 49.37
N GLU D 389 -5.16 -64.95 49.30
CA GLU D 389 -4.47 -65.54 48.15
C GLU D 389 -5.30 -65.23 46.92
N GLY D 390 -4.68 -64.58 45.92
CA GLY D 390 -5.36 -64.31 44.66
C GLY D 390 -6.29 -63.12 44.64
N ALA D 391 -6.29 -62.29 45.70
CA ALA D 391 -7.21 -61.14 45.81
C ALA D 391 -6.88 -60.06 44.80
N PHE D 392 -5.62 -59.97 44.39
CA PHE D 392 -5.21 -59.09 43.32
C PHE D 392 -5.45 -59.82 41.98
N ILE D 393 -6.09 -59.11 41.07
CA ILE D 393 -6.50 -59.60 39.76
C ILE D 393 -6.34 -58.51 38.66
N GLY D 394 -5.46 -57.51 38.85
CA GLY D 394 -5.29 -56.42 37.88
C GLY D 394 -4.84 -56.91 36.49
N PHE D 395 -4.26 -58.12 36.48
CA PHE D 395 -3.82 -58.83 35.27
C PHE D 395 -4.61 -60.12 35.07
N GLY D 396 -5.80 -60.21 35.68
CA GLY D 396 -6.70 -61.33 35.41
C GLY D 396 -6.22 -62.63 35.99
N ALA D 397 -6.73 -63.75 35.50
CA ALA D 397 -6.34 -65.08 36.02
C ALA D 397 -6.88 -66.26 35.21
N GLY D 398 -6.31 -67.41 35.47
CA GLY D 398 -6.76 -68.66 34.88
C GLY D 398 -6.57 -68.74 33.39
N VAL D 399 -7.65 -69.04 32.68
CA VAL D 399 -7.52 -69.38 31.28
C VAL D 399 -7.25 -68.13 30.44
N HIS D 400 -7.79 -66.97 30.86
CA HIS D 400 -7.65 -65.67 30.15
C HIS D 400 -6.81 -64.62 30.89
N LYS D 401 -5.90 -65.09 31.74
CA LYS D 401 -4.82 -64.29 32.32
C LYS D 401 -4.20 -63.36 31.25
N CYS D 402 -3.70 -62.19 31.65
CA CYS D 402 -3.04 -61.26 30.70
C CYS D 402 -1.75 -61.81 30.14
N ILE D 403 -1.65 -61.84 28.81
CA ILE D 403 -0.48 -62.42 28.12
C ILE D 403 0.59 -61.38 27.84
N GLY D 404 0.26 -60.11 28.07
CA GLY D 404 1.22 -59.03 27.85
C GLY D 404 1.75 -58.41 29.14
N GLN D 405 1.45 -59.00 30.27
CA GLN D 405 1.86 -58.46 31.57
C GLN D 405 3.39 -58.29 31.70
N LYS D 406 4.14 -59.31 31.34
CA LYS D 406 5.58 -59.15 31.40
C LYS D 406 6.03 -57.97 30.55
N PHE D 407 5.54 -57.85 29.32
CA PHE D 407 5.99 -56.79 28.42
C PHE D 407 5.53 -55.40 28.80
N GLY D 408 4.33 -55.29 29.34
CA GLY D 408 3.83 -54.01 29.87
C GLY D 408 4.72 -53.55 31.01
N LEU D 409 5.04 -54.46 31.93
CA LEU D 409 5.78 -54.06 33.12
C LEU D 409 7.20 -53.68 32.77
N LEU D 410 7.82 -54.44 31.86
CA LEU D 410 9.14 -54.09 31.32
C LEU D 410 9.20 -52.63 30.80
N GLN D 411 8.15 -52.15 30.17
CA GLN D 411 8.15 -50.82 29.65
C GLN D 411 8.03 -49.88 30.83
N VAL D 412 7.09 -50.15 31.72
CA VAL D 412 6.86 -49.28 32.89
C VAL D 412 8.12 -49.12 33.73
N LYS D 413 8.80 -50.24 33.97
CA LYS D 413 9.96 -50.23 34.85
C LYS D 413 11.12 -49.51 34.25
N THR D 414 11.27 -49.63 32.93
CA THR D 414 12.34 -48.94 32.22
C THR D 414 12.09 -47.45 32.16
N ILE D 415 10.85 -47.05 32.11
CA ILE D 415 10.52 -45.63 32.12
C ILE D 415 10.79 -45.03 33.48
N LEU D 416 10.23 -45.63 34.52
CA LEU D 416 10.50 -45.14 35.88
C LEU D 416 12.01 -45.03 36.09
N ALA D 417 12.75 -46.04 35.67
CA ALA D 417 14.14 -46.05 36.05
C ALA D 417 14.76 -44.90 35.36
N THR D 418 14.53 -44.83 34.06
CA THR D 418 15.14 -43.85 33.21
C THR D 418 14.73 -42.41 33.59
N ALA D 419 13.45 -42.18 33.83
CA ALA D 419 13.00 -40.85 34.15
C ALA D 419 13.54 -40.33 35.49
N PHE D 420 13.51 -41.17 36.52
CA PHE D 420 13.94 -40.72 37.86
C PHE D 420 15.46 -40.70 38.03
N ARG D 421 16.20 -41.40 37.21
CA ARG D 421 17.65 -41.22 37.21
C ARG D 421 17.98 -39.76 36.87
N SER D 422 17.26 -39.19 35.90
CA SER D 422 17.61 -37.89 35.37
C SER D 422 16.76 -36.72 35.91
N TYR D 423 15.60 -36.99 36.49
CA TYR D 423 14.61 -35.92 36.79
C TYR D 423 13.90 -36.06 38.13
N ASP D 424 13.56 -34.91 38.67
CA ASP D 424 12.56 -34.81 39.73
C ASP D 424 11.27 -34.31 39.13
N PHE D 425 10.17 -34.57 39.82
CA PHE D 425 8.87 -34.10 39.37
C PHE D 425 8.18 -33.44 40.51
N GLN D 426 7.17 -32.67 40.18
CA GLN D 426 6.52 -31.89 41.19
C GLN D 426 5.05 -31.79 40.87
N LEU D 427 4.26 -32.27 41.80
CA LEU D 427 2.83 -32.27 41.67
C LEU D 427 2.31 -30.84 41.82
N LEU D 428 1.46 -30.40 40.89
CA LEU D 428 0.93 -29.04 40.90
C LEU D 428 -0.46 -29.02 41.49
N ARG D 429 -0.66 -29.74 42.58
CA ARG D 429 -1.91 -29.75 43.37
C ARG D 429 -1.64 -30.59 44.61
N ASP D 430 -2.51 -30.50 45.60
CA ASP D 430 -2.19 -30.99 46.95
C ASP D 430 -2.25 -32.51 47.13
N GLU D 431 -3.22 -33.15 46.48
CA GLU D 431 -3.32 -34.59 46.52
C GLU D 431 -3.02 -35.23 45.16
N VAL D 432 -2.76 -36.52 45.19
CA VAL D 432 -2.70 -37.34 43.99
C VAL D 432 -4.05 -37.28 43.30
N PRO D 433 -4.07 -37.26 41.96
CA PRO D 433 -5.29 -37.15 41.14
C PRO D 433 -6.38 -38.15 41.44
N ASP D 434 -7.63 -37.75 41.27
CA ASP D 434 -8.75 -38.66 41.46
C ASP D 434 -8.87 -39.44 40.18
N PRO D 435 -9.23 -40.72 40.28
CA PRO D 435 -9.44 -41.46 39.04
C PRO D 435 -10.69 -40.99 38.30
N ASP D 436 -10.65 -41.09 36.97
CA ASP D 436 -11.77 -40.70 36.11
C ASP D 436 -12.48 -41.92 35.58
N TYR D 437 -13.70 -42.16 36.06
CA TYR D 437 -14.40 -43.42 35.78
C TYR D 437 -15.22 -43.42 34.48
N HIS D 438 -15.23 -42.27 33.79
CA HIS D 438 -16.07 -42.11 32.60
C HIS D 438 -15.39 -42.56 31.28
N THR D 439 -14.36 -43.41 31.34
CA THR D 439 -13.72 -43.91 30.11
C THR D 439 -13.54 -45.43 30.11
N MET D 440 -13.39 -45.99 28.92
CA MET D 440 -13.39 -47.42 28.74
C MET D 440 -12.37 -48.01 29.71
N VAL D 441 -11.14 -47.52 29.59
CA VAL D 441 -10.01 -47.87 30.46
C VAL D 441 -9.67 -46.69 31.41
N VAL D 442 -9.64 -47.00 32.71
CA VAL D 442 -9.66 -45.99 33.77
C VAL D 442 -8.30 -45.58 34.30
N GLY D 443 -8.00 -44.30 34.13
CA GLY D 443 -6.76 -43.73 34.60
C GLY D 443 -7.00 -42.50 35.46
N PRO D 444 -5.91 -41.82 35.85
CA PRO D 444 -6.07 -40.59 36.57
C PRO D 444 -6.77 -39.58 35.68
N THR D 445 -7.31 -38.52 36.28
CA THR D 445 -7.95 -37.47 35.53
C THR D 445 -6.92 -36.65 34.72
N ALA D 446 -6.95 -36.82 33.40
CA ALA D 446 -6.08 -36.08 32.46
C ALA D 446 -5.80 -34.60 32.78
N SER D 447 -6.81 -33.86 33.23
CA SER D 447 -6.61 -32.41 33.49
C SER D 447 -5.92 -32.12 34.79
N GLN D 448 -6.03 -33.06 35.74
CA GLN D 448 -5.24 -33.05 36.99
C GLN D 448 -3.83 -33.64 36.85
N CYS D 449 -3.41 -34.01 35.64
CA CYS D 449 -2.16 -34.76 35.45
C CYS D 449 -1.02 -33.88 34.94
N ARG D 450 -1.15 -32.57 35.13
CA ARG D 450 -0.09 -31.63 34.72
C ARG D 450 0.95 -31.53 35.81
N VAL D 451 2.20 -31.34 35.41
CA VAL D 451 3.30 -31.57 36.32
C VAL D 451 4.53 -30.75 35.98
N LYS D 452 5.27 -30.35 37.00
CA LYS D 452 6.53 -29.65 36.85
C LYS D 452 7.67 -30.67 36.87
N TYR D 453 8.46 -30.71 35.80
CA TYR D 453 9.66 -31.52 35.79
C TYR D 453 10.85 -30.66 36.15
N ILE D 454 11.79 -31.28 36.85
CA ILE D 454 13.00 -30.63 37.31
C ILE D 454 14.13 -31.54 36.91
N ARG D 455 15.00 -31.03 36.07
CA ARG D 455 16.13 -31.81 35.64
C ARG D 455 17.00 -31.91 36.87
N ARG D 456 17.78 -32.97 37.02
CA ARG D 456 18.65 -33.09 38.18
C ARG D 456 20.09 -32.72 37.87
N LYS D 457 20.69 -31.86 38.69
CA LYS D 457 22.11 -31.57 38.60
C LYS D 457 22.80 -32.89 38.90
N ALA D 458 22.26 -33.59 39.90
CA ALA D 458 22.75 -34.92 40.29
C ALA D 458 22.46 -35.97 39.23
CHA HEM E . 23.36 43.61 -35.07
CHB HEM E . 19.00 42.62 -36.80
CHC HEM E . 19.38 38.18 -34.82
CHD HEM E . 23.20 39.67 -32.38
C1A HEM E . 22.18 43.67 -35.77
C2A HEM E . 21.78 44.77 -36.54
C3A HEM E . 20.54 44.51 -37.03
C4A HEM E . 20.19 43.26 -36.52
CMA HEM E . 19.71 45.41 -37.91
CAA HEM E . 22.56 46.01 -36.82
CBA HEM E . 22.50 46.92 -35.60
CGA HEM E . 23.08 48.27 -35.92
O1A HEM E . 23.58 48.47 -37.07
O2A HEM E . 23.08 49.15 -35.02
C1B HEM E . 18.72 41.30 -36.43
C2B HEM E . 17.57 40.58 -36.88
C3B HEM E . 17.68 39.34 -36.33
C4B HEM E . 18.94 39.32 -35.54
CMB HEM E . 16.46 41.12 -37.76
CAB HEM E . 16.84 38.16 -36.45
CBB HEM E . 15.89 38.07 -37.34
C1C HEM E . 20.45 38.17 -33.96
C2C HEM E . 20.83 37.12 -33.09
C3C HEM E . 21.93 37.60 -32.40
C4C HEM E . 22.18 38.92 -32.84
CMC HEM E . 20.19 35.75 -32.97
CAC HEM E . 22.74 36.98 -31.37
CBC HEM E . 22.43 35.82 -30.82
C1D HEM E . 23.51 40.86 -32.95
C2D HEM E . 24.72 41.54 -32.55
C3D HEM E . 24.82 42.62 -33.29
C4D HEM E . 23.63 42.61 -34.17
CMD HEM E . 25.72 41.15 -31.50
CAD HEM E . 25.94 43.58 -33.09
CBD HEM E . 26.50 44.23 -34.32
CGD HEM E . 27.69 44.92 -33.77
O1D HEM E . 28.82 44.46 -34.06
O2D HEM E . 27.53 45.95 -33.05
NA HEM E . 21.19 42.76 -35.73
NB HEM E . 19.47 40.53 -35.66
NC HEM E . 21.25 39.26 -33.78
ND HEM E . 22.87 41.53 -33.93
FE HEM E . 21.24 41.05 -34.78
C1 18I F . 20.47 44.10 -32.28
F1 18I F . 10.17 48.44 -20.75
N1 18I F . 20.45 41.98 -33.36
O1 18I F . 16.12 48.18 -28.14
C2 18I F . 21.00 43.15 -33.11
F2 18I F . 14.44 44.61 -26.89
N2 18I F . 18.82 44.92 -30.74
O2 18I F . 17.12 43.91 -29.58
C3 18I F . 19.31 41.77 -32.71
N3 18I F . 16.47 45.96 -28.00
C4 18I F . 18.71 42.70 -31.84
N4 18I F . 21.75 47.12 -29.93
C5 18I F . 19.29 43.92 -31.60
C6 18I F . 17.85 44.86 -29.76
C7 18I F . 17.69 46.01 -28.82
C8 18I F . 15.79 47.09 -27.68
C9 18I F . 14.63 47.05 -26.69
C10 18I F . 14.13 48.20 -26.08
C11 18I F . 13.07 48.13 -25.16
C12 18I F . 12.45 46.91 -24.83
C13 18I F . 11.34 46.81 -23.81
C14 18I F . 10.41 45.76 -23.87
C15 18I F . 9.40 45.63 -22.91
C16 18I F . 9.32 46.54 -21.84
C17 18I F . 10.24 47.57 -21.76
C18 18I F . 11.26 47.70 -22.73
C19 18I F . 12.94 45.72 -25.40
C20 18I F . 13.99 45.75 -26.32
C21 18I F . 18.85 46.06 -27.83
C22 18I F . 20.12 46.23 -28.62
C23 18I F . 20.57 47.38 -29.30
C24 18I F . 22.13 45.83 -29.74
C25 18I F . 23.21 45.05 -30.13
C26 18I F . 23.28 43.73 -29.73
C27 18I F . 22.30 43.14 -28.93
C28 18I F . 21.21 43.86 -28.50
C29 18I F . 21.12 45.18 -28.88
CHA HEM G . -16.88 29.79 -0.09
CHB HEM G . -12.46 28.27 0.70
CHC HEM G . -12.30 26.13 -3.61
CHD HEM G . -16.39 28.36 -4.68
C1A HEM G . -15.72 29.49 0.51
C2A HEM G . -15.42 29.85 1.85
C3A HEM G . -14.18 29.42 2.07
C4A HEM G . -13.71 28.82 0.87
CMA HEM G . -13.42 29.60 3.37
CAA HEM G . -16.30 30.56 2.83
CBA HEM G . -16.43 32.05 2.51
CGA HEM G . -17.13 32.84 3.60
O1A HEM G . -17.69 32.31 4.61
O2A HEM G . -17.18 34.10 3.51
C1B HEM G . -12.01 27.54 -0.41
C2B HEM G . -10.76 26.87 -0.45
C3B HEM G . -10.73 26.25 -1.67
C4B HEM G . -12.00 26.58 -2.33
CMB HEM G . -9.69 26.83 0.64
CAB HEM G . -9.73 25.36 -2.26
CBB HEM G . -8.75 24.85 -1.52
C1C HEM G . -13.39 26.54 -4.29
C2C HEM G . -13.64 26.25 -5.64
C3C HEM G . -14.82 26.92 -5.94
C4C HEM G . -15.26 27.60 -4.78
CMC HEM G . -12.79 25.35 -6.51
CAC HEM G . -15.59 26.88 -7.17
CBC HEM G . -15.33 26.01 -8.14
C1D HEM G . -16.83 28.90 -3.49
C2D HEM G . -18.09 29.63 -3.41
C3D HEM G . -18.24 29.98 -2.13
C4D HEM G . -17.04 29.52 -1.44
CMD HEM G . -19.11 29.88 -4.47
CAD HEM G . -19.36 30.79 -1.56
CBD HEM G . -20.62 30.13 -1.14
CGD HEM G . -21.58 31.24 -0.75
O1D HEM G . -22.70 30.90 -0.25
O2D HEM G . -21.26 32.46 -0.91
NA HEM G . -14.67 28.88 -0.08
NB HEM G . -12.67 27.34 -1.52
NC HEM G . -14.35 27.37 -3.80
ND HEM G . -16.22 28.86 -2.28
FE HEM G . -14.54 28.14 -1.90
C1 18I H . -12.36 31.73 -3.03
N1 18I H . -13.97 30.18 -2.28
C2 18I H . -12.79 30.44 -2.84
N2 18I H . -12.79 34.07 -2.83
O2 18I H . -10.92 33.50 -3.83
C3 18I H . -14.76 31.20 -1.91
N3 18I H . -10.43 35.68 -4.93
C4 18I H . -14.39 32.50 -2.09
N4 18I H . -15.45 36.08 -2.00
C5 18I H . -13.17 32.79 -2.66
C6 18I H . -11.65 34.37 -3.44
C7 18I H . -11.23 35.78 -3.74
C21 18I H . -12.37 36.76 -3.98
C22 18I H . -13.68 36.31 -3.40
C23 18I H . -14.28 36.72 -2.20
C24 18I H . -15.71 35.22 -3.01
C25 18I H . -16.73 34.33 -3.30
C26 18I H . -16.68 33.57 -4.47
C27 18I H . -15.62 33.67 -5.37
C28 18I H . -14.57 34.54 -5.14
C29 18I H . -14.61 35.32 -3.98
CHA HEM I . -4.31 -11.08 6.01
CHB HEM I . -2.27 -14.74 3.73
CHC HEM I . 0.89 -15.17 7.39
CHD HEM I . -1.77 -12.11 9.94
C1A HEM I . -3.99 -11.99 5.07
C2A HEM I . -4.66 -12.09 3.85
C3A HEM I . -4.09 -13.16 3.20
C4A HEM I . -3.08 -13.69 4.04
CMA HEM I . -4.44 -13.64 1.82
CAA HEM I . -5.79 -11.18 3.37
CBA HEM I . -7.12 -11.44 4.13
CGA HEM I . -8.32 -10.86 3.41
O1A HEM I . -8.17 -9.93 2.56
O2A HEM I . -9.47 -11.30 3.69
C1B HEM I . -1.22 -15.17 4.54
C2B HEM I . -0.30 -16.18 4.13
C3B HEM I . 0.60 -16.31 5.15
C4B HEM I . 0.21 -15.34 6.19
CMB HEM I . -0.36 -16.95 2.82
CAB HEM I . 1.80 -17.14 5.26
CBB HEM I . 2.33 -17.74 4.23
C1C HEM I . 0.45 -14.39 8.43
C2C HEM I . 1.00 -14.33 9.73
C3C HEM I . 0.22 -13.45 10.46
C4C HEM I . -0.80 -12.98 9.59
CMC HEM I . 2.21 -15.08 10.20
CAC HEM I . 0.32 -13.03 11.87
CBC HEM I . 1.15 -13.58 12.75
C1D HEM I . -2.66 -11.60 9.03
C2D HEM I . -3.59 -10.58 9.41
C3D HEM I . -4.28 -10.26 8.32
C4D HEM I . -3.76 -11.11 7.28
CMD HEM I . -3.77 -9.96 10.76
CAD HEM I . -5.42 -9.27 8.22
CBD HEM I . -4.97 -7.82 8.22
CGD HEM I . -6.20 -6.96 8.23
O1D HEM I . -6.09 -5.73 8.08
O2D HEM I . -7.35 -7.43 8.41
NA HEM I . -3.04 -12.97 5.19
NB HEM I . -0.85 -14.72 5.73
NC HEM I . -0.63 -13.58 8.39
ND HEM I . -2.77 -11.90 7.74
FE HEM I . -1.85 -13.24 6.76
C1 18I J . -4.33 -16.23 7.65
N1 18I J . -3.04 -14.26 7.21
C2 18I J . -3.11 -15.58 7.40
N2 18I J . -6.75 -16.04 7.97
O2 18I J . -6.12 -18.10 8.69
C3 18I J . -4.19 -13.58 7.26
N3 18I J . -8.47 -19.12 9.02
C4 18I J . -5.42 -14.15 7.49
N4 18I J . -8.73 -13.42 8.88
C5 18I J . -5.53 -15.52 7.70
C6 18I J . -6.99 -17.28 8.46
C7 18I J . -8.41 -17.70 8.77
C21 18I J . -8.97 -16.98 9.99
C22 18I J . -8.72 -15.50 9.80
C23 18I J . -9.21 -14.70 8.77
C24 18I J . -7.93 -13.30 9.96
C25 18I J . -7.22 -12.22 10.53
C26 18I J . -6.47 -12.45 11.69
C27 18I J . -6.41 -13.72 12.28
C28 18I J . -7.10 -14.81 11.74
C29 18I J . -7.87 -14.61 10.61
CHA HEM K . -5.93 -59.81 29.51
CHB HEM K . -4.85 -56.06 32.24
CHC HEM K . -1.05 -55.28 29.41
CHD HEM K . -2.91 -58.23 26.12
C1A HEM K . -5.89 -58.93 30.53
C2A HEM K . -6.78 -58.98 31.61
C3A HEM K . -6.48 -57.91 32.37
C4A HEM K . -5.44 -57.20 31.74
CMA HEM K . -7.15 -57.55 33.68
CAA HEM K . -7.82 -60.05 31.93
CBA HEM K . -9.14 -60.07 31.13
CGA HEM K . -10.04 -61.22 31.60
O1A HEM K . -9.64 -62.19 32.33
O2A HEM K . -11.23 -61.19 31.21
C1B HEM K . -3.68 -55.53 31.74
C2B HEM K . -2.95 -54.49 32.40
C3B HEM K . -1.87 -54.25 31.59
C4B HEM K . -1.97 -55.21 30.47
CMB HEM K . -3.31 -53.79 33.70
CAB HEM K . -0.71 -53.33 31.77
CBB HEM K . -0.42 -52.70 32.90
C1C HEM K . -1.21 -55.99 28.24
C2C HEM K . -0.40 -55.89 27.11
C3C HEM K . -0.95 -56.75 26.17
C4C HEM K . -2.10 -57.33 26.74
CMC HEM K . 0.86 -55.07 26.95
CAC HEM K . -0.49 -57.06 24.81
CBC HEM K . 0.62 -56.55 24.30
C1D HEM K . -3.87 -58.89 26.85
C2D HEM K . -4.60 -60.03 26.26
C3D HEM K . -5.44 -60.46 27.22
C4D HEM K . -5.19 -59.61 28.37
CMD HEM K . -4.43 -60.54 24.85
CAD HEM K . -6.45 -61.59 27.25
CBD HEM K . -6.24 -62.68 26.21
CGD HEM K . -6.93 -63.89 26.76
O1D HEM K . -6.27 -64.85 27.21
O2D HEM K . -8.18 -63.91 26.75
NA HEM K . -5.12 -57.84 30.59
NB HEM K . -3.07 -55.90 30.64
NC HEM K . -2.22 -56.84 28.00
ND HEM K . -4.26 -58.69 28.12
FE HEM K . -3.70 -57.37 29.31
C1 18I L . -6.71 -54.01 27.78
N1 18I L . -5.81 -56.02 28.68
C2 18I L . -5.64 -54.76 28.24
N2 18I L . -9.08 -53.90 27.31
O2 18I L . -8.00 -52.19 26.35
C3 18I L . -7.05 -56.55 28.67
N3 18I L . -10.47 -51.09 25.59
C4 18I L . -8.15 -55.86 28.22
N4 18I L . -11.29 -56.56 25.34
C5 18I L . -7.99 -54.55 27.77
C6 18I L . -9.01 -52.83 26.55
C7 18I L . -10.23 -52.50 25.76
C21 18I L . -9.95 -53.21 24.42
C22 18I L . -10.20 -54.67 24.66
C23 18I L . -11.39 -55.21 25.20
C24 18I L . -10.09 -57.01 24.92
C25 18I L . -9.51 -58.26 24.85
C26 18I L . -8.21 -58.38 24.35
C27 18I L . -7.49 -57.26 23.93
C28 18I L . -8.03 -55.97 23.99
C29 18I L . -9.32 -55.83 24.47
#